data_8TR6
#
_entry.id   8TR6
#
_cell.length_a   1.00
_cell.length_b   1.00
_cell.length_c   1.00
_cell.angle_alpha   90.00
_cell.angle_beta   90.00
_cell.angle_gamma   90.00
#
_symmetry.space_group_name_H-M   'P 1'
#
loop_
_entity.id
_entity.type
_entity.pdbx_description
1 polymer 'P2X purinoceptor 7'
2 non-polymer 3-{[(5R)-5-(2,3-dichlorophenyl)tetrazolidin-1-yl]methyl}pyridine
3 non-polymer "GUANOSINE-5'-DIPHOSPHATE"
4 non-polymer 'ZINC ION'
5 non-polymer 2-acetamido-2-deoxy-beta-D-glucopyranose
6 non-polymer 'PALMITIC ACID'
7 non-polymer 'SODIUM ION'
8 water water
#
_entity_poly.entity_id   1
_entity_poly.type   'polypeptide(L)'
_entity_poly.pdbx_seq_one_letter_code
;MPACCSWNDVFQYETNKVTRIQSVNYGTIKWILHMTVFSYVSFALMSDKLYQRKEPLISSVHTKVKGVAEVTENVTEGGV
TKLVHGIFDTADYTLPLQGNSFFVMTNYLKSEGQEQKLCPEYPSRGKQCHSDQGCIKGWMDPQSKGIQTGRCIPYDQKRK
TCEIFAWCPAEEGKEAPRPALLRSAENFTVLIKNNIDFPGHNYTTRNILPGMNISCTFHKTWNPQCPIFRLGDIFQEIGE
NFTEVAVQGGIMGIEIYWDCNLDSWSHRCQPKYSFRRLDDKYTNESLFPGYNFRYAKYYKENGMEKRTLIKAFGVRFDIL
VFGTGGKFDIIQLVVYIGSTLSYFGLATVCIDLIINTYASTCCRSRVYPSCKCCEPCAVNEYYYRKKCEPIVEPKPTLKY
VSFVDEPHIWMVDQQLLGKSLQDVKGQEVPRPQTDFLELSRLSLSLHHSPPIPGQPEEMQLLQIEAVPRSRDSPDWCQCG
NCLPSQLPENRRALEELCCRRKPGQCITTSELFSKIVLSREALQLLLLYQEPLLALEGEAINSKLRHCAYRSYATWRFVS
QDMADFAILPSCCRWKIRKEFPKTQGQYSGFKYPY
;
_entity_poly.pdbx_strand_id   A,B,C
#
# COMPACT_ATOMS: atom_id res chain seq x y z
N SER A 6 35.82 -3.08 15.38
CA SER A 6 34.78 -2.87 14.38
C SER A 6 33.69 -3.91 14.52
N TRP A 7 34.06 -5.13 14.93
CA TRP A 7 33.07 -6.15 15.16
C TRP A 7 32.21 -5.76 16.35
N ASN A 8 32.83 -5.14 17.35
CA ASN A 8 32.07 -4.67 18.49
C ASN A 8 31.04 -3.68 17.99
N ASP A 9 31.42 -2.88 17.01
CA ASP A 9 30.49 -1.91 16.43
C ASP A 9 29.33 -2.61 15.79
N VAL A 10 29.60 -3.71 15.09
CA VAL A 10 28.52 -4.49 14.50
C VAL A 10 27.64 -5.00 15.61
N PHE A 11 28.26 -5.46 16.67
CA PHE A 11 27.51 -6.00 17.79
C PHE A 11 26.99 -4.89 18.67
N GLN A 12 26.27 -3.93 18.09
CA GLN A 12 25.66 -2.91 18.94
C GLN A 12 24.17 -2.85 18.72
N TYR A 13 23.44 -2.51 19.77
CA TYR A 13 22.00 -2.28 19.70
C TYR A 13 21.68 -0.96 20.39
N GLU A 14 20.93 -0.10 19.69
CA GLU A 14 20.52 1.19 20.22
C GLU A 14 19.07 1.11 20.65
N THR A 15 18.79 1.47 21.90
CA THR A 15 17.44 1.51 22.44
C THR A 15 17.13 2.93 22.91
N ASN A 16 15.91 3.38 22.62
CA ASN A 16 15.52 4.73 22.98
C ASN A 16 15.30 4.86 24.48
N LYS A 17 15.83 5.93 25.05
CA LYS A 17 15.53 6.27 26.43
C LYS A 17 14.09 6.75 26.53
N VAL A 18 13.35 6.25 27.52
CA VAL A 18 11.94 6.54 27.66
C VAL A 18 11.66 6.98 29.09
N THR A 19 10.58 7.76 29.23
CA THR A 19 10.06 8.18 30.53
C THR A 19 8.68 7.57 30.69
N ARG A 20 8.57 6.59 31.58
CA ARG A 20 7.29 5.94 31.87
C ARG A 20 6.48 6.83 32.81
N ILE A 21 5.29 7.22 32.39
CA ILE A 21 4.42 8.09 33.16
C ILE A 21 3.27 7.25 33.71
N GLN A 22 3.13 7.23 35.03
CA GLN A 22 2.02 6.56 35.69
C GLN A 22 0.83 7.51 35.76
N SER A 23 0.25 7.77 34.59
CA SER A 23 -0.87 8.68 34.44
C SER A 23 -2.09 7.89 33.98
N VAL A 24 -3.21 8.09 34.68
CA VAL A 24 -4.44 7.40 34.31
C VAL A 24 -4.98 7.95 32.99
N ASN A 25 -4.99 9.27 32.86
CA ASN A 25 -5.56 9.88 31.65
C ASN A 25 -4.74 9.54 30.41
N TYR A 26 -3.40 9.56 30.52
CA TYR A 26 -2.54 9.30 29.37
C TYR A 26 -2.65 7.85 28.97
N GLY A 27 -2.66 6.96 29.95
CA GLY A 27 -2.85 5.54 29.65
C GLY A 27 -4.19 5.28 28.99
N THR A 28 -5.26 5.92 29.50
CA THR A 28 -6.57 5.78 28.90
C THR A 28 -6.55 6.24 27.45
N ILE A 29 -5.98 7.42 27.20
CA ILE A 29 -5.94 7.96 25.84
C ILE A 29 -5.15 7.03 24.93
N LYS A 30 -4.00 6.55 25.41
CA LYS A 30 -3.16 5.68 24.59
C LYS A 30 -3.91 4.42 24.21
N TRP A 31 -4.54 3.76 25.18
CA TRP A 31 -5.22 2.51 24.90
C TRP A 31 -6.45 2.73 24.03
N ILE A 32 -7.18 3.83 24.25
CA ILE A 32 -8.34 4.11 23.43
C ILE A 32 -7.94 4.35 21.99
N LEU A 33 -6.87 5.14 21.78
CA LEU A 33 -6.42 5.41 20.43
C LEU A 33 -5.89 4.15 19.75
N HIS A 34 -5.15 3.31 20.49
CA HIS A 34 -4.67 2.06 19.92
C HIS A 34 -5.82 1.15 19.54
N MET A 35 -6.84 1.05 20.40
CA MET A 35 -8.00 0.23 20.09
C MET A 35 -8.73 0.77 18.87
N THR A 36 -8.89 2.08 18.77
CA THR A 36 -9.57 2.68 17.63
C THR A 36 -8.82 2.38 16.34
N VAL A 37 -7.49 2.57 16.34
CA VAL A 37 -6.70 2.32 15.15
C VAL A 37 -6.78 0.84 14.77
N PHE A 38 -6.65 -0.05 15.75
CA PHE A 38 -6.70 -1.48 15.47
C PHE A 38 -8.07 -1.88 14.92
N SER A 39 -9.14 -1.35 15.52
CA SER A 39 -10.48 -1.69 15.07
C SER A 39 -10.71 -1.22 13.64
N TYR A 40 -10.31 0.01 13.33
CA TYR A 40 -10.51 0.50 11.97
C TYR A 40 -9.66 -0.29 10.98
N VAL A 41 -8.41 -0.60 11.34
CA VAL A 41 -7.55 -1.35 10.43
C VAL A 41 -8.12 -2.72 10.15
N SER A 42 -8.60 -3.40 11.20
CA SER A 42 -9.20 -4.72 11.02
C SER A 42 -10.48 -4.64 10.20
N PHE A 43 -11.31 -3.62 10.47
CA PHE A 43 -12.55 -3.47 9.72
C PHE A 43 -12.28 -3.23 8.25
N ALA A 44 -11.28 -2.40 7.93
CA ALA A 44 -10.92 -2.18 6.53
C ALA A 44 -10.36 -3.45 5.92
N LEU A 45 -9.57 -4.21 6.67
CA LEU A 45 -8.98 -5.43 6.16
C LEU A 45 -10.05 -6.46 5.79
N MET A 46 -11.04 -6.65 6.67
CA MET A 46 -12.05 -7.67 6.43
C MET A 46 -13.15 -7.19 5.48
N SER A 47 -13.56 -5.93 5.57
CA SER A 47 -14.63 -5.43 4.71
C SER A 47 -14.20 -5.39 3.25
N ASP A 48 -13.00 -4.88 2.99
CA ASP A 48 -12.49 -4.76 1.63
C ASP A 48 -11.66 -5.97 1.21
N LYS A 49 -11.51 -6.97 2.08
CA LYS A 49 -10.75 -8.17 1.77
C LYS A 49 -9.35 -7.82 1.28
N LEU A 50 -8.72 -6.86 1.96
CA LEU A 50 -7.40 -6.40 1.55
C LEU A 50 -6.32 -7.45 1.75
N TYR A 51 -6.61 -8.53 2.48
CA TYR A 51 -5.70 -9.66 2.56
C TYR A 51 -5.77 -10.56 1.33
N GLN A 52 -6.71 -10.31 0.43
CA GLN A 52 -6.92 -11.16 -0.74
C GLN A 52 -6.33 -10.53 -1.99
N ARG A 53 -5.68 -11.36 -2.79
CA ARG A 53 -5.38 -11.01 -4.16
C ARG A 53 -6.66 -11.20 -4.98
N LYS A 54 -7.04 -10.17 -5.73
CA LYS A 54 -8.24 -10.17 -6.54
CA LYS A 54 -8.24 -10.17 -6.54
C LYS A 54 -7.86 -10.29 -8.01
N GLU A 55 -8.54 -11.18 -8.71
CA GLU A 55 -8.29 -11.43 -10.12
C GLU A 55 -9.59 -11.27 -10.91
N PRO A 56 -9.57 -10.55 -12.03
CA PRO A 56 -10.77 -10.49 -12.87
C PRO A 56 -11.06 -11.84 -13.53
N LEU A 57 -12.34 -12.09 -13.77
CA LEU A 57 -12.77 -13.34 -14.37
C LEU A 57 -12.70 -13.28 -15.90
N ILE A 58 -12.63 -14.47 -16.50
CA ILE A 58 -12.83 -14.65 -17.93
C ILE A 58 -14.09 -15.48 -18.10
N SER A 59 -15.01 -15.00 -18.94
CA SER A 59 -16.35 -15.56 -19.03
C SER A 59 -16.65 -16.07 -20.43
N SER A 60 -17.46 -17.12 -20.48
CA SER A 60 -18.04 -17.64 -21.71
C SER A 60 -19.54 -17.78 -21.49
N VAL A 61 -20.31 -17.30 -22.47
CA VAL A 61 -21.77 -17.27 -22.38
C VAL A 61 -22.34 -18.11 -23.51
N HIS A 62 -23.30 -18.98 -23.18
CA HIS A 62 -24.03 -19.77 -24.14
C HIS A 62 -25.52 -19.55 -23.91
N THR A 63 -26.20 -18.97 -24.89
CA THR A 63 -27.60 -18.61 -24.76
C THR A 63 -28.46 -19.52 -25.64
N LYS A 64 -29.63 -19.87 -25.13
CA LYS A 64 -30.60 -20.68 -25.86
C LYS A 64 -31.99 -20.06 -25.67
N VAL A 65 -32.58 -19.59 -26.76
CA VAL A 65 -33.89 -18.96 -26.72
C VAL A 65 -34.95 -19.99 -27.07
N LYS A 66 -35.99 -20.07 -26.24
CA LYS A 66 -37.16 -20.88 -26.50
C LYS A 66 -38.35 -19.96 -26.68
N GLY A 67 -39.20 -20.29 -27.63
CA GLY A 67 -40.39 -19.51 -27.89
C GLY A 67 -40.87 -19.63 -29.32
N VAL A 68 -42.18 -19.51 -29.49
CA VAL A 68 -42.82 -19.60 -30.79
C VAL A 68 -43.81 -18.44 -30.91
N ALA A 69 -43.85 -17.81 -32.08
CA ALA A 69 -44.72 -16.67 -32.32
C ALA A 69 -45.57 -16.92 -33.56
N GLU A 70 -46.75 -16.30 -33.56
CA GLU A 70 -47.69 -16.36 -34.68
C GLU A 70 -47.98 -14.95 -35.17
N VAL A 71 -47.95 -14.76 -36.48
CA VAL A 71 -48.24 -13.48 -37.10
C VAL A 71 -49.31 -13.69 -38.17
N THR A 72 -50.23 -12.75 -38.28
CA THR A 72 -51.26 -12.77 -39.31
C THR A 72 -51.33 -11.38 -39.90
N GLU A 73 -50.90 -11.25 -41.16
CA GLU A 73 -50.78 -9.93 -41.79
C GLU A 73 -51.27 -10.03 -43.23
N ASN A 74 -50.98 -9.00 -44.02
CA ASN A 74 -51.35 -8.97 -45.42
C ASN A 74 -50.15 -8.64 -46.30
N THR A 81 -52.81 -8.28 -52.42
CA THR A 81 -53.13 -8.25 -50.99
C THR A 81 -53.85 -9.52 -50.57
N LYS A 82 -53.13 -10.42 -49.91
CA LYS A 82 -53.68 -11.68 -49.42
C LYS A 82 -53.26 -11.89 -47.98
N LEU A 83 -54.12 -12.56 -47.22
CA LEU A 83 -53.82 -12.83 -45.82
C LEU A 83 -52.71 -13.87 -45.72
N VAL A 84 -51.71 -13.57 -44.91
CA VAL A 84 -50.55 -14.44 -44.70
C VAL A 84 -50.49 -14.80 -43.22
N HIS A 85 -50.48 -16.10 -42.94
CA HIS A 85 -50.40 -16.65 -41.59
C HIS A 85 -49.04 -17.29 -41.43
N GLY A 86 -48.17 -16.66 -40.63
CA GLY A 86 -46.80 -17.09 -40.50
C GLY A 86 -46.46 -17.54 -39.10
N ILE A 87 -45.59 -18.55 -39.07
CA ILE A 87 -45.10 -19.07 -37.75
CA ILE A 87 -45.08 -19.07 -37.76
C ILE A 87 -43.59 -18.70 -37.64
N PHE A 88 -43.21 -18.19 -36.49
CA PHE A 88 -41.83 -17.77 -36.24
C PHE A 88 -41.28 -18.60 -35.10
N ASP A 89 -40.30 -19.45 -35.41
CA ASP A 89 -39.54 -20.18 -34.40
C ASP A 89 -38.15 -19.58 -34.30
N THR A 90 -37.30 -20.19 -33.46
CA THR A 90 -35.99 -19.62 -33.18
C THR A 90 -35.22 -19.30 -34.44
N ALA A 91 -35.25 -20.20 -35.43
CA ALA A 91 -34.53 -19.95 -36.68
C ALA A 91 -35.13 -18.79 -37.48
N ASP A 92 -36.33 -18.33 -37.13
CA ASP A 92 -36.97 -17.22 -37.84
C ASP A 92 -36.75 -15.88 -37.17
N TYR A 93 -36.40 -15.85 -35.88
CA TYR A 93 -36.22 -14.58 -35.17
C TYR A 93 -34.91 -14.50 -34.40
N THR A 94 -34.03 -15.49 -34.52
CA THR A 94 -32.72 -15.46 -33.86
C THR A 94 -31.63 -15.69 -34.89
N LEU A 95 -30.48 -15.07 -34.65
CA LEU A 95 -29.29 -15.28 -35.44
C LEU A 95 -28.45 -16.41 -34.84
N PRO A 96 -27.57 -17.04 -35.62
CA PRO A 96 -26.81 -18.18 -35.09
C PRO A 96 -26.00 -17.85 -33.85
N LEU A 97 -25.55 -16.62 -33.70
CA LEU A 97 -24.76 -16.25 -32.53
C LEU A 97 -25.52 -16.56 -31.24
N GLN A 98 -24.84 -17.19 -30.30
CA GLN A 98 -25.41 -17.54 -29.00
C GLN A 98 -24.45 -17.21 -27.87
N GLY A 99 -23.61 -16.20 -28.05
CA GLY A 99 -22.60 -15.85 -27.07
C GLY A 99 -23.01 -14.73 -26.14
N ASN A 100 -22.14 -13.73 -25.98
CA ASN A 100 -22.39 -12.64 -25.05
C ASN A 100 -23.56 -11.76 -25.48
N SER A 101 -24.03 -11.89 -26.71
CA SER A 101 -25.18 -11.14 -27.19
C SER A 101 -26.05 -12.03 -28.07
N PHE A 102 -27.37 -11.92 -27.87
CA PHE A 102 -28.33 -12.60 -28.72
C PHE A 102 -29.44 -11.63 -29.08
N PHE A 103 -29.91 -11.72 -30.31
CA PHE A 103 -30.94 -10.84 -30.83
C PHE A 103 -32.24 -11.61 -31.00
N VAL A 104 -33.33 -10.98 -30.59
CA VAL A 104 -34.68 -11.52 -30.75
C VAL A 104 -35.47 -10.53 -31.58
N MET A 105 -35.94 -10.98 -32.74
CA MET A 105 -36.78 -10.14 -33.60
C MET A 105 -38.14 -9.95 -32.97
N THR A 106 -38.59 -8.69 -32.93
CA THR A 106 -39.89 -8.33 -32.39
C THR A 106 -40.78 -7.63 -33.40
N ASN A 107 -40.21 -7.14 -34.50
CA ASN A 107 -40.99 -6.46 -35.54
C ASN A 107 -40.18 -6.54 -36.82
N TYR A 108 -40.87 -6.35 -37.95
CA TYR A 108 -40.15 -6.41 -39.21
C TYR A 108 -40.91 -5.66 -40.29
N LEU A 109 -40.16 -5.11 -41.22
CA LEU A 109 -40.68 -4.57 -42.47
C LEU A 109 -40.08 -5.38 -43.60
N LYS A 110 -40.93 -5.91 -44.47
CA LYS A 110 -40.51 -6.79 -45.55
C LYS A 110 -40.75 -6.11 -46.90
N SER A 111 -39.70 -6.06 -47.72
CA SER A 111 -39.75 -5.57 -49.09
C SER A 111 -39.29 -6.71 -49.99
N GLU A 112 -40.24 -7.43 -50.57
CA GLU A 112 -39.93 -8.61 -51.37
C GLU A 112 -39.74 -8.25 -52.83
N GLY A 113 -38.97 -9.07 -53.53
CA GLY A 113 -38.80 -8.93 -54.97
C GLY A 113 -38.12 -7.65 -55.40
N GLN A 114 -37.04 -7.26 -54.74
CA GLN A 114 -36.30 -6.07 -55.14
C GLN A 114 -35.38 -6.38 -56.31
N GLU A 115 -35.28 -5.43 -57.23
CA GLU A 115 -34.38 -5.51 -58.37
C GLU A 115 -33.53 -4.25 -58.40
N GLN A 116 -32.29 -4.39 -58.85
CA GLN A 116 -31.38 -3.24 -58.96
C GLN A 116 -31.78 -2.46 -60.20
N LYS A 117 -32.49 -1.35 -60.00
CA LYS A 117 -33.01 -0.56 -61.11
C LYS A 117 -33.40 0.82 -60.58
N LEU A 118 -34.07 1.60 -61.41
CA LEU A 118 -34.48 2.95 -61.06
C LEU A 118 -35.88 2.92 -60.46
N CYS A 119 -36.10 3.76 -59.45
CA CYS A 119 -37.40 3.83 -58.79
C CYS A 119 -37.47 5.14 -58.01
N PRO A 120 -38.68 5.60 -57.68
CA PRO A 120 -38.82 6.77 -56.80
C PRO A 120 -38.56 6.39 -55.35
N GLU A 121 -37.76 7.20 -54.66
CA GLU A 121 -37.47 6.92 -53.26
C GLU A 121 -38.73 7.04 -52.40
N TYR A 122 -38.74 6.28 -51.31
CA TYR A 122 -39.87 6.32 -50.40
C TYR A 122 -39.99 7.71 -49.77
N PRO A 123 -41.20 8.28 -49.68
CA PRO A 123 -41.37 9.62 -49.09
C PRO A 123 -41.29 9.60 -47.56
N SER A 124 -40.06 9.63 -47.06
CA SER A 124 -39.79 9.56 -45.62
C SER A 124 -39.16 10.86 -45.14
N ARG A 125 -39.53 11.28 -43.93
CA ARG A 125 -38.98 12.49 -43.32
C ARG A 125 -39.16 13.70 -44.23
N GLY A 126 -40.33 13.79 -44.84
CA GLY A 126 -40.62 14.92 -45.73
C GLY A 126 -39.69 14.98 -46.93
N LYS A 127 -39.44 13.84 -47.56
CA LYS A 127 -38.58 13.77 -48.73
C LYS A 127 -39.36 14.00 -50.03
N GLN A 128 -40.50 14.65 -49.96
CA GLN A 128 -41.32 14.89 -51.14
C GLN A 128 -40.57 15.77 -52.15
N CYS A 129 -40.82 15.51 -53.42
CA CYS A 129 -40.22 16.24 -54.53
C CYS A 129 -41.27 17.06 -55.24
N HIS A 130 -40.89 18.29 -55.64
CA HIS A 130 -41.79 19.17 -56.35
C HIS A 130 -41.20 19.57 -57.70
N SER A 131 -39.88 19.59 -57.80
CA SER A 131 -39.20 19.96 -59.03
C SER A 131 -37.88 19.21 -59.13
N ASP A 132 -37.32 19.21 -60.33
CA ASP A 132 -36.06 18.53 -60.58
C ASP A 132 -34.91 19.14 -59.79
N GLN A 133 -35.04 20.40 -59.35
CA GLN A 133 -33.97 21.06 -58.62
C GLN A 133 -33.87 20.61 -57.17
N GLY A 134 -34.83 19.82 -56.68
CA GLY A 134 -34.82 19.36 -55.31
C GLY A 134 -33.89 18.20 -55.01
N CYS A 135 -33.18 17.71 -56.01
CA CYS A 135 -32.26 16.59 -55.85
C CYS A 135 -31.12 16.68 -56.86
N ILE A 136 -29.98 16.06 -56.54
CA ILE A 136 -28.82 16.11 -57.41
C ILE A 136 -28.51 14.76 -58.03
N LYS A 137 -28.14 14.76 -59.30
CA LYS A 137 -27.81 13.51 -59.98
C LYS A 137 -26.49 12.96 -59.49
N GLY A 138 -26.43 11.64 -59.36
CA GLY A 138 -25.20 11.00 -58.91
C GLY A 138 -24.96 11.18 -57.43
N TRP A 139 -25.91 11.79 -56.72
CA TRP A 139 -25.75 11.92 -55.28
C TRP A 139 -26.03 10.59 -54.59
N MET A 140 -25.05 10.06 -53.88
CA MET A 140 -25.23 8.80 -53.19
C MET A 140 -25.93 9.04 -51.88
N ASP A 141 -27.26 8.95 -51.90
CA ASP A 141 -28.03 9.18 -50.69
C ASP A 141 -28.06 7.91 -49.85
N PRO A 142 -27.41 7.95 -48.67
CA PRO A 142 -27.43 6.79 -47.79
C PRO A 142 -28.76 6.66 -47.06
N GLN A 143 -29.53 7.75 -46.99
CA GLN A 143 -30.84 7.69 -46.37
C GLN A 143 -31.79 6.89 -47.25
N SER A 144 -31.82 7.22 -48.53
CA SER A 144 -32.68 6.50 -49.46
C SER A 144 -31.99 5.21 -49.87
N LYS A 145 -30.69 5.12 -49.64
CA LYS A 145 -29.93 3.92 -49.99
C LYS A 145 -29.91 3.71 -51.50
N GLY A 146 -29.79 4.81 -52.24
CA GLY A 146 -29.71 4.76 -53.69
C GLY A 146 -28.94 5.95 -54.20
N ILE A 147 -28.66 5.93 -55.50
CA ILE A 147 -27.97 7.01 -56.19
C ILE A 147 -28.98 7.76 -57.05
N GLN A 148 -29.11 9.05 -56.79
CA GLN A 148 -30.08 9.87 -57.49
C GLN A 148 -29.70 10.03 -58.95
N THR A 149 -30.71 9.98 -59.83
CA THR A 149 -30.53 10.22 -61.25
C THR A 149 -30.67 11.68 -61.63
N GLY A 150 -31.08 12.54 -60.69
CA GLY A 150 -31.24 13.95 -60.95
C GLY A 150 -32.62 14.37 -61.43
N ARG A 151 -33.51 13.41 -61.70
CA ARG A 151 -34.84 13.71 -62.19
C ARG A 151 -35.89 13.48 -61.09
N CYS A 152 -36.99 14.19 -61.21
CA CYS A 152 -38.12 14.08 -60.29
C CYS A 152 -39.23 13.28 -60.96
N ILE A 153 -39.69 12.23 -60.28
CA ILE A 153 -40.70 11.34 -60.85
C ILE A 153 -41.80 11.15 -59.82
N PRO A 154 -43.00 10.76 -60.26
CA PRO A 154 -44.13 10.61 -59.34
C PRO A 154 -44.08 9.29 -58.59
N TYR A 155 -43.92 9.36 -57.27
CA TYR A 155 -44.01 8.16 -56.45
C TYR A 155 -45.43 7.61 -56.44
N ASP A 156 -46.42 8.49 -56.42
CA ASP A 156 -47.83 8.11 -56.45
C ASP A 156 -48.60 9.21 -57.16
N GLN A 157 -49.92 9.22 -57.00
CA GLN A 157 -50.75 10.20 -57.68
C GLN A 157 -50.64 11.58 -57.04
N LYS A 158 -50.46 11.65 -55.72
CA LYS A 158 -50.48 12.91 -55.00
C LYS A 158 -49.09 13.51 -54.77
N ARG A 159 -48.12 12.66 -54.44
CA ARG A 159 -46.78 13.16 -54.12
C ARG A 159 -45.77 12.66 -55.12
N LYS A 160 -44.63 13.35 -55.19
CA LYS A 160 -43.60 12.99 -56.15
C LYS A 160 -42.30 12.77 -55.39
N THR A 161 -41.38 11.99 -55.95
CA THR A 161 -40.08 11.79 -55.32
C THR A 161 -39.05 11.53 -56.41
N CYS A 162 -37.81 11.95 -56.19
CA CYS A 162 -36.81 11.80 -57.24
C CYS A 162 -36.46 10.34 -57.50
N GLU A 163 -35.95 10.09 -58.69
CA GLU A 163 -35.57 8.75 -59.11
C GLU A 163 -34.18 8.42 -58.59
N ILE A 164 -34.02 7.19 -58.11
CA ILE A 164 -32.75 6.69 -57.59
C ILE A 164 -32.51 5.31 -58.18
N PHE A 165 -31.26 5.02 -58.49
CA PHE A 165 -30.85 3.67 -58.85
C PHE A 165 -30.57 2.92 -57.55
N ALA A 166 -31.40 1.94 -57.24
CA ALA A 166 -31.32 1.23 -55.97
C ALA A 166 -32.06 -0.09 -56.11
N TRP A 167 -32.22 -0.77 -54.99
CA TRP A 167 -33.07 -1.96 -54.91
C TRP A 167 -34.52 -1.47 -54.86
N CYS A 168 -35.28 -1.82 -55.89
CA CYS A 168 -36.63 -1.31 -56.08
C CYS A 168 -37.64 -2.45 -56.02
N PRO A 169 -38.83 -2.22 -55.43
CA PRO A 169 -39.33 -0.94 -54.88
C PRO A 169 -38.63 -0.50 -53.61
N ALA A 170 -38.09 0.72 -53.62
CA ALA A 170 -37.44 1.26 -52.44
C ALA A 170 -38.47 1.63 -51.39
N GLU A 171 -38.25 1.19 -50.16
CA GLU A 171 -39.17 1.45 -49.05
C GLU A 171 -38.45 1.94 -47.80
N GLU A 172 -37.20 2.34 -47.92
CA GLU A 172 -36.45 2.80 -46.75
C GLU A 172 -37.11 4.05 -46.18
N GLY A 173 -37.25 4.07 -44.85
CA GLY A 173 -37.92 5.15 -44.15
C GLY A 173 -39.34 4.85 -43.72
N LYS A 174 -39.93 3.76 -44.22
CA LYS A 174 -41.25 3.36 -43.78
C LYS A 174 -41.24 3.07 -42.29
N GLU A 175 -42.33 3.40 -41.60
CA GLU A 175 -42.38 3.20 -40.15
C GLU A 175 -42.54 1.74 -39.75
N ALA A 176 -41.98 1.39 -38.60
CA ALA A 176 -42.14 0.03 -38.10
C ALA A 176 -43.60 -0.24 -37.77
N PRO A 177 -44.05 -1.47 -37.99
CA PRO A 177 -45.45 -1.82 -37.69
C PRO A 177 -45.84 -1.51 -36.25
N ARG A 178 -47.08 -1.12 -36.01
CA ARG A 178 -47.54 -0.87 -34.65
C ARG A 178 -49.00 -1.29 -34.51
N PRO A 179 -49.27 -2.32 -33.69
CA PRO A 179 -48.37 -2.91 -32.69
C PRO A 179 -47.28 -3.77 -33.33
N ALA A 180 -46.25 -4.08 -32.55
CA ALA A 180 -45.17 -4.94 -33.06
C ALA A 180 -45.71 -6.32 -33.41
N LEU A 181 -45.28 -6.83 -34.56
CA LEU A 181 -45.81 -8.10 -35.05
C LEU A 181 -45.43 -9.26 -34.13
N LEU A 182 -44.19 -9.29 -33.66
CA LEU A 182 -43.74 -10.33 -32.75
C LEU A 182 -43.78 -9.84 -31.30
N ARG A 183 -44.98 -9.41 -30.90
CA ARG A 183 -45.21 -9.02 -29.51
C ARG A 183 -45.05 -10.21 -28.58
N SER A 184 -45.54 -11.38 -29.00
CA SER A 184 -45.46 -12.59 -28.19
C SER A 184 -44.05 -12.91 -27.74
N ALA A 185 -43.03 -12.25 -28.31
CA ALA A 185 -41.66 -12.45 -27.85
C ALA A 185 -41.49 -12.11 -26.38
N GLU A 186 -42.38 -11.29 -25.81
CA GLU A 186 -42.32 -11.03 -24.37
C GLU A 186 -42.43 -12.33 -23.58
N ASN A 187 -43.11 -13.33 -24.12
CA ASN A 187 -43.28 -14.61 -23.47
C ASN A 187 -42.13 -15.58 -23.77
N PHE A 188 -41.21 -15.21 -24.66
CA PHE A 188 -40.06 -16.06 -24.92
C PHE A 188 -39.18 -16.15 -23.67
N THR A 189 -38.44 -17.25 -23.58
CA THR A 189 -37.51 -17.45 -22.49
C THR A 189 -36.11 -17.65 -23.06
N VAL A 190 -35.10 -17.30 -22.26
CA VAL A 190 -33.71 -17.50 -22.63
C VAL A 190 -33.00 -18.20 -21.47
N LEU A 191 -32.30 -19.27 -21.78
CA LEU A 191 -31.44 -19.98 -20.85
C LEU A 191 -30.02 -19.49 -21.09
N ILE A 192 -29.40 -18.97 -20.03
CA ILE A 192 -28.05 -18.41 -20.10
C ILE A 192 -27.13 -19.30 -19.29
N LYS A 193 -26.16 -19.92 -19.95
CA LYS A 193 -25.14 -20.71 -19.31
C LYS A 193 -23.86 -19.87 -19.28
N ASN A 194 -23.37 -19.59 -18.09
CA ASN A 194 -22.21 -18.73 -17.90
C ASN A 194 -21.10 -19.52 -17.22
N ASN A 195 -20.01 -19.74 -17.94
CA ASN A 195 -18.82 -20.39 -17.39
C ASN A 195 -17.78 -19.31 -17.12
N ILE A 196 -17.39 -19.18 -15.85
CA ILE A 196 -16.41 -18.18 -15.47
C ILE A 196 -15.18 -18.88 -14.90
N ASP A 197 -14.03 -18.25 -15.11
CA ASP A 197 -12.76 -18.80 -14.68
C ASP A 197 -11.84 -17.70 -14.19
N PHE A 198 -11.12 -18.00 -13.11
CA PHE A 198 -10.02 -17.18 -12.61
C PHE A 198 -8.75 -17.97 -12.85
N PRO A 199 -7.99 -17.69 -13.91
CA PRO A 199 -6.81 -18.52 -14.21
C PRO A 199 -5.69 -18.36 -13.19
N GLY A 200 -5.42 -17.14 -12.74
CA GLY A 200 -4.41 -16.95 -11.71
C GLY A 200 -4.72 -17.74 -10.44
N HIS A 201 -5.98 -17.73 -10.02
CA HIS A 201 -6.42 -18.51 -8.88
C HIS A 201 -6.73 -19.95 -9.24
N ASN A 202 -6.64 -20.31 -10.51
CA ASN A 202 -6.91 -21.67 -10.98
C ASN A 202 -8.25 -22.18 -10.48
N TYR A 203 -9.28 -21.36 -10.67
CA TYR A 203 -10.63 -21.71 -10.27
C TYR A 203 -11.56 -21.54 -11.45
N THR A 204 -12.61 -22.35 -11.51
CA THR A 204 -13.60 -22.23 -12.56
C THR A 204 -14.93 -22.77 -12.05
N THR A 205 -16.01 -22.07 -12.39
CA THR A 205 -17.34 -22.51 -12.03
C THR A 205 -18.30 -22.07 -13.13
N ARG A 206 -19.57 -22.45 -12.98
CA ARG A 206 -20.61 -22.08 -13.91
C ARG A 206 -21.87 -21.73 -13.13
N ASN A 207 -22.77 -21.01 -13.80
CA ASN A 207 -23.97 -20.51 -13.16
C ASN A 207 -25.05 -21.57 -13.00
N ILE A 208 -24.86 -22.77 -13.55
CA ILE A 208 -25.82 -23.86 -13.42
C ILE A 208 -25.11 -25.01 -12.71
N LEU A 209 -25.59 -25.37 -11.55
CA LEU A 209 -25.04 -26.45 -10.74
C LEU A 209 -26.05 -27.58 -10.62
N PRO A 210 -25.59 -28.80 -10.33
CA PRO A 210 -26.52 -29.92 -10.19
C PRO A 210 -27.55 -29.66 -9.11
N GLY A 211 -28.78 -30.10 -9.39
CA GLY A 211 -29.89 -29.95 -8.47
C GLY A 211 -30.84 -28.82 -8.82
N MET A 212 -30.43 -27.89 -9.66
CA MET A 212 -31.31 -26.80 -10.05
C MET A 212 -32.52 -27.33 -10.79
N ASN A 213 -33.69 -26.83 -10.44
CA ASN A 213 -34.92 -27.26 -11.10
C ASN A 213 -34.99 -26.68 -12.51
N ILE A 214 -35.45 -27.51 -13.45
CA ILE A 214 -35.49 -27.10 -14.84
C ILE A 214 -36.76 -26.33 -15.20
N SER A 215 -37.81 -26.46 -14.40
CA SER A 215 -39.03 -25.69 -14.61
C SER A 215 -38.94 -24.29 -14.02
N CYS A 216 -37.81 -23.95 -13.40
CA CYS A 216 -37.64 -22.64 -12.78
C CYS A 216 -37.66 -21.53 -13.83
N THR A 217 -38.13 -20.36 -13.39
CA THR A 217 -38.00 -19.11 -14.13
C THR A 217 -37.45 -18.07 -13.17
N PHE A 218 -36.56 -17.22 -13.68
CA PHE A 218 -35.87 -16.29 -12.80
C PHE A 218 -36.84 -15.31 -12.14
N HIS A 219 -36.57 -15.02 -10.87
CA HIS A 219 -37.25 -13.97 -10.14
C HIS A 219 -36.26 -13.32 -9.19
N LYS A 220 -36.51 -12.05 -8.88
CA LYS A 220 -35.58 -11.31 -8.02
C LYS A 220 -35.44 -11.95 -6.66
N THR A 221 -36.55 -12.39 -6.07
CA THR A 221 -36.56 -12.94 -4.71
C THR A 221 -36.83 -14.43 -4.67
N TRP A 222 -37.81 -14.91 -5.43
CA TRP A 222 -38.18 -16.33 -5.35
C TRP A 222 -37.13 -17.23 -5.99
N ASN A 223 -36.62 -16.86 -7.16
CA ASN A 223 -35.65 -17.67 -7.90
C ASN A 223 -34.51 -16.80 -8.40
N PRO A 224 -33.70 -16.25 -7.49
CA PRO A 224 -32.60 -15.38 -7.93
C PRO A 224 -31.49 -16.12 -8.66
N GLN A 225 -31.39 -17.44 -8.51
CA GLN A 225 -30.33 -18.22 -9.13
C GLN A 225 -30.81 -19.01 -10.35
N CYS A 226 -32.04 -18.80 -10.78
CA CYS A 226 -32.55 -19.50 -11.94
C CYS A 226 -32.06 -18.81 -13.21
N PRO A 227 -31.32 -19.49 -14.09
CA PRO A 227 -30.78 -18.82 -15.27
C PRO A 227 -31.71 -18.83 -16.47
N ILE A 228 -32.98 -19.11 -16.27
CA ILE A 228 -33.99 -19.06 -17.32
C ILE A 228 -34.80 -17.79 -17.11
N PHE A 229 -34.70 -16.87 -18.07
CA PHE A 229 -35.29 -15.54 -17.96
C PHE A 229 -36.37 -15.35 -19.01
N ARG A 230 -37.54 -14.92 -18.58
CA ARG A 230 -38.57 -14.47 -19.50
C ARG A 230 -38.27 -13.03 -19.91
N LEU A 231 -38.28 -12.77 -21.22
CA LEU A 231 -37.88 -11.46 -21.70
C LEU A 231 -38.79 -10.36 -21.16
N GLY A 232 -40.10 -10.60 -21.13
CA GLY A 232 -41.01 -9.63 -20.55
C GLY A 232 -40.72 -9.37 -19.08
N ASP A 233 -40.36 -10.42 -18.34
CA ASP A 233 -39.99 -10.25 -16.93
C ASP A 233 -38.71 -9.41 -16.82
N ILE A 234 -37.77 -9.62 -17.72
CA ILE A 234 -36.55 -8.80 -17.74
C ILE A 234 -36.92 -7.34 -17.90
N PHE A 235 -37.81 -7.04 -18.85
CA PHE A 235 -38.17 -5.65 -19.11
C PHE A 235 -38.90 -5.02 -17.93
N GLN A 236 -39.90 -5.70 -17.38
CA GLN A 236 -40.70 -5.16 -16.28
C GLN A 236 -39.99 -5.17 -14.93
N GLU A 237 -38.90 -5.94 -14.75
CA GLU A 237 -38.14 -5.83 -13.52
C GLU A 237 -37.53 -4.44 -13.36
N ILE A 238 -37.14 -3.80 -14.46
CA ILE A 238 -36.54 -2.48 -14.42
C ILE A 238 -37.49 -1.41 -14.99
N GLY A 239 -38.79 -1.68 -14.96
CA GLY A 239 -39.77 -0.70 -15.39
C GLY A 239 -39.69 -0.35 -16.86
N GLU A 240 -39.45 -1.34 -17.71
CA GLU A 240 -39.43 -1.15 -19.16
C GLU A 240 -40.61 -1.88 -19.78
N ASN A 241 -41.21 -1.26 -20.78
CA ASN A 241 -42.40 -1.79 -21.44
C ASN A 241 -41.97 -2.54 -22.69
N PHE A 242 -42.04 -3.88 -22.64
CA PHE A 242 -41.62 -4.70 -23.77
C PHE A 242 -42.46 -4.43 -25.00
N THR A 243 -43.76 -4.22 -24.82
CA THR A 243 -44.65 -3.98 -25.95
C THR A 243 -44.22 -2.74 -26.73
N GLU A 244 -43.87 -1.67 -26.04
CA GLU A 244 -43.46 -0.44 -26.72
C GLU A 244 -42.08 -0.59 -27.35
N VAL A 245 -41.13 -1.19 -26.63
CA VAL A 245 -39.77 -1.34 -27.16
C VAL A 245 -39.77 -2.27 -28.36
N ALA A 246 -40.71 -3.22 -28.42
CA ALA A 246 -40.76 -4.17 -29.52
C ALA A 246 -41.00 -3.51 -30.87
N VAL A 247 -41.63 -2.34 -30.89
CA VAL A 247 -41.92 -1.67 -32.15
C VAL A 247 -40.64 -1.29 -32.87
N GLN A 248 -39.83 -0.43 -32.24
CA GLN A 248 -38.59 0.05 -32.82
C GLN A 248 -37.37 -0.70 -32.33
N GLY A 249 -37.52 -1.57 -31.33
CA GLY A 249 -36.41 -2.33 -30.81
C GLY A 249 -35.60 -1.58 -29.77
N GLY A 250 -34.58 -2.25 -29.28
CA GLY A 250 -33.71 -1.67 -28.28
C GLY A 250 -32.61 -2.63 -27.90
N ILE A 251 -31.84 -2.23 -26.89
CA ILE A 251 -30.73 -3.03 -26.39
C ILE A 251 -30.92 -3.19 -24.88
N MET A 252 -30.95 -4.44 -24.43
CA MET A 252 -31.06 -4.78 -23.01
C MET A 252 -29.81 -5.52 -22.56
N GLY A 253 -29.26 -5.09 -21.43
CA GLY A 253 -28.10 -5.72 -20.86
C GLY A 253 -28.45 -6.58 -19.66
N ILE A 254 -28.09 -7.85 -19.74
CA ILE A 254 -28.23 -8.79 -18.62
C ILE A 254 -26.87 -8.85 -17.94
N GLU A 255 -26.78 -8.24 -16.76
CA GLU A 255 -25.53 -8.17 -16.03
C GLU A 255 -25.43 -9.35 -15.08
N ILE A 256 -24.34 -10.10 -15.19
CA ILE A 256 -24.05 -11.23 -14.33
C ILE A 256 -22.81 -10.84 -13.52
N TYR A 257 -23.02 -10.51 -12.25
CA TYR A 257 -21.95 -10.09 -11.37
C TYR A 257 -21.48 -11.28 -10.54
N TRP A 258 -20.17 -11.53 -10.56
CA TRP A 258 -19.57 -12.62 -9.80
C TRP A 258 -18.68 -12.02 -8.71
N ASP A 259 -19.24 -11.85 -7.51
CA ASP A 259 -18.46 -11.45 -6.34
C ASP A 259 -18.07 -12.73 -5.63
N CYS A 260 -16.94 -13.30 -6.04
CA CYS A 260 -16.54 -14.64 -5.65
C CYS A 260 -15.42 -14.59 -4.61
N ASN A 261 -15.63 -15.28 -3.50
CA ASN A 261 -14.62 -15.48 -2.47
C ASN A 261 -14.14 -16.92 -2.58
N LEU A 262 -12.87 -17.09 -2.90
CA LEU A 262 -12.30 -18.41 -3.16
C LEU A 262 -11.60 -19.01 -1.95
N ASP A 263 -11.62 -18.35 -0.80
CA ASP A 263 -11.07 -18.94 0.40
C ASP A 263 -11.94 -20.11 0.86
N SER A 264 -11.29 -21.19 1.29
CA SER A 264 -12.03 -22.38 1.68
C SER A 264 -12.97 -22.11 2.85
N TRP A 265 -12.50 -21.34 3.84
CA TRP A 265 -13.32 -21.06 5.01
C TRP A 265 -14.45 -20.08 4.72
N SER A 266 -14.39 -19.36 3.61
CA SER A 266 -15.40 -18.37 3.25
C SER A 266 -15.74 -18.48 1.78
N HIS A 267 -15.80 -19.71 1.26
CA HIS A 267 -16.02 -19.91 -0.17
C HIS A 267 -17.44 -19.50 -0.54
N ARG A 268 -17.56 -18.54 -1.45
CA ARG A 268 -18.87 -18.10 -1.94
C ARG A 268 -18.66 -17.50 -3.32
N CYS A 269 -18.96 -18.27 -4.36
CA CYS A 269 -18.83 -17.84 -5.76
C CYS A 269 -20.16 -18.10 -6.43
N GLN A 270 -21.06 -17.13 -6.35
CA GLN A 270 -22.40 -17.24 -6.89
C GLN A 270 -22.72 -16.02 -7.76
N PRO A 271 -23.41 -16.21 -8.88
CA PRO A 271 -23.76 -15.07 -9.73
C PRO A 271 -24.97 -14.32 -9.22
N LYS A 272 -24.94 -13.01 -9.43
CA LYS A 272 -26.08 -12.14 -9.18
C LYS A 272 -26.52 -11.53 -10.50
N TYR A 273 -27.80 -11.66 -10.82
CA TYR A 273 -28.34 -11.20 -12.08
C TYR A 273 -29.06 -9.87 -11.91
N SER A 274 -28.77 -8.93 -12.81
CA SER A 274 -29.47 -7.66 -12.86
C SER A 274 -29.72 -7.32 -14.33
N PHE A 275 -30.54 -6.31 -14.55
CA PHE A 275 -30.91 -5.90 -15.90
C PHE A 275 -30.79 -4.39 -16.02
N ARG A 276 -30.42 -3.94 -17.21
CA ARG A 276 -30.25 -2.51 -17.47
C ARG A 276 -30.46 -2.22 -18.94
N ARG A 277 -31.33 -1.26 -19.24
CA ARG A 277 -31.49 -0.84 -20.62
C ARG A 277 -30.23 -0.11 -21.09
N LEU A 278 -29.70 -0.53 -22.24
CA LEU A 278 -28.45 0.03 -22.76
C LEU A 278 -28.66 1.05 -23.86
N ASP A 279 -29.77 1.01 -24.58
CA ASP A 279 -30.07 1.99 -25.60
C ASP A 279 -30.82 3.17 -25.00
N ASP A 280 -30.45 4.37 -25.42
CA ASP A 280 -31.08 5.58 -24.89
C ASP A 280 -32.52 5.66 -25.38
N LYS A 281 -33.47 5.69 -24.43
CA LYS A 281 -34.88 5.77 -24.79
C LYS A 281 -35.20 7.03 -25.58
N TYR A 282 -34.49 8.11 -25.30
CA TYR A 282 -34.74 9.42 -25.92
C TYR A 282 -33.72 9.75 -27.00
N THR A 283 -33.28 8.73 -27.74
CA THR A 283 -32.33 8.97 -28.83
C THR A 283 -32.97 9.85 -29.90
N ASN A 284 -32.17 10.75 -30.46
CA ASN A 284 -32.65 11.64 -31.52
C ASN A 284 -33.12 10.83 -32.72
N GLU A 285 -34.17 11.30 -33.37
CA GLU A 285 -34.74 10.57 -34.50
C GLU A 285 -33.72 10.34 -35.59
N SER A 286 -32.78 11.27 -35.77
CA SER A 286 -31.75 11.14 -36.80
C SER A 286 -30.59 10.25 -36.37
N LEU A 287 -30.56 9.83 -35.10
CA LEU A 287 -29.49 8.97 -34.59
C LEU A 287 -29.93 7.51 -34.48
N PHE A 288 -30.86 7.07 -35.33
CA PHE A 288 -31.25 5.65 -35.34
C PHE A 288 -31.76 5.18 -33.99
N PRO A 289 -32.92 5.69 -33.56
CA PRO A 289 -33.50 5.25 -32.29
C PRO A 289 -33.87 3.77 -32.30
N GLY A 290 -33.74 3.11 -31.16
CA GLY A 290 -34.07 1.69 -31.06
C GLY A 290 -32.98 0.80 -31.60
N TYR A 291 -33.35 -0.39 -32.04
CA TYR A 291 -32.40 -1.33 -32.60
C TYR A 291 -33.04 -2.08 -33.75
N ASN A 292 -32.37 -2.05 -34.90
CA ASN A 292 -32.82 -2.79 -36.07
C ASN A 292 -31.66 -2.97 -37.02
N PHE A 293 -31.79 -3.94 -37.90
CA PHE A 293 -30.81 -4.14 -38.96
C PHE A 293 -31.50 -4.62 -40.23
N ARG A 294 -30.87 -4.33 -41.36
CA ARG A 294 -31.39 -4.69 -42.67
C ARG A 294 -30.68 -5.95 -43.13
N TYR A 295 -31.45 -7.01 -43.36
CA TYR A 295 -30.93 -8.29 -43.82
C TYR A 295 -31.48 -8.57 -45.21
N ALA A 296 -30.60 -8.99 -46.11
CA ALA A 296 -30.96 -9.26 -47.50
C ALA A 296 -30.99 -10.76 -47.76
N LYS A 297 -32.10 -11.23 -48.31
CA LYS A 297 -32.25 -12.60 -48.78
C LYS A 297 -32.21 -12.56 -50.30
N TYR A 298 -31.12 -13.05 -50.87
CA TYR A 298 -30.92 -12.99 -52.31
C TYR A 298 -31.40 -14.27 -52.98
N TYR A 299 -31.98 -14.13 -54.16
CA TYR A 299 -32.45 -15.28 -54.93
C TYR A 299 -32.49 -14.87 -56.39
N LYS A 300 -32.94 -15.81 -57.23
CA LYS A 300 -33.07 -15.55 -58.65
C LYS A 300 -34.50 -15.86 -59.06
N GLU A 301 -35.16 -14.91 -59.70
CA GLU A 301 -36.53 -15.12 -60.15
C GLU A 301 -36.69 -14.49 -61.52
N ASN A 302 -37.30 -15.22 -62.44
CA ASN A 302 -37.51 -14.71 -63.80
C ASN A 302 -36.20 -14.35 -64.47
N GLY A 303 -35.15 -15.11 -64.18
CA GLY A 303 -33.86 -14.87 -64.78
C GLY A 303 -33.23 -13.57 -64.30
N MET A 304 -33.70 -13.05 -63.17
CA MET A 304 -33.15 -11.81 -62.62
C MET A 304 -32.73 -12.00 -61.18
N GLU A 305 -31.65 -11.32 -60.79
CA GLU A 305 -31.24 -11.39 -59.41
C GLU A 305 -32.17 -10.53 -58.58
N LYS A 306 -32.92 -11.15 -57.68
CA LYS A 306 -33.84 -10.42 -56.84
C LYS A 306 -33.40 -10.51 -55.38
N ARG A 307 -33.88 -9.54 -54.59
CA ARG A 307 -33.53 -9.44 -53.19
C ARG A 307 -34.77 -9.12 -52.38
N THR A 308 -34.91 -9.81 -51.24
CA THR A 308 -35.94 -9.51 -50.25
C THR A 308 -35.25 -8.86 -49.06
N LEU A 309 -35.61 -7.61 -48.79
CA LEU A 309 -35.01 -6.84 -47.71
C LEU A 309 -35.92 -6.88 -46.49
N ILE A 310 -35.40 -7.40 -45.39
CA ILE A 310 -36.11 -7.43 -44.12
C ILE A 310 -35.42 -6.46 -43.18
N LYS A 311 -36.13 -5.39 -42.82
CA LYS A 311 -35.70 -4.50 -41.76
C LYS A 311 -36.24 -5.11 -40.47
N ALA A 312 -35.37 -5.79 -39.74
CA ALA A 312 -35.73 -6.49 -38.53
C ALA A 312 -35.47 -5.59 -37.33
N PHE A 313 -36.53 -5.24 -36.61
CA PHE A 313 -36.46 -4.53 -35.35
C PHE A 313 -36.57 -5.55 -34.22
N GLY A 314 -35.72 -5.40 -33.22
CA GLY A 314 -35.81 -6.30 -32.08
C GLY A 314 -34.93 -5.84 -30.96
N VAL A 315 -34.90 -6.66 -29.91
CA VAL A 315 -34.11 -6.39 -28.73
C VAL A 315 -32.84 -7.20 -28.82
N ARG A 316 -31.71 -6.51 -28.82
CA ARG A 316 -30.42 -7.17 -28.69
C ARG A 316 -30.09 -7.26 -27.21
N PHE A 317 -29.99 -8.49 -26.71
CA PHE A 317 -29.71 -8.74 -25.30
C PHE A 317 -28.20 -8.92 -25.15
N ASP A 318 -27.56 -8.01 -24.43
CA ASP A 318 -26.13 -8.09 -24.18
C ASP A 318 -25.86 -8.65 -22.79
N ILE A 319 -25.27 -9.82 -22.72
CA ILE A 319 -24.96 -10.41 -21.43
C ILE A 319 -23.64 -9.86 -20.95
N LEU A 320 -23.68 -9.02 -19.92
CA LEU A 320 -22.47 -8.40 -19.39
C LEU A 320 -22.00 -9.16 -18.17
N VAL A 321 -20.92 -9.93 -18.33
CA VAL A 321 -20.41 -10.74 -17.23
C VAL A 321 -19.16 -10.06 -16.69
N PHE A 322 -19.16 -9.80 -15.38
CA PHE A 322 -18.06 -9.14 -14.72
C PHE A 322 -17.99 -9.62 -13.28
N GLY A 323 -16.83 -9.42 -12.68
CA GLY A 323 -16.63 -9.78 -11.29
C GLY A 323 -15.17 -10.06 -11.01
N THR A 324 -14.89 -10.31 -9.75
CA THR A 324 -13.54 -10.56 -9.27
C THR A 324 -13.54 -11.76 -8.34
N GLY A 325 -12.45 -12.51 -8.39
CA GLY A 325 -12.22 -13.61 -7.49
C GLY A 325 -11.11 -13.28 -6.52
N GLY A 326 -11.41 -13.34 -5.22
CA GLY A 326 -10.46 -12.99 -4.19
C GLY A 326 -10.00 -14.22 -3.44
N LYS A 327 -8.68 -14.37 -3.32
CA LYS A 327 -8.08 -15.47 -2.59
C LYS A 327 -6.97 -14.95 -1.70
N PHE A 328 -6.87 -15.50 -0.49
CA PHE A 328 -5.88 -15.02 0.46
C PHE A 328 -4.48 -15.06 -0.14
N ASP A 329 -3.78 -13.94 0.01
CA ASP A 329 -2.39 -13.81 -0.44
C ASP A 329 -1.59 -13.19 0.68
N ILE A 330 -0.51 -13.86 1.09
CA ILE A 330 0.28 -13.40 2.22
C ILE A 330 0.94 -12.06 1.92
N ILE A 331 1.39 -11.87 0.67
CA ILE A 331 2.07 -10.63 0.32
C ILE A 331 1.13 -9.44 0.46
N GLN A 332 -0.12 -9.59 0.00
CA GLN A 332 -1.07 -8.49 0.12
C GLN A 332 -1.34 -8.14 1.58
N LEU A 333 -1.52 -9.17 2.42
CA LEU A 333 -1.75 -8.92 3.84
C LEU A 333 -0.55 -8.22 4.47
N VAL A 334 0.66 -8.67 4.13
CA VAL A 334 1.87 -8.07 4.69
C VAL A 334 1.97 -6.62 4.26
N VAL A 335 1.69 -6.33 2.99
CA VAL A 335 1.76 -4.95 2.50
C VAL A 335 0.74 -4.08 3.23
N TYR A 336 -0.49 -4.58 3.39
CA TYR A 336 -1.52 -3.79 4.08
C TYR A 336 -1.14 -3.54 5.54
N ILE A 337 -0.64 -4.57 6.23
CA ILE A 337 -0.25 -4.41 7.61
C ILE A 337 0.88 -3.41 7.73
N GLY A 338 1.87 -3.49 6.83
CA GLY A 338 2.94 -2.51 6.85
C GLY A 338 2.44 -1.10 6.60
N SER A 339 1.48 -0.95 5.69
CA SER A 339 0.92 0.36 5.41
C SER A 339 0.20 0.91 6.63
N THR A 340 -0.47 0.07 7.39
CA THR A 340 -1.23 0.51 8.55
C THR A 340 -0.43 0.58 9.84
N LEU A 341 0.79 0.05 9.86
CA LEU A 341 1.57 0.01 11.10
C LEU A 341 1.83 1.42 11.64
N SER A 342 2.17 2.37 10.76
CA SER A 342 2.51 3.71 11.21
C SER A 342 1.35 4.39 11.93
N TYR A 343 0.11 3.96 11.69
CA TYR A 343 -1.03 4.59 12.35
C TYR A 343 -1.07 4.31 13.84
N PHE A 344 -0.36 3.29 14.31
CA PHE A 344 -0.33 2.98 15.73
C PHE A 344 0.51 3.98 16.52
N GLY A 345 1.25 4.86 15.86
CA GLY A 345 1.93 5.95 16.51
C GLY A 345 1.07 7.15 16.78
N LEU A 346 -0.23 7.05 16.48
CA LEU A 346 -1.15 8.16 16.71
C LEU A 346 -1.24 8.50 18.18
N ALA A 347 -1.29 7.49 19.04
CA ALA A 347 -1.36 7.76 20.48
C ALA A 347 -0.14 8.50 20.95
N THR A 348 1.05 8.07 20.52
CA THR A 348 2.27 8.75 20.89
C THR A 348 2.27 10.19 20.39
N VAL A 349 1.89 10.39 19.13
CA VAL A 349 1.88 11.72 18.55
C VAL A 349 0.95 12.63 19.36
N CYS A 350 -0.26 12.14 19.63
CA CYS A 350 -1.26 12.97 20.32
C CYS A 350 -0.82 13.31 21.74
N ILE A 351 -0.37 12.31 22.49
CA ILE A 351 0.00 12.55 23.89
C ILE A 351 1.24 13.44 23.97
N ASP A 352 2.22 13.21 23.08
CA ASP A 352 3.40 14.06 23.06
C ASP A 352 3.05 15.49 22.70
N LEU A 353 2.12 15.68 21.76
CA LEU A 353 1.68 17.03 21.42
C LEU A 353 0.99 17.68 22.62
N ILE A 354 0.18 16.92 23.34
CA ILE A 354 -0.48 17.47 24.53
C ILE A 354 0.56 17.91 25.54
N ILE A 355 1.57 17.07 25.79
CA ILE A 355 2.62 17.42 26.75
C ILE A 355 3.39 18.65 26.29
N ASN A 356 3.73 18.69 24.99
CA ASN A 356 4.44 19.82 24.41
C ASN A 356 3.66 21.13 24.57
N THR A 357 2.37 21.13 24.24
CA THR A 357 1.61 22.38 24.24
C THR A 357 1.20 22.81 25.65
N TYR A 358 0.85 21.87 26.52
CA TYR A 358 0.39 22.24 27.86
C TYR A 358 1.53 22.61 28.79
N ALA A 359 2.77 22.30 28.43
CA ALA A 359 3.92 22.66 29.24
C ALA A 359 4.30 24.12 29.01
N SER A 360 3.83 24.70 27.91
CA SER A 360 4.10 26.10 27.58
C SER A 360 3.61 27.04 28.77
N THR A 361 4.34 28.11 29.03
CA THR A 361 3.99 29.03 30.10
C THR A 361 2.75 29.84 29.76
N CYS A 362 2.46 29.94 28.46
CA CYS A 362 1.32 30.66 27.98
C CYS A 362 -0.03 30.17 28.49
N CYS A 363 -0.07 28.89 28.82
CA CYS A 363 -1.28 28.27 29.32
C CYS A 363 -1.58 28.60 30.77
N ARG A 364 -0.50 28.85 31.52
CA ARG A 364 -0.60 29.16 32.93
C ARG A 364 -1.06 30.60 33.15
N SER A 365 -0.57 31.50 32.29
CA SER A 365 -0.88 32.92 32.45
C SER A 365 -2.29 33.26 31.97
N ARG A 366 -2.75 32.62 30.90
CA ARG A 366 -4.02 32.98 30.27
C ARG A 366 -5.08 31.89 30.36
N VAL A 367 -4.77 30.67 29.89
CA VAL A 367 -5.80 29.65 29.79
C VAL A 367 -6.26 29.19 31.16
N TYR A 368 -5.31 28.88 32.05
CA TYR A 368 -5.68 28.31 33.34
C TYR A 368 -6.53 29.26 34.17
N PRO A 369 -6.18 30.54 34.34
CA PRO A 369 -7.07 31.43 35.10
C PRO A 369 -8.47 31.51 34.51
N SER A 370 -8.59 31.53 33.19
CA SER A 370 -9.90 31.59 32.56
C SER A 370 -10.64 30.27 32.70
N CYS A 371 -9.95 29.16 32.45
CA CYS A 371 -10.54 27.82 32.52
C CYS A 371 -9.86 27.07 33.67
N LYS A 372 -10.57 26.93 34.79
CA LYS A 372 -10.05 26.20 35.93
C LYS A 372 -10.08 24.69 35.72
N CYS A 373 -10.83 24.21 34.73
CA CYS A 373 -10.91 22.78 34.46
C CYS A 373 -9.62 22.27 33.82
N CYS A 374 -8.96 23.12 33.04
CA CYS A 374 -7.72 22.77 32.40
C CYS A 374 -6.49 23.11 33.22
N GLU A 375 -6.73 23.39 34.49
CA GLU A 375 -5.67 23.77 35.42
C GLU A 375 -4.79 22.59 35.87
N PRO A 376 -5.41 21.46 36.23
CA PRO A 376 -4.58 20.34 36.71
C PRO A 376 -3.73 19.71 35.61
N CYS A 377 -3.82 20.25 34.41
CA CYS A 377 -3.00 19.79 33.32
C CYS A 377 -1.64 20.48 33.27
N ALA A 378 -1.34 21.17 34.36
CA ALA A 378 -0.06 21.86 34.53
C ALA A 378 1.05 20.85 34.78
N VAL A 379 0.67 19.62 35.13
CA VAL A 379 1.65 18.56 35.31
C VAL A 379 2.41 18.27 34.03
N ASN A 380 1.91 18.76 32.89
CA ASN A 380 2.60 18.55 31.62
C ASN A 380 3.94 19.26 31.59
N GLU A 381 4.16 20.29 32.41
CA GLU A 381 5.47 20.93 32.48
C GLU A 381 6.51 19.98 33.07
N TYR A 382 6.14 19.30 34.16
CA TYR A 382 7.03 18.31 34.76
C TYR A 382 7.34 17.20 33.77
N TYR A 383 6.32 16.73 33.04
CA TYR A 383 6.55 15.75 31.99
C TYR A 383 7.48 16.31 30.91
N TYR A 384 7.28 17.56 30.53
CA TYR A 384 8.11 18.08 29.47
C TYR A 384 9.58 18.15 29.91
N ARG A 385 9.83 18.54 31.16
CA ARG A 385 11.20 18.65 31.64
C ARG A 385 11.82 17.27 31.91
N LYS A 386 11.01 16.27 32.21
CA LYS A 386 11.54 14.92 32.36
C LYS A 386 11.71 14.21 31.03
N LYS A 387 11.14 14.75 29.95
CA LYS A 387 11.24 14.15 28.62
C LYS A 387 12.28 14.81 27.73
N CYS A 388 12.43 16.13 27.80
CA CYS A 388 13.23 16.87 26.85
C CYS A 388 14.38 17.60 27.54
N GLU A 389 15.55 17.59 26.91
CA GLU A 389 16.71 18.36 27.37
C GLU A 389 17.10 19.37 26.29
N PRO A 390 16.76 20.65 26.42
CA PRO A 390 17.15 21.62 25.39
C PRO A 390 18.64 21.89 25.43
N ILE A 391 19.24 21.95 24.23
CA ILE A 391 20.64 22.30 24.06
C ILE A 391 20.76 23.21 22.85
N VAL A 392 21.69 24.16 22.93
CA VAL A 392 21.92 25.11 21.85
C VAL A 392 23.23 24.75 21.16
N GLU A 393 23.36 25.21 19.93
CA GLU A 393 24.55 24.93 19.15
C GLU A 393 25.75 25.60 19.81
N PRO A 394 26.84 24.87 20.08
CA PRO A 394 28.04 25.50 20.69
C PRO A 394 28.89 26.23 19.65
N LYS A 395 28.36 27.34 19.17
CA LYS A 395 29.05 28.13 18.16
C LYS A 395 30.07 29.07 18.80
N PRO A 396 31.03 29.57 18.02
CA PRO A 396 32.07 30.45 18.59
C PRO A 396 31.51 31.68 19.28
N THR A 397 30.38 32.23 18.80
CA THR A 397 29.80 33.41 19.41
C THR A 397 29.01 33.11 20.68
N LEU A 398 28.84 31.83 21.02
CA LEU A 398 28.03 31.47 22.19
C LEU A 398 28.74 31.94 23.47
N LYS A 399 28.03 32.75 24.26
CA LYS A 399 28.53 33.21 25.54
C LYS A 399 27.40 33.20 26.55
N TYR A 400 27.76 32.97 27.80
CA TYR A 400 26.80 32.99 28.91
C TYR A 400 27.32 33.93 29.98
N VAL A 401 26.45 34.80 30.48
CA VAL A 401 26.80 35.78 31.49
C VAL A 401 25.75 35.73 32.59
N SER A 402 26.21 35.82 33.84
CA SER A 402 25.35 35.82 35.01
C SER A 402 25.64 37.07 35.83
N PHE A 403 24.58 37.79 36.22
CA PHE A 403 24.68 38.97 37.06
C PHE A 403 24.07 38.65 38.41
N VAL A 404 24.82 38.94 39.48
CA VAL A 404 24.34 38.65 40.82
C VAL A 404 23.04 39.37 41.10
N ASP A 405 22.85 40.56 40.52
CA ASP A 405 21.59 41.27 40.67
C ASP A 405 20.43 40.49 40.06
N GLU A 406 20.61 40.04 38.82
CA GLU A 406 19.55 39.31 38.14
C GLU A 406 19.48 37.87 38.64
N PRO A 407 18.29 37.26 38.60
CA PRO A 407 18.14 35.88 39.08
C PRO A 407 18.36 34.80 38.03
N HIS A 408 18.51 35.19 36.77
CA HIS A 408 18.75 34.24 35.69
C HIS A 408 20.06 34.49 34.97
N ILE A 409 20.37 33.64 34.00
CA ILE A 409 21.58 33.80 33.20
C ILE A 409 21.20 34.39 31.86
N TRP A 410 22.16 35.01 31.18
CA TRP A 410 21.89 35.61 29.87
C TRP A 410 22.75 35.00 28.80
N MET A 411 22.15 34.67 27.65
CA MET A 411 22.91 34.13 26.54
C MET A 411 23.17 35.23 25.52
N VAL A 412 24.44 35.36 25.12
CA VAL A 412 24.86 36.32 24.11
C VAL A 412 25.45 35.49 22.97
N ASP A 413 24.68 35.36 21.90
CA ASP A 413 25.09 34.57 20.74
C ASP A 413 25.51 35.44 19.56
N GLN A 414 25.52 36.76 19.72
CA GLN A 414 25.87 37.68 18.66
C GLN A 414 27.34 38.10 18.77
N GLN A 415 27.92 38.45 17.62
CA GLN A 415 29.31 38.87 17.60
C GLN A 415 29.51 40.15 18.41
N LEU A 416 30.65 40.23 19.10
CA LEU A 416 31.00 41.40 19.89
C LEU A 416 31.74 42.37 18.98
N LEU A 417 30.97 43.25 18.32
CA LEU A 417 31.54 44.23 17.40
C LEU A 417 31.97 45.48 18.15
N GLY A 418 32.97 45.31 19.02
CA GLY A 418 33.51 46.41 19.80
C GLY A 418 32.69 46.71 21.04
N LYS A 419 31.38 46.56 20.96
CA LYS A 419 30.53 46.85 22.10
C LYS A 419 30.87 45.92 23.26
N SER A 420 30.97 46.49 24.46
CA SER A 420 31.31 45.71 25.64
C SER A 420 30.25 44.64 25.89
N LEU A 421 30.71 43.47 26.35
CA LEU A 421 29.79 42.38 26.63
C LEU A 421 28.74 42.77 27.66
N GLN A 422 29.06 43.72 28.53
CA GLN A 422 28.08 44.18 29.51
C GLN A 422 26.88 44.83 28.85
N ASP A 423 27.11 45.59 27.77
CA ASP A 423 26.05 46.33 27.12
C ASP A 423 25.19 45.48 26.19
N VAL A 424 25.65 44.29 25.83
CA VAL A 424 24.88 43.40 24.96
C VAL A 424 23.78 42.76 25.79
N LYS A 425 22.54 42.81 25.27
CA LYS A 425 21.40 42.31 26.02
C LYS A 425 21.33 40.78 25.99
N GLY A 426 21.21 40.21 24.81
CA GLY A 426 21.07 38.77 24.69
C GLY A 426 19.67 38.32 25.07
N GLN A 427 19.53 37.00 25.20
CA GLN A 427 18.27 36.37 25.58
C GLN A 427 18.45 35.66 26.92
N GLU A 428 17.52 35.91 27.84
CA GLU A 428 17.60 35.33 29.17
C GLU A 428 17.25 33.85 29.12
N VAL A 429 17.92 33.07 29.97
CA VAL A 429 17.65 31.63 30.08
C VAL A 429 17.59 31.24 31.54
N PRO A 430 16.80 30.22 31.87
CA PRO A 430 16.67 29.83 33.28
C PRO A 430 17.94 29.21 33.83
N ARG A 431 18.08 29.32 35.15
CA ARG A 431 19.22 28.74 35.85
C ARG A 431 18.87 27.35 36.35
N PRO A 432 19.69 26.35 35.99
CA PRO A 432 19.45 24.98 36.45
C PRO A 432 19.53 24.90 37.94
N GLN A 433 18.88 23.91 38.54
CA GLN A 433 18.97 23.72 39.97
C GLN A 433 20.21 22.91 40.31
N THR A 434 21.17 23.53 40.98
CA THR A 434 22.35 22.79 41.40
C THR A 434 21.82 21.64 42.23
N ASP A 435 22.20 20.42 41.87
CA ASP A 435 21.66 19.26 42.56
C ASP A 435 21.68 19.46 44.06
N PHE A 436 20.51 19.54 44.67
CA PHE A 436 20.44 19.70 46.11
C PHE A 436 21.10 18.49 46.74
N LEU A 437 20.93 17.34 46.12
CA LEU A 437 21.51 16.11 46.65
C LEU A 437 23.02 16.26 46.84
N GLU A 438 23.71 16.76 45.82
CA GLU A 438 25.14 17.00 45.94
C GLU A 438 25.43 18.22 46.81
N LEU A 439 24.51 19.18 46.85
CA LEU A 439 24.66 20.40 47.63
C LEU A 439 24.15 20.26 49.06
N SER A 440 23.60 19.09 49.43
CA SER A 440 23.11 18.89 50.79
C SER A 440 24.25 18.80 51.80
N ARG A 441 25.49 18.72 51.35
CA ARG A 441 26.62 18.61 52.27
C ARG A 441 26.81 19.93 53.03
N LEU A 442 27.84 19.96 53.87
CA LEU A 442 28.15 21.13 54.67
C LEU A 442 28.33 22.36 53.78
N ASP A 472 40.85 54.19 38.51
CA ASP A 472 39.43 54.46 38.25
C ASP A 472 38.75 53.22 37.68
N SER A 473 37.56 52.92 38.21
CA SER A 473 36.82 51.75 37.73
C SER A 473 36.30 52.00 36.32
N PRO A 474 36.17 50.94 35.51
CA PRO A 474 35.62 51.12 34.17
C PRO A 474 34.18 51.63 34.21
N ASP A 475 33.80 52.36 33.16
CA ASP A 475 32.45 52.91 33.11
C ASP A 475 31.39 51.81 33.14
N TRP A 476 31.62 50.73 32.39
CA TRP A 476 30.66 49.64 32.37
C TRP A 476 30.60 48.90 33.70
N CYS A 477 31.63 49.01 34.53
CA CYS A 477 31.63 48.33 35.82
C CYS A 477 30.65 48.99 36.79
N GLN A 478 30.14 48.18 37.72
CA GLN A 478 29.20 48.64 38.73
C GLN A 478 29.54 48.08 40.11
N CYS A 479 30.75 47.54 40.29
CA CYS A 479 31.16 46.95 41.55
C CYS A 479 32.42 47.57 42.12
N GLY A 480 33.19 48.30 41.31
CA GLY A 480 34.39 48.97 41.79
C GLY A 480 35.62 48.11 41.86
N ASN A 481 35.54 46.83 41.47
CA ASN A 481 36.69 45.94 41.50
C ASN A 481 37.13 45.48 40.12
N CYS A 482 36.35 45.74 39.08
CA CYS A 482 36.73 45.36 37.73
C CYS A 482 37.87 46.24 37.22
N LEU A 483 38.67 45.68 36.33
CA LEU A 483 39.82 46.36 35.74
C LEU A 483 39.78 46.23 34.24
N PRO A 484 40.41 47.16 33.51
CA PRO A 484 40.43 47.05 32.05
C PRO A 484 41.09 45.77 31.59
N SER A 485 40.58 45.23 30.49
CA SER A 485 41.13 43.98 29.95
C SER A 485 42.50 44.20 29.34
N GLN A 486 43.36 43.20 29.48
CA GLN A 486 44.69 43.22 28.89
C GLN A 486 44.72 42.60 27.51
N LEU A 487 43.58 42.14 26.99
CA LEU A 487 43.54 41.53 25.67
C LEU A 487 43.69 42.59 24.59
N PRO A 488 43.98 42.18 23.36
CA PRO A 488 43.98 43.14 22.25
C PRO A 488 42.62 43.79 22.09
N GLU A 489 42.64 45.06 21.67
CA GLU A 489 41.40 45.84 21.59
C GLU A 489 40.33 45.12 20.78
N ASN A 490 40.72 44.50 19.67
CA ASN A 490 39.73 43.89 18.78
C ASN A 490 38.82 42.93 19.52
N ARG A 491 39.36 42.21 20.51
CA ARG A 491 38.57 41.27 21.30
C ARG A 491 38.54 41.65 22.78
N ARG A 492 38.72 42.93 23.10
CA ARG A 492 38.70 43.37 24.49
C ARG A 492 37.28 43.41 25.06
N ALA A 493 36.26 43.49 24.21
CA ALA A 493 34.89 43.58 24.69
C ALA A 493 34.44 42.32 25.42
N LEU A 494 35.08 41.18 25.15
CA LEU A 494 34.69 39.94 25.81
C LEU A 494 34.90 40.03 27.33
N GLU A 495 36.03 40.58 27.75
CA GLU A 495 36.36 40.69 29.16
C GLU A 495 35.80 41.94 29.82
N GLU A 496 35.11 42.80 29.07
CA GLU A 496 34.51 44.01 29.63
C GLU A 496 33.14 43.65 30.20
N LEU A 497 33.18 42.86 31.27
CA LEU A 497 31.98 42.36 31.93
C LEU A 497 32.13 42.51 33.43
N CYS A 498 31.05 42.93 34.07
CA CYS A 498 31.00 43.11 35.52
C CYS A 498 30.10 42.06 36.15
N CYS A 499 30.29 41.86 37.46
CA CYS A 499 29.53 40.87 38.21
C CYS A 499 28.07 41.27 38.41
N ARG A 500 27.70 42.52 38.13
CA ARG A 500 26.34 42.98 38.36
C ARG A 500 25.97 43.99 37.30
N ARG A 501 24.66 44.16 37.11
CA ARG A 501 24.13 45.11 36.14
C ARG A 501 23.85 46.48 36.73
N LYS A 502 23.73 46.57 38.05
CA LYS A 502 23.46 47.82 38.75
C LYS A 502 24.48 47.98 39.85
N PRO A 503 24.73 49.23 40.30
CA PRO A 503 25.76 49.44 41.32
C PRO A 503 25.44 48.72 42.62
N GLY A 504 26.48 48.19 43.25
CA GLY A 504 26.31 47.46 44.49
C GLY A 504 27.61 46.77 44.88
N GLN A 505 27.50 45.90 45.87
CA GLN A 505 28.67 45.19 46.37
C GLN A 505 29.12 44.13 45.39
N CYS A 506 30.45 43.99 45.26
CA CYS A 506 31.00 43.00 44.36
C CYS A 506 30.76 41.59 44.90
N ILE A 507 30.54 40.65 43.98
CA ILE A 507 30.34 39.26 44.37
C ILE A 507 31.60 38.70 45.01
N THR A 508 32.76 39.24 44.65
CA THR A 508 34.02 38.76 45.23
C THR A 508 34.06 39.00 46.74
N THR A 509 33.35 40.02 47.22
CA THR A 509 33.37 40.33 48.65
C THR A 509 32.76 39.21 49.49
N SER A 510 31.89 38.39 48.91
CA SER A 510 31.28 37.29 49.64
C SER A 510 32.33 36.27 50.04
N GLU A 511 32.23 35.77 51.27
CA GLU A 511 33.18 34.76 51.75
C GLU A 511 33.06 33.47 50.94
N LEU A 512 31.85 33.16 50.46
CA LEU A 512 31.67 31.94 49.67
C LEU A 512 32.48 32.00 48.39
N PHE A 513 32.70 33.20 47.84
CA PHE A 513 33.55 33.34 46.67
C PHE A 513 34.96 32.87 46.98
N SER A 514 35.51 33.29 48.12
CA SER A 514 36.83 32.84 48.52
C SER A 514 36.86 31.35 48.80
N LYS A 515 35.81 30.84 49.45
CA LYS A 515 35.76 29.41 49.77
C LYS A 515 35.74 28.56 48.50
N ILE A 516 34.95 28.96 47.51
CA ILE A 516 34.80 28.15 46.30
C ILE A 516 35.90 28.46 45.30
N VAL A 517 36.25 29.72 45.12
CA VAL A 517 37.15 30.15 44.06
C VAL A 517 38.56 30.34 44.56
N LEU A 518 38.75 31.25 45.52
CA LEU A 518 40.09 31.62 45.96
C LEU A 518 40.71 30.61 46.91
N SER A 519 39.95 29.69 47.47
CA SER A 519 40.49 28.72 48.42
C SER A 519 41.49 27.82 47.72
N ARG A 520 42.78 28.03 48.00
CA ARG A 520 43.81 27.20 47.38
C ARG A 520 43.67 25.74 47.80
N GLU A 521 43.27 25.50 49.05
CA GLU A 521 43.12 24.13 49.53
C GLU A 521 42.05 23.39 48.73
N ALA A 522 40.91 24.02 48.48
CA ALA A 522 39.84 23.38 47.74
C ALA A 522 40.27 23.06 46.31
N LEU A 523 40.92 24.02 45.65
CA LEU A 523 41.36 23.79 44.28
C LEU A 523 42.40 22.68 44.23
N GLN A 524 43.31 22.65 45.21
CA GLN A 524 44.30 21.58 45.26
C GLN A 524 43.64 20.24 45.48
N LEU A 525 42.62 20.18 46.34
CA LEU A 525 41.89 18.94 46.55
C LEU A 525 41.24 18.48 45.25
N LEU A 526 40.63 19.41 44.52
CA LEU A 526 40.02 19.05 43.24
C LEU A 526 41.06 18.53 42.25
N LEU A 527 42.21 19.20 42.17
CA LEU A 527 43.27 18.76 41.28
C LEU A 527 43.75 17.36 41.65
N LEU A 528 43.92 17.10 42.95
CA LEU A 528 44.33 15.77 43.39
C LEU A 528 43.27 14.73 43.05
N TYR A 529 42.01 15.09 43.21
CA TYR A 529 40.93 14.16 42.89
C TYR A 529 41.10 13.68 41.46
N GLN A 530 41.34 14.60 40.54
CA GLN A 530 41.55 14.22 39.16
C GLN A 530 42.93 13.62 38.97
N GLU A 531 43.95 14.26 39.55
CA GLU A 531 45.32 13.79 39.42
C GLU A 531 45.89 13.53 40.80
N PRO A 532 45.73 12.30 41.31
CA PRO A 532 46.16 12.04 42.70
C PRO A 532 47.62 12.36 42.97
N LEU A 533 48.51 12.11 42.01
CA LEU A 533 49.94 12.30 42.20
C LEU A 533 50.44 13.61 41.62
N LEU A 534 49.55 14.56 41.38
CA LEU A 534 49.97 15.86 40.85
C LEU A 534 50.96 16.51 41.81
N ALA A 535 52.04 17.06 41.24
CA ALA A 535 53.05 17.75 42.04
C ALA A 535 52.60 19.18 42.29
N LEU A 536 52.37 19.50 43.56
CA LEU A 536 51.88 20.83 43.94
C LEU A 536 53.04 21.83 44.05
N GLU A 537 53.70 22.04 42.92
CA GLU A 537 54.82 22.97 42.86
C GLU A 537 55.02 23.39 41.41
N GLY A 538 55.73 24.50 41.24
CA GLY A 538 56.05 25.02 39.93
C GLY A 538 55.00 25.98 39.40
N GLU A 539 55.38 26.69 38.33
CA GLU A 539 54.46 27.65 37.71
C GLU A 539 53.26 26.95 37.10
N ALA A 540 53.39 25.66 36.79
CA ALA A 540 52.31 24.91 36.20
C ALA A 540 51.11 24.76 37.13
N ILE A 541 51.34 24.42 38.39
CA ILE A 541 50.22 24.20 39.29
C ILE A 541 49.41 25.49 39.43
N ASN A 542 50.09 26.63 39.34
CA ASN A 542 49.40 27.90 39.50
C ASN A 542 48.43 28.13 38.35
N SER A 543 48.84 27.74 37.15
CA SER A 543 47.95 27.87 36.00
C SER A 543 46.83 26.86 36.15
N LYS A 544 47.15 25.66 36.61
CA LYS A 544 46.11 24.67 36.88
C LYS A 544 45.11 25.19 37.90
N LEU A 545 45.60 25.83 38.97
CA LEU A 545 44.72 26.39 39.98
C LEU A 545 43.87 27.52 39.41
N ARG A 546 44.45 28.35 38.55
CA ARG A 546 43.69 29.44 37.94
C ARG A 546 42.55 28.88 37.08
N HIS A 547 42.86 27.87 36.26
CA HIS A 547 41.82 27.26 35.43
C HIS A 547 40.76 26.58 36.28
N CYS A 548 41.18 25.92 37.36
CA CYS A 548 40.22 25.27 38.25
C CYS A 548 39.32 26.30 38.92
N ALA A 549 39.88 27.45 39.30
CA ALA A 549 39.07 28.52 39.87
C ALA A 549 38.07 29.05 38.86
N TYR A 550 38.51 29.23 37.61
CA TYR A 550 37.57 29.64 36.57
C TYR A 550 36.42 28.64 36.43
N ARG A 551 36.76 27.36 36.36
CA ARG A 551 35.72 26.33 36.25
C ARG A 551 34.80 26.35 37.45
N SER A 552 35.37 26.52 38.65
CA SER A 552 34.56 26.50 39.87
C SER A 552 33.58 27.65 39.88
N TYR A 553 34.03 28.86 39.54
CA TYR A 553 33.12 29.99 39.48
C TYR A 553 32.04 29.77 38.42
N ALA A 554 32.44 29.28 37.24
CA ALA A 554 31.46 29.06 36.18
C ALA A 554 30.42 28.04 36.59
N THR A 555 30.84 26.94 37.21
CA THR A 555 29.90 25.92 37.64
C THR A 555 29.00 26.44 38.75
N TRP A 556 29.56 27.20 39.70
CA TRP A 556 28.77 27.73 40.79
C TRP A 556 27.70 28.70 40.30
N ARG A 557 28.04 29.58 39.36
CA ARG A 557 27.11 30.60 38.91
C ARG A 557 26.28 30.19 37.70
N PHE A 558 26.64 29.09 37.04
CA PHE A 558 25.89 28.61 35.87
C PHE A 558 25.38 27.19 36.04
N VAL A 559 25.89 26.47 37.03
CA VAL A 559 25.43 25.10 37.33
C VAL A 559 25.73 24.09 36.22
N SER A 560 25.04 24.20 35.10
CA SER A 560 25.26 23.28 33.99
C SER A 560 26.65 23.47 33.38
N GLN A 561 27.26 22.37 32.95
CA GLN A 561 28.56 22.46 32.29
C GLN A 561 28.36 22.94 30.86
N ASP A 562 27.15 22.82 30.35
CA ASP A 562 26.82 23.33 29.03
C ASP A 562 26.98 24.84 29.02
N MET A 563 26.44 25.51 30.04
CA MET A 563 26.58 26.96 30.15
C MET A 563 27.95 27.34 30.70
N ALA A 564 28.46 26.57 31.67
CA ALA A 564 29.75 26.90 32.26
C ALA A 564 30.87 26.81 31.24
N ASP A 565 30.78 25.84 30.32
CA ASP A 565 31.80 25.72 29.29
C ASP A 565 31.90 26.98 28.44
N PHE A 566 30.78 27.68 28.23
CA PHE A 566 30.74 28.89 27.44
C PHE A 566 30.45 30.13 28.29
N ALA A 567 30.54 30.01 29.61
CA ALA A 567 30.32 31.16 30.47
C ALA A 567 31.49 32.13 30.35
N ILE A 568 31.24 33.39 30.71
CA ILE A 568 32.24 34.43 30.71
C ILE A 568 32.36 34.97 32.13
N LEU A 569 33.56 34.92 32.67
CA LEU A 569 33.77 35.40 34.04
C LEU A 569 33.79 36.91 34.07
N PRO A 570 33.26 37.53 35.13
CA PRO A 570 33.38 38.98 35.28
C PRO A 570 34.84 39.39 35.42
N SER A 571 35.13 40.61 35.01
CA SER A 571 36.50 41.11 35.07
C SER A 571 37.01 41.13 36.51
N CYS A 572 36.15 41.55 37.46
CA CYS A 572 36.57 41.60 38.85
C CYS A 572 36.98 40.22 39.37
N CYS A 573 36.10 39.24 39.19
CA CYS A 573 36.39 37.89 39.66
C CYS A 573 37.59 37.29 38.93
N ARG A 574 37.66 37.50 37.62
CA ARG A 574 38.78 36.99 36.83
C ARG A 574 40.10 37.54 37.34
N TRP A 575 40.16 38.85 37.58
CA TRP A 575 41.43 39.45 37.99
C TRP A 575 41.76 39.14 39.44
N LYS A 576 40.75 38.97 40.29
CA LYS A 576 41.03 38.50 41.65
C LYS A 576 41.61 37.09 41.62
N ILE A 577 41.05 36.22 40.80
CA ILE A 577 41.59 34.86 40.66
C ILE A 577 43.03 34.92 40.17
N ARG A 578 43.28 35.76 39.15
CA ARG A 578 44.64 35.88 38.61
C ARG A 578 45.59 36.41 39.67
N LYS A 579 45.13 37.36 40.49
CA LYS A 579 45.96 37.86 41.58
C LYS A 579 46.31 36.74 42.54
N GLU A 580 45.34 35.89 42.88
CA GLU A 580 45.61 34.77 43.77
C GLU A 580 46.57 33.78 43.13
N PHE A 581 46.40 33.51 41.83
CA PHE A 581 47.23 32.57 41.09
C PHE A 581 47.74 33.24 39.82
N PRO A 582 48.70 34.13 39.93
CA PRO A 582 49.14 34.92 38.77
C PRO A 582 50.10 34.16 37.87
N LYS A 583 50.25 34.70 36.66
CA LYS A 583 51.20 34.20 35.68
C LYS A 583 52.48 35.02 35.77
N THR A 584 53.61 34.33 35.83
CA THR A 584 54.89 35.00 36.08
C THR A 584 55.26 35.99 34.98
N GLN A 585 55.51 35.51 33.77
CA GLN A 585 56.03 36.35 32.69
C GLN A 585 55.30 36.06 31.38
N GLY A 586 53.97 36.04 31.43
CA GLY A 586 53.18 35.78 30.25
C GLY A 586 51.90 36.59 30.24
N GLN A 587 51.23 36.58 29.10
CA GLN A 587 49.96 37.27 28.91
C GLN A 587 48.82 36.26 28.91
N TYR A 588 47.77 36.53 29.69
CA TYR A 588 46.66 35.57 29.80
C TYR A 588 45.89 35.40 28.50
N SER A 589 45.68 34.15 28.09
CA SER A 589 44.95 33.88 26.87
C SER A 589 43.51 34.31 26.97
N GLY A 590 42.89 34.05 28.12
CA GLY A 590 41.49 34.38 28.30
C GLY A 590 40.59 33.27 27.81
N PHE A 591 39.30 33.55 27.71
CA PHE A 591 38.34 32.52 27.31
C PHE A 591 38.71 31.90 25.99
N LYS A 592 38.55 30.59 25.88
CA LYS A 592 38.85 29.89 24.64
C LYS A 592 37.61 29.19 24.16
N TYR A 593 37.32 29.33 22.88
CA TYR A 593 36.18 28.61 22.32
C TYR A 593 36.47 27.15 22.53
N PRO A 594 35.57 26.44 23.23
CA PRO A 594 35.85 25.05 23.55
C PRO A 594 35.55 24.13 22.38
N TYR A 595 35.08 24.70 21.27
CA TYR A 595 34.73 23.91 20.10
C TYR A 595 35.49 24.37 18.87
N SER B 6 10.55 33.07 18.00
CA SER B 6 9.72 32.10 17.30
C SER B 6 10.47 31.47 16.15
N TRP B 7 11.37 32.23 15.53
CA TRP B 7 12.18 31.67 14.46
C TRP B 7 13.13 30.64 15.05
N ASN B 8 13.62 30.91 16.26
CA ASN B 8 14.47 29.93 16.92
C ASN B 8 13.69 28.66 17.07
N ASP B 9 12.40 28.79 17.37
CA ASP B 9 11.54 27.62 17.53
C ASP B 9 11.46 26.85 16.23
N VAL B 10 11.36 27.56 15.11
CA VAL B 10 11.34 26.91 13.82
C VAL B 10 12.66 26.19 13.64
N PHE B 11 13.74 26.85 14.03
CA PHE B 11 15.05 26.26 13.87
C PHE B 11 15.34 25.30 15.01
N GLN B 12 14.46 24.33 15.23
CA GLN B 12 14.77 23.32 16.23
C GLN B 12 14.73 21.93 15.61
N TYR B 13 15.57 21.04 16.14
CA TYR B 13 15.57 19.64 15.77
C TYR B 13 15.57 18.79 17.04
N GLU B 14 14.64 17.85 17.12
CA GLU B 14 14.53 16.94 18.26
C GLU B 14 15.11 15.58 17.87
N THR B 15 16.06 15.10 18.67
CA THR B 15 16.66 13.79 18.49
C THR B 15 16.42 12.95 19.73
N ASN B 16 16.10 11.68 19.51
CA ASN B 16 15.81 10.77 20.61
C ASN B 16 17.08 10.41 21.36
N LYS B 17 16.99 10.45 22.70
CA LYS B 17 18.06 9.95 23.53
C LYS B 17 18.09 8.42 23.45
N VAL B 18 19.28 7.86 23.25
CA VAL B 18 19.42 6.43 23.06
C VAL B 18 20.48 5.89 24.00
N THR B 19 20.37 4.60 24.29
CA THR B 19 21.35 3.86 25.08
C THR B 19 21.95 2.79 24.18
N ARG B 20 23.21 2.98 23.79
CA ARG B 20 23.92 2.01 22.97
C ARG B 20 24.41 0.87 23.84
N ILE B 21 23.99 -0.35 23.51
CA ILE B 21 24.35 -1.54 24.27
C ILE B 21 25.36 -2.34 23.46
N GLN B 22 26.54 -2.56 24.04
CA GLN B 22 27.57 -3.39 23.42
C GLN B 22 27.31 -4.86 23.79
N SER B 23 26.24 -5.39 23.22
CA SER B 23 25.80 -6.76 23.45
C SER B 23 25.93 -7.56 22.17
N VAL B 24 26.58 -8.72 22.26
CA VAL B 24 26.73 -9.58 21.09
C VAL B 24 25.39 -10.18 20.69
N ASN B 25 24.63 -10.67 21.66
CA ASN B 25 23.36 -11.32 21.36
C ASN B 25 22.36 -10.33 20.77
N TYR B 26 22.28 -9.12 21.33
CA TYR B 26 21.31 -8.13 20.85
C TYR B 26 21.67 -7.65 19.48
N GLY B 27 22.95 -7.42 19.24
CA GLY B 27 23.39 -7.05 17.91
C GLY B 27 23.11 -8.14 16.90
N THR B 28 23.37 -9.40 17.27
CA THR B 28 23.07 -10.52 16.40
C THR B 28 21.60 -10.56 16.05
N ILE B 29 20.73 -10.45 17.06
CA ILE B 29 19.30 -10.50 16.84
C ILE B 29 18.86 -9.35 15.94
N LYS B 30 19.36 -8.14 16.22
CA LYS B 30 18.97 -6.99 15.43
C LYS B 30 19.34 -7.18 13.97
N TRP B 31 20.58 -7.59 13.70
CA TRP B 31 21.02 -7.73 12.32
C TRP B 31 20.30 -8.89 11.62
N ILE B 32 20.06 -9.98 12.34
CA ILE B 32 19.35 -11.11 11.74
C ILE B 32 17.93 -10.69 11.37
N LEU B 33 17.24 -10.00 12.27
CA LEU B 33 15.88 -9.57 11.99
C LEU B 33 15.84 -8.55 10.85
N HIS B 34 16.80 -7.62 10.81
CA HIS B 34 16.84 -6.67 9.73
C HIS B 34 17.10 -7.37 8.40
N MET B 35 18.01 -8.33 8.37
CA MET B 35 18.27 -9.08 7.14
C MET B 35 17.04 -9.86 6.71
N THR B 36 16.34 -10.48 7.66
CA THR B 36 15.14 -11.24 7.31
C THR B 36 14.08 -10.34 6.72
N VAL B 37 13.84 -9.19 7.36
CA VAL B 37 12.83 -8.25 6.86
C VAL B 37 13.22 -7.76 5.47
N PHE B 38 14.48 -7.38 5.28
CA PHE B 38 14.93 -6.88 3.99
C PHE B 38 14.81 -7.95 2.92
N SER B 39 15.20 -9.19 3.24
CA SER B 39 15.14 -10.26 2.27
C SER B 39 13.71 -10.54 1.86
N TYR B 40 12.78 -10.60 2.82
CA TYR B 40 11.39 -10.86 2.47
C TYR B 40 10.80 -9.70 1.67
N VAL B 41 11.13 -8.46 2.04
CA VAL B 41 10.59 -7.31 1.33
C VAL B 41 11.09 -7.32 -0.12
N SER B 42 12.39 -7.58 -0.31
CA SER B 42 12.94 -7.64 -1.66
C SER B 42 12.34 -8.79 -2.45
N PHE B 43 12.17 -9.95 -1.82
CA PHE B 43 11.60 -11.10 -2.52
C PHE B 43 10.17 -10.81 -2.95
N ALA B 44 9.38 -10.18 -2.08
CA ALA B 44 8.02 -9.80 -2.46
C ALA B 44 8.04 -8.78 -3.58
N LEU B 45 8.97 -7.82 -3.52
CA LEU B 45 9.04 -6.78 -4.54
C LEU B 45 9.34 -7.36 -5.91
N MET B 46 10.30 -8.28 -5.99
CA MET B 46 10.71 -8.82 -7.28
C MET B 46 9.79 -9.94 -7.77
N SER B 47 9.31 -10.79 -6.87
CA SER B 47 8.45 -11.89 -7.27
C SER B 47 7.12 -11.39 -7.80
N ASP B 48 6.49 -10.47 -7.09
CA ASP B 48 5.20 -9.92 -7.49
C ASP B 48 5.32 -8.66 -8.35
N LYS B 49 6.54 -8.23 -8.66
CA LYS B 49 6.76 -7.05 -9.49
C LYS B 49 5.98 -5.85 -8.95
N LEU B 50 6.04 -5.68 -7.63
CA LEU B 50 5.31 -4.59 -6.98
C LEU B 50 5.86 -3.23 -7.33
N TYR B 51 7.04 -3.15 -7.94
CA TYR B 51 7.56 -1.90 -8.47
C TYR B 51 6.94 -1.53 -9.81
N GLN B 52 6.14 -2.42 -10.39
CA GLN B 52 5.56 -2.21 -11.71
C GLN B 52 4.10 -1.79 -11.62
N ARG B 53 3.73 -0.82 -12.43
CA ARG B 53 2.32 -0.57 -12.72
C ARG B 53 1.86 -1.62 -13.73
N LYS B 54 0.76 -2.28 -13.41
CA LYS B 54 0.20 -3.34 -14.25
CA LYS B 54 0.20 -3.34 -14.25
C LYS B 54 -1.05 -2.83 -14.93
N GLU B 55 -1.15 -3.07 -16.23
CA GLU B 55 -2.29 -2.63 -17.03
C GLU B 55 -2.90 -3.83 -17.75
N PRO B 56 -4.22 -3.99 -17.73
CA PRO B 56 -4.83 -5.05 -18.53
C PRO B 56 -4.71 -4.77 -20.01
N LEU B 57 -4.66 -5.84 -20.80
CA LEU B 57 -4.53 -5.73 -22.24
C LEU B 57 -5.88 -5.56 -22.91
N ILE B 58 -5.84 -5.02 -24.13
CA ILE B 58 -6.97 -5.02 -25.04
C ILE B 58 -6.57 -5.86 -26.24
N SER B 59 -7.42 -6.81 -26.60
CA SER B 59 -7.07 -7.84 -27.58
C SER B 59 -8.01 -7.83 -28.77
N SER B 60 -7.45 -8.18 -29.92
CA SER B 60 -8.19 -8.42 -31.15
C SER B 60 -7.76 -9.78 -31.69
N VAL B 61 -8.74 -10.60 -32.06
CA VAL B 61 -8.51 -11.96 -32.52
C VAL B 61 -9.02 -12.09 -33.96
N HIS B 62 -8.20 -12.69 -34.82
CA HIS B 62 -8.56 -12.98 -36.20
C HIS B 62 -8.28 -14.46 -36.43
N THR B 63 -9.34 -15.23 -36.69
CA THR B 63 -9.23 -16.67 -36.86
C THR B 63 -9.45 -17.06 -38.31
N LYS B 64 -8.69 -18.05 -38.77
CA LYS B 64 -8.84 -18.59 -40.12
C LYS B 64 -8.80 -20.11 -40.03
N VAL B 65 -9.90 -20.75 -40.41
CA VAL B 65 -10.01 -22.20 -40.36
C VAL B 65 -9.69 -22.77 -41.74
N LYS B 66 -8.81 -23.77 -41.77
CA LYS B 66 -8.51 -24.54 -42.96
C LYS B 66 -8.96 -25.97 -42.75
N GLY B 67 -9.53 -26.55 -43.77
CA GLY B 67 -9.99 -27.93 -43.71
C GLY B 67 -11.12 -28.20 -44.68
N VAL B 68 -11.17 -29.45 -45.14
CA VAL B 68 -12.18 -29.91 -46.09
C VAL B 68 -12.72 -31.24 -45.57
N ALA B 69 -14.03 -31.42 -45.68
CA ALA B 69 -14.69 -32.62 -45.20
C ALA B 69 -15.55 -33.24 -46.30
N GLU B 70 -15.71 -34.55 -46.24
CA GLU B 70 -16.53 -35.31 -47.17
C GLU B 70 -17.60 -36.06 -46.39
N VAL B 71 -18.84 -36.00 -46.88
CA VAL B 71 -19.96 -36.69 -46.28
C VAL B 71 -20.65 -37.51 -47.35
N THR B 72 -21.09 -38.71 -46.99
CA THR B 72 -21.86 -39.57 -47.89
C THR B 72 -23.04 -40.11 -47.10
N GLU B 73 -24.24 -39.66 -47.45
CA GLU B 73 -25.44 -40.00 -46.67
C GLU B 73 -26.58 -40.29 -47.63
N ASN B 74 -27.79 -40.34 -47.09
CA ASN B 74 -28.99 -40.59 -47.90
C ASN B 74 -30.05 -39.54 -47.62
N THR B 81 -35.22 -41.64 -51.31
CA THR B 81 -33.96 -42.06 -50.70
C THR B 81 -32.89 -42.29 -51.76
N LYS B 82 -31.97 -41.34 -51.89
CA LYS B 82 -30.88 -41.42 -52.84
C LYS B 82 -29.57 -41.06 -52.16
N LEU B 83 -28.49 -41.68 -52.62
CA LEU B 83 -27.17 -41.41 -52.05
C LEU B 83 -26.72 -40.00 -52.42
N VAL B 84 -26.27 -39.25 -51.42
CA VAL B 84 -25.81 -37.88 -51.60
C VAL B 84 -24.36 -37.81 -51.13
N HIS B 85 -23.50 -37.33 -52.03
CA HIS B 85 -22.07 -37.16 -51.78
C HIS B 85 -21.78 -35.67 -51.71
N GLY B 86 -21.50 -35.17 -50.51
CA GLY B 86 -21.34 -33.75 -50.28
C GLY B 86 -19.94 -33.38 -49.84
N ILE B 87 -19.53 -32.20 -50.30
CA ILE B 87 -18.20 -31.66 -49.90
CA ILE B 87 -18.21 -31.64 -49.90
C ILE B 87 -18.46 -30.41 -49.00
N PHE B 88 -17.76 -30.35 -47.90
CA PHE B 88 -17.90 -29.25 -46.95
C PHE B 88 -16.58 -28.50 -46.85
N ASP B 89 -16.55 -27.26 -47.32
CA ASP B 89 -15.42 -26.38 -47.14
C ASP B 89 -15.80 -25.32 -46.10
N THR B 90 -14.88 -24.38 -45.87
CA THR B 90 -15.04 -23.39 -44.81
C THR B 90 -16.40 -22.70 -44.89
N ALA B 91 -16.83 -22.32 -46.11
CA ALA B 91 -18.10 -21.65 -46.26
C ALA B 91 -19.28 -22.56 -45.95
N ASP B 92 -19.07 -23.88 -45.85
CA ASP B 92 -20.13 -24.81 -45.55
C ASP B 92 -20.23 -25.17 -44.07
N TYR B 93 -19.17 -24.96 -43.28
CA TYR B 93 -19.18 -25.31 -41.87
C TYR B 93 -18.71 -24.19 -40.95
N THR B 94 -18.43 -23.00 -41.48
CA THR B 94 -18.04 -21.87 -40.67
C THR B 94 -18.95 -20.67 -40.96
N LEU B 95 -19.18 -19.87 -39.93
CA LEU B 95 -19.91 -18.62 -40.05
C LEU B 95 -18.93 -17.49 -40.36
N PRO B 96 -19.43 -16.37 -40.93
CA PRO B 96 -18.50 -15.28 -41.30
C PRO B 96 -17.68 -14.75 -40.15
N LEU B 97 -18.20 -14.80 -38.92
CA LEU B 97 -17.45 -14.30 -37.77
C LEU B 97 -16.10 -15.00 -37.67
N GLN B 98 -15.05 -14.20 -37.45
CA GLN B 98 -13.69 -14.72 -37.30
C GLN B 98 -12.98 -14.02 -36.14
N GLY B 99 -13.73 -13.61 -35.12
CA GLY B 99 -13.16 -12.89 -33.99
C GLY B 99 -12.84 -13.76 -32.80
N ASN B 100 -13.29 -13.33 -31.63
CA ASN B 100 -12.99 -14.04 -30.39
C ASN B 100 -13.64 -15.42 -30.33
N SER B 101 -14.59 -15.71 -31.21
CA SER B 101 -15.23 -17.01 -31.25
C SER B 101 -15.46 -17.42 -32.69
N PHE B 102 -15.19 -18.68 -32.99
CA PHE B 102 -15.48 -19.26 -34.30
C PHE B 102 -16.12 -20.62 -34.10
N PHE B 103 -17.10 -20.92 -34.94
CA PHE B 103 -17.85 -22.16 -34.88
C PHE B 103 -17.47 -23.07 -36.03
N VAL B 104 -17.29 -24.35 -35.72
CA VAL B 104 -17.00 -25.38 -36.72
C VAL B 104 -18.11 -26.41 -36.63
N MET B 105 -18.84 -26.59 -37.73
CA MET B 105 -19.89 -27.60 -37.77
C MET B 105 -19.27 -28.99 -37.80
N THR B 106 -19.79 -29.87 -36.95
CA THR B 106 -19.34 -31.25 -36.87
C THR B 106 -20.45 -32.25 -37.12
N ASN B 107 -21.71 -31.83 -37.09
CA ASN B 107 -22.85 -32.71 -37.32
C ASN B 107 -24.03 -31.84 -37.73
N TYR B 108 -25.01 -32.44 -38.38
CA TYR B 108 -26.16 -31.67 -38.79
C TYR B 108 -27.36 -32.56 -38.99
N LEU B 109 -28.53 -31.99 -38.74
CA LEU B 109 -29.82 -32.57 -39.10
C LEU B 109 -30.49 -31.63 -40.10
N LYS B 110 -30.87 -32.17 -41.25
CA LYS B 110 -31.44 -31.35 -42.32
C LYS B 110 -32.91 -31.71 -42.54
N SER B 111 -33.77 -30.70 -42.52
CA SER B 111 -35.19 -30.83 -42.82
C SER B 111 -35.47 -29.90 -43.99
N GLU B 112 -35.51 -30.47 -45.19
CA GLU B 112 -35.68 -29.69 -46.41
C GLU B 112 -37.16 -29.53 -46.77
N GLY B 113 -37.45 -28.44 -47.49
CA GLY B 113 -38.79 -28.23 -48.02
C GLY B 113 -39.86 -28.05 -46.97
N GLN B 114 -39.60 -27.24 -45.95
CA GLN B 114 -40.61 -26.97 -44.94
C GLN B 114 -41.58 -25.91 -45.42
N GLU B 115 -42.86 -26.11 -45.09
CA GLU B 115 -43.90 -25.15 -45.38
C GLU B 115 -44.65 -24.82 -44.09
N GLN B 116 -45.13 -23.59 -43.98
CA GLN B 116 -45.87 -23.17 -42.80
C GLN B 116 -47.28 -23.72 -42.92
N LYS B 117 -47.56 -24.80 -42.21
CA LYS B 117 -48.84 -25.49 -42.30
C LYS B 117 -49.00 -26.40 -41.09
N LEU B 118 -50.01 -27.25 -41.12
CA LEU B 118 -50.31 -28.17 -40.02
C LEU B 118 -49.61 -29.50 -40.26
N CYS B 119 -49.11 -30.09 -39.17
CA CYS B 119 -48.42 -31.37 -39.26
C CYS B 119 -48.36 -31.99 -37.88
N PRO B 120 -48.16 -33.31 -37.78
CA PRO B 120 -47.94 -33.94 -36.46
C PRO B 120 -46.54 -33.66 -35.97
N GLU B 121 -46.41 -33.28 -34.70
CA GLU B 121 -45.10 -33.03 -34.13
C GLU B 121 -44.26 -34.29 -34.07
N TYR B 122 -42.95 -34.11 -34.13
CA TYR B 122 -42.04 -35.25 -34.06
C TYR B 122 -42.16 -35.91 -32.70
N PRO B 123 -42.21 -37.26 -32.64
CA PRO B 123 -42.31 -37.96 -31.34
C PRO B 123 -40.99 -38.00 -30.59
N SER B 124 -40.71 -36.91 -29.87
CA SER B 124 -39.47 -36.75 -29.12
C SER B 124 -39.75 -36.69 -27.64
N ARG B 125 -38.86 -37.28 -26.83
CA ARG B 125 -38.97 -37.27 -25.38
C ARG B 125 -40.32 -37.82 -24.93
N GLY B 126 -40.78 -38.89 -25.58
CA GLY B 126 -42.04 -39.49 -25.22
C GLY B 126 -43.23 -38.58 -25.42
N LYS B 127 -43.26 -37.86 -26.55
CA LYS B 127 -44.35 -36.95 -26.88
C LYS B 127 -45.49 -37.64 -27.61
N GLN B 128 -45.61 -38.96 -27.46
CA GLN B 128 -46.65 -39.70 -28.15
C GLN B 128 -48.03 -39.26 -27.68
N CYS B 129 -48.99 -39.30 -28.60
CA CYS B 129 -50.37 -38.92 -28.34
C CYS B 129 -51.26 -40.15 -28.41
N HIS B 130 -52.24 -40.22 -27.51
CA HIS B 130 -53.18 -41.33 -27.48
C HIS B 130 -54.61 -40.82 -27.62
N SER B 131 -54.86 -39.59 -27.17
CA SER B 131 -56.19 -39.01 -27.23
C SER B 131 -56.08 -37.50 -27.39
N ASP B 132 -57.19 -36.89 -27.79
CA ASP B 132 -57.21 -35.44 -28.00
C ASP B 132 -56.97 -34.67 -26.70
N GLN B 133 -57.18 -35.29 -25.55
CA GLN B 133 -56.99 -34.61 -24.28
C GLN B 133 -55.52 -34.47 -23.88
N GLY B 134 -54.61 -35.09 -24.62
CA GLY B 134 -53.20 -35.03 -24.30
C GLY B 134 -52.50 -33.76 -24.74
N CYS B 135 -53.21 -32.84 -25.37
CA CYS B 135 -52.63 -31.58 -25.84
C CYS B 135 -53.68 -30.48 -25.85
N ILE B 136 -53.24 -29.23 -25.79
CA ILE B 136 -54.16 -28.10 -25.75
C ILE B 136 -54.10 -27.26 -27.02
N LYS B 137 -55.24 -26.82 -27.51
CA LYS B 137 -55.27 -26.01 -28.70
C LYS B 137 -54.72 -24.62 -28.43
N GLY B 138 -54.00 -24.07 -29.40
CA GLY B 138 -53.43 -22.74 -29.24
C GLY B 138 -52.27 -22.70 -28.29
N TRP B 139 -51.83 -23.86 -27.79
CA TRP B 139 -50.66 -23.88 -26.93
C TRP B 139 -49.39 -23.69 -27.74
N MET B 140 -48.63 -22.64 -27.46
CA MET B 140 -47.40 -22.40 -28.20
C MET B 140 -46.30 -23.25 -27.62
N ASP B 141 -46.12 -24.44 -28.16
CA ASP B 141 -45.08 -25.34 -27.68
C ASP B 141 -43.74 -24.95 -28.27
N PRO B 142 -42.81 -24.46 -27.44
CA PRO B 142 -41.49 -24.11 -27.94
C PRO B 142 -40.64 -25.36 -28.16
N GLN B 143 -41.01 -26.47 -27.53
CA GLN B 143 -40.28 -27.72 -27.75
C GLN B 143 -40.55 -28.24 -29.15
N SER B 144 -41.82 -28.29 -29.54
CA SER B 144 -42.17 -28.74 -30.88
C SER B 144 -41.99 -27.59 -31.85
N LYS B 145 -41.90 -26.37 -31.34
CA LYS B 145 -41.72 -25.20 -32.19
C LYS B 145 -42.93 -24.98 -33.09
N GLY B 146 -44.12 -25.21 -32.54
CA GLY B 146 -45.35 -25.00 -33.26
C GLY B 146 -46.47 -24.69 -32.28
N ILE B 147 -47.63 -24.33 -32.84
CA ILE B 147 -48.82 -24.03 -32.06
C ILE B 147 -49.80 -25.17 -32.26
N GLN B 148 -50.19 -25.80 -31.15
CA GLN B 148 -51.07 -26.95 -31.20
C GLN B 148 -52.48 -26.54 -31.65
N THR B 149 -53.08 -27.38 -32.48
CA THR B 149 -54.45 -27.20 -32.93
C THR B 149 -55.48 -27.83 -32.00
N GLY B 150 -55.03 -28.61 -31.01
CA GLY B 150 -55.92 -29.26 -30.08
C GLY B 150 -56.37 -30.65 -30.48
N ARG B 151 -56.04 -31.10 -31.68
CA ARG B 151 -56.43 -32.41 -32.18
C ARG B 151 -55.25 -33.37 -32.19
N CYS B 152 -55.57 -34.65 -32.09
CA CYS B 152 -54.58 -35.72 -32.14
C CYS B 152 -54.64 -36.39 -33.50
N ILE B 153 -53.50 -36.49 -34.17
CA ILE B 153 -53.43 -37.05 -35.51
C ILE B 153 -52.32 -38.09 -35.55
N PRO B 154 -52.37 -39.01 -36.52
CA PRO B 154 -51.37 -40.08 -36.57
C PRO B 154 -50.08 -39.59 -37.25
N TYR B 155 -48.99 -39.58 -36.49
CA TYR B 155 -47.69 -39.29 -37.07
C TYR B 155 -47.24 -40.39 -38.02
N ASP B 156 -47.54 -41.64 -37.65
CA ASP B 156 -47.20 -42.79 -38.48
C ASP B 156 -48.27 -43.86 -38.22
N GLN B 157 -47.97 -45.10 -38.62
CA GLN B 157 -48.95 -46.17 -38.47
C GLN B 157 -49.06 -46.64 -37.03
N LYS B 158 -47.97 -46.60 -36.26
CA LYS B 158 -47.95 -47.14 -34.91
C LYS B 158 -48.20 -46.10 -33.82
N ARG B 159 -47.63 -44.91 -33.98
CA ARG B 159 -47.76 -43.88 -32.95
C ARG B 159 -48.50 -42.68 -33.47
N LYS B 160 -49.02 -41.87 -32.55
CA LYS B 160 -49.81 -40.71 -32.94
C LYS B 160 -49.21 -39.50 -32.27
N THR B 161 -49.42 -38.31 -32.83
CA THR B 161 -48.92 -37.08 -32.21
C THR B 161 -49.87 -35.95 -32.58
N CYS B 162 -50.03 -34.97 -31.70
CA CYS B 162 -50.99 -33.90 -31.97
C CYS B 162 -50.55 -33.02 -33.12
N GLU B 163 -51.53 -32.37 -33.74
CA GLU B 163 -51.29 -31.48 -34.85
C GLU B 163 -50.84 -30.11 -34.37
N ILE B 164 -49.86 -29.55 -35.05
CA ILE B 164 -49.32 -28.24 -34.74
C ILE B 164 -49.19 -27.45 -36.04
N PHE B 165 -49.47 -26.16 -35.97
CA PHE B 165 -49.17 -25.25 -37.06
C PHE B 165 -47.72 -24.81 -36.92
N ALA B 166 -46.88 -25.25 -37.84
CA ALA B 166 -45.44 -25.01 -37.75
C ALA B 166 -44.84 -25.19 -39.14
N TRP B 167 -43.51 -25.17 -39.19
CA TRP B 167 -42.78 -25.53 -40.40
C TRP B 167 -42.79 -27.04 -40.51
N CYS B 168 -43.43 -27.55 -41.56
CA CYS B 168 -43.69 -28.96 -41.75
C CYS B 168 -42.95 -29.49 -42.98
N PRO B 169 -42.42 -30.72 -42.93
CA PRO B 169 -42.50 -31.70 -41.84
C PRO B 169 -41.69 -31.31 -40.60
N ALA B 170 -42.35 -31.27 -39.45
CA ALA B 170 -41.67 -30.96 -38.21
C ALA B 170 -40.81 -32.14 -37.77
N GLU B 171 -39.55 -31.86 -37.44
CA GLU B 171 -38.61 -32.90 -37.03
C GLU B 171 -37.85 -32.51 -35.77
N GLU B 172 -38.29 -31.50 -35.04
CA GLU B 172 -37.59 -31.07 -33.84
C GLU B 172 -37.61 -32.18 -32.80
N GLY B 173 -36.46 -32.43 -32.19
CA GLY B 173 -36.29 -33.50 -31.23
C GLY B 173 -35.60 -34.73 -31.77
N LYS B 174 -35.44 -34.84 -33.09
CA LYS B 174 -34.70 -35.95 -33.67
C LYS B 174 -33.27 -35.95 -33.16
N GLU B 175 -32.70 -37.12 -32.95
CA GLU B 175 -31.35 -37.23 -32.43
C GLU B 175 -30.28 -36.85 -33.43
N ALA B 176 -29.17 -36.30 -32.96
CA ALA B 176 -28.07 -35.98 -33.84
C ALA B 176 -27.48 -37.26 -34.42
N PRO B 177 -27.02 -37.21 -35.68
CA PRO B 177 -26.42 -38.39 -36.30
C PRO B 177 -25.27 -38.98 -35.49
N ARG B 178 -25.11 -40.29 -35.51
CA ARG B 178 -23.99 -40.92 -34.82
C ARG B 178 -23.50 -42.12 -35.60
N PRO B 179 -22.26 -42.06 -36.12
CA PRO B 179 -21.22 -41.09 -35.77
C PRO B 179 -21.47 -39.72 -36.37
N ALA B 180 -20.78 -38.70 -35.88
CA ALA B 180 -20.94 -37.35 -36.41
C ALA B 180 -20.50 -37.30 -37.87
N LEU B 181 -21.31 -36.63 -38.69
CA LEU B 181 -21.06 -36.61 -40.13
C LEU B 181 -19.75 -35.89 -40.45
N LEU B 182 -19.48 -34.77 -39.81
CA LEU B 182 -18.23 -34.04 -40.02
C LEU B 182 -17.21 -34.39 -38.93
N ARG B 183 -16.93 -35.68 -38.83
CA ARG B 183 -15.88 -36.14 -37.92
C ARG B 183 -14.52 -35.62 -38.35
N SER B 184 -14.26 -35.61 -39.66
CA SER B 184 -12.99 -35.15 -40.20
C SER B 184 -12.60 -33.76 -39.72
N ALA B 185 -13.53 -33.03 -39.11
CA ALA B 185 -13.20 -31.72 -38.55
C ALA B 185 -12.11 -31.81 -37.50
N GLU B 186 -11.91 -32.98 -36.89
CA GLU B 186 -10.79 -33.13 -35.96
C GLU B 186 -9.46 -32.82 -36.63
N ASN B 187 -9.38 -33.04 -37.95
CA ASN B 187 -8.17 -32.76 -38.71
C ASN B 187 -8.11 -31.33 -39.21
N PHE B 188 -9.16 -30.53 -39.01
CA PHE B 188 -9.11 -29.13 -39.40
C PHE B 188 -8.10 -28.39 -38.55
N THR B 189 -7.58 -27.30 -39.10
CA THR B 189 -6.64 -26.44 -38.40
C THR B 189 -7.21 -25.03 -38.32
N VAL B 190 -6.80 -24.29 -37.30
CA VAL B 190 -7.19 -22.90 -37.13
C VAL B 190 -5.94 -22.07 -36.86
N LEU B 191 -5.77 -21.01 -37.62
CA LEU B 191 -4.72 -20.02 -37.41
C LEU B 191 -5.33 -18.86 -36.63
N ILE B 192 -4.74 -18.57 -35.47
CA ILE B 192 -5.23 -17.53 -34.58
C ILE B 192 -4.20 -16.41 -34.55
N LYS B 193 -4.60 -15.24 -35.03
CA LYS B 193 -3.78 -14.04 -34.96
C LYS B 193 -4.32 -13.18 -33.83
N ASN B 194 -3.47 -12.91 -32.84
CA ASN B 194 -3.87 -12.18 -31.65
C ASN B 194 -3.02 -10.93 -31.54
N ASN B 195 -3.66 -9.77 -31.67
CA ASN B 195 -3.03 -8.48 -31.50
C ASN B 195 -3.43 -7.93 -30.13
N ILE B 196 -2.45 -7.72 -29.26
CA ILE B 196 -2.72 -7.21 -27.92
C ILE B 196 -2.03 -5.86 -27.77
N ASP B 197 -2.64 -5.02 -26.94
CA ASP B 197 -2.15 -3.67 -26.72
C ASP B 197 -2.37 -3.26 -25.27
N PHE B 198 -1.38 -2.57 -24.71
CA PHE B 198 -1.47 -1.90 -23.43
C PHE B 198 -1.44 -0.41 -23.71
N PRO B 199 -2.60 0.27 -23.74
CA PRO B 199 -2.59 1.70 -24.11
C PRO B 199 -1.92 2.59 -23.09
N GLY B 200 -2.15 2.36 -21.80
CA GLY B 200 -1.47 3.13 -20.78
C GLY B 200 0.04 3.04 -20.90
N HIS B 201 0.55 1.84 -21.14
CA HIS B 201 1.98 1.64 -21.35
C HIS B 201 2.40 1.91 -22.79
N ASN B 202 1.45 2.22 -23.67
CA ASN B 202 1.74 2.53 -25.07
C ASN B 202 2.58 1.42 -25.72
N TYR B 203 2.15 0.19 -25.52
CA TYR B 203 2.82 -0.96 -26.10
C TYR B 203 1.81 -1.80 -26.88
N THR B 204 2.30 -2.47 -27.92
CA THR B 204 1.44 -3.35 -28.69
C THR B 204 2.29 -4.41 -29.34
N THR B 205 1.79 -5.64 -29.35
CA THR B 205 2.47 -6.75 -30.02
C THR B 205 1.42 -7.71 -30.55
N ARG B 206 1.89 -8.75 -31.24
CA ARG B 206 1.02 -9.78 -31.78
C ARG B 206 1.68 -11.13 -31.58
N ASN B 207 0.86 -12.17 -31.64
CA ASN B 207 1.31 -13.53 -31.37
C ASN B 207 2.09 -14.15 -32.52
N ILE B 208 2.17 -13.49 -33.68
CA ILE B 208 2.94 -13.98 -34.81
C ILE B 208 4.01 -12.94 -35.12
N LEU B 209 5.27 -13.35 -35.02
CA LEU B 209 6.41 -12.51 -35.28
C LEU B 209 7.18 -13.02 -36.48
N PRO B 210 7.97 -12.16 -37.13
CA PRO B 210 8.73 -12.62 -38.30
C PRO B 210 9.67 -13.76 -37.94
N GLY B 211 9.79 -14.71 -38.87
CA GLY B 211 10.65 -15.87 -38.70
C GLY B 211 9.92 -17.14 -38.32
N MET B 212 8.68 -17.04 -37.84
CA MET B 212 7.92 -18.22 -37.47
C MET B 212 7.68 -19.08 -38.70
N ASN B 213 7.89 -20.38 -38.55
CA ASN B 213 7.67 -21.31 -39.66
C ASN B 213 6.17 -21.48 -39.92
N ILE B 214 5.81 -21.53 -41.20
CA ILE B 214 4.40 -21.60 -41.57
C ILE B 214 3.88 -23.03 -41.60
N SER B 215 4.76 -24.02 -41.67
CA SER B 215 4.35 -25.42 -41.62
C SER B 215 4.18 -25.91 -40.18
N CYS B 216 4.42 -25.04 -39.20
CA CYS B 216 4.30 -25.41 -37.81
C CYS B 216 2.86 -25.77 -37.44
N THR B 217 2.73 -26.66 -36.46
CA THR B 217 1.47 -26.96 -35.79
C THR B 217 1.74 -26.90 -34.30
N PHE B 218 0.79 -26.35 -33.55
CA PHE B 218 1.01 -26.13 -32.13
C PHE B 218 1.24 -27.44 -31.39
N HIS B 219 2.16 -27.40 -30.42
CA HIS B 219 2.37 -28.49 -29.49
C HIS B 219 2.76 -27.88 -28.15
N LYS B 220 2.45 -28.61 -27.07
CA LYS B 220 2.72 -28.10 -25.73
C LYS B 220 4.21 -27.83 -25.52
N THR B 221 5.07 -28.74 -25.98
CA THR B 221 6.49 -28.65 -25.76
C THR B 221 7.29 -28.34 -27.01
N TRP B 222 6.98 -29.02 -28.13
CA TRP B 222 7.77 -28.85 -29.34
C TRP B 222 7.53 -27.48 -29.99
N ASN B 223 6.28 -27.06 -30.09
CA ASN B 223 5.91 -25.80 -30.74
C ASN B 223 4.92 -25.03 -29.89
N PRO B 224 5.35 -24.56 -28.71
CA PRO B 224 4.43 -23.82 -27.84
C PRO B 224 4.01 -22.46 -28.39
N GLN B 225 4.76 -21.90 -29.33
CA GLN B 225 4.47 -20.58 -29.87
C GLN B 225 3.85 -20.63 -31.26
N CYS B 226 3.52 -21.82 -31.76
CA CYS B 226 2.91 -21.94 -33.07
C CYS B 226 1.42 -21.64 -32.95
N PRO B 227 0.90 -20.63 -33.66
CA PRO B 227 -0.52 -20.28 -33.51
C PRO B 227 -1.45 -21.04 -34.44
N ILE B 228 -0.97 -22.14 -35.03
CA ILE B 228 -1.80 -23.01 -35.87
C ILE B 228 -2.13 -24.24 -35.05
N PHE B 229 -3.42 -24.41 -34.76
CA PHE B 229 -3.89 -25.46 -33.86
C PHE B 229 -4.77 -26.45 -34.61
N ARG B 230 -4.46 -27.73 -34.48
CA ARG B 230 -5.36 -28.78 -34.95
C ARG B 230 -6.44 -28.99 -33.90
N LEU B 231 -7.70 -29.00 -34.33
CA LEU B 231 -8.81 -29.08 -33.39
C LEU B 231 -8.75 -30.37 -32.57
N GLY B 232 -8.45 -31.50 -33.22
CA GLY B 232 -8.30 -32.74 -32.50
C GLY B 232 -7.19 -32.68 -31.47
N ASP B 233 -6.08 -32.03 -31.80
CA ASP B 233 -5.00 -31.85 -30.84
C ASP B 233 -5.45 -31.00 -29.67
N ILE B 234 -6.24 -29.97 -29.94
CA ILE B 234 -6.79 -29.14 -28.86
C ILE B 234 -7.60 -30.02 -27.91
N PHE B 235 -8.46 -30.87 -28.46
CA PHE B 235 -9.31 -31.70 -27.61
C PHE B 235 -8.51 -32.71 -26.79
N GLN B 236 -7.58 -33.43 -27.43
CA GLN B 236 -6.80 -34.45 -26.75
C GLN B 236 -5.71 -33.90 -25.82
N GLU B 237 -5.31 -32.63 -25.97
CA GLU B 237 -4.39 -32.05 -25.00
C GLU B 237 -4.98 -32.02 -23.60
N ILE B 238 -6.29 -31.80 -23.50
CA ILE B 238 -6.97 -31.75 -22.21
C ILE B 238 -7.86 -32.98 -21.98
N GLY B 239 -7.55 -34.08 -22.64
CA GLY B 239 -8.29 -35.31 -22.43
C GLY B 239 -9.74 -35.26 -22.85
N GLU B 240 -10.03 -34.61 -23.97
CA GLU B 240 -11.37 -34.54 -24.52
C GLU B 240 -11.43 -35.31 -25.83
N ASN B 241 -12.53 -36.02 -26.05
CA ASN B 241 -12.71 -36.87 -27.22
C ASN B 241 -13.48 -36.09 -28.27
N PHE B 242 -12.78 -35.67 -29.33
CA PHE B 242 -13.41 -34.87 -30.38
C PHE B 242 -14.51 -35.66 -31.08
N THR B 243 -14.30 -36.96 -31.28
CA THR B 243 -15.29 -37.78 -31.97
C THR B 243 -16.61 -37.78 -31.22
N GLU B 244 -16.57 -37.91 -29.90
CA GLU B 244 -17.81 -37.93 -29.11
C GLU B 244 -18.44 -36.55 -29.04
N VAL B 245 -17.65 -35.50 -28.82
CA VAL B 245 -18.19 -34.16 -28.71
C VAL B 245 -18.79 -33.70 -30.04
N ALA B 246 -18.27 -34.22 -31.16
CA ALA B 246 -18.76 -33.83 -32.48
C ALA B 246 -20.21 -34.19 -32.71
N VAL B 247 -20.73 -35.20 -32.00
CA VAL B 247 -22.11 -35.63 -32.21
C VAL B 247 -23.07 -34.52 -31.78
N GLN B 248 -23.03 -34.15 -30.50
CA GLN B 248 -23.92 -33.13 -29.97
C GLN B 248 -23.28 -31.76 -29.88
N GLY B 249 -21.97 -31.65 -30.12
CA GLY B 249 -21.28 -30.38 -30.08
C GLY B 249 -20.84 -30.01 -28.69
N GLY B 250 -20.21 -28.83 -28.61
CA GLY B 250 -19.73 -28.33 -27.35
C GLY B 250 -19.06 -26.99 -27.52
N ILE B 251 -18.47 -26.50 -26.43
CA ILE B 251 -17.78 -25.22 -26.41
C ILE B 251 -16.37 -25.45 -25.88
N MET B 252 -15.37 -25.06 -26.66
CA MET B 252 -13.98 -25.15 -26.27
C MET B 252 -13.37 -23.75 -26.18
N GLY B 253 -12.66 -23.49 -25.09
CA GLY B 253 -12.00 -22.23 -24.90
C GLY B 253 -10.51 -22.33 -25.11
N ILE B 254 -10.00 -21.51 -26.03
CA ILE B 254 -8.57 -21.39 -26.28
C ILE B 254 -8.11 -20.16 -25.51
N GLU B 255 -7.40 -20.39 -24.41
CA GLU B 255 -6.94 -19.33 -23.53
C GLU B 255 -5.56 -18.87 -23.99
N ILE B 256 -5.42 -17.57 -24.24
CA ILE B 256 -4.16 -16.95 -24.60
C ILE B 256 -3.79 -16.02 -23.47
N TYR B 257 -2.83 -16.43 -22.65
CA TYR B 257 -2.39 -15.65 -21.49
C TYR B 257 -1.15 -14.85 -21.86
N TRP B 258 -1.20 -13.56 -21.59
CA TRP B 258 -0.09 -12.64 -21.87
C TRP B 258 0.45 -12.13 -20.55
N ASP B 259 1.48 -12.81 -20.03
CA ASP B 259 2.21 -12.34 -18.85
C ASP B 259 3.40 -11.55 -19.38
N CYS B 260 3.18 -10.26 -19.62
CA CYS B 260 4.12 -9.42 -20.34
C CYS B 260 4.86 -8.49 -19.40
N ASN B 261 6.19 -8.52 -19.47
CA ASN B 261 7.05 -7.59 -18.77
C ASN B 261 7.59 -6.61 -19.79
N LEU B 262 7.25 -5.33 -19.62
CA LEU B 262 7.60 -4.31 -20.60
C LEU B 262 8.86 -3.53 -20.23
N ASP B 263 9.53 -3.88 -19.14
CA ASP B 263 10.79 -3.25 -18.82
C ASP B 263 11.85 -3.65 -19.84
N SER B 264 12.68 -2.69 -20.25
CA SER B 264 13.68 -2.95 -21.27
C SER B 264 14.67 -4.02 -20.82
N TRP B 265 15.11 -3.95 -19.56
CA TRP B 265 16.09 -4.91 -19.07
C TRP B 265 15.50 -6.30 -18.84
N SER B 266 14.18 -6.41 -18.78
CA SER B 266 13.51 -7.69 -18.54
C SER B 266 12.32 -7.85 -19.47
N HIS B 267 12.47 -7.41 -20.72
CA HIS B 267 11.35 -7.43 -21.66
C HIS B 267 11.01 -8.87 -22.03
N ARG B 268 9.76 -9.25 -21.76
CA ARG B 268 9.29 -10.59 -22.12
C ARG B 268 7.77 -10.50 -22.24
N CYS B 269 7.28 -10.43 -23.47
CA CYS B 269 5.85 -10.34 -23.76
C CYS B 269 5.55 -11.43 -24.80
N GLN B 270 5.24 -12.63 -24.30
CA GLN B 270 4.99 -13.78 -25.14
C GLN B 270 3.70 -14.46 -24.71
N PRO B 271 2.89 -14.94 -25.65
CA PRO B 271 1.65 -15.61 -25.29
C PRO B 271 1.87 -17.06 -24.88
N LYS B 272 1.05 -17.50 -23.94
CA LYS B 272 0.99 -18.91 -23.53
C LYS B 272 -0.40 -19.42 -23.85
N TYR B 273 -0.46 -20.54 -24.58
CA TYR B 273 -1.71 -21.11 -25.03
C TYR B 273 -2.12 -22.28 -24.14
N SER B 274 -3.39 -22.30 -23.74
CA SER B 274 -3.97 -23.40 -23.01
C SER B 274 -5.37 -23.64 -23.54
N PHE B 275 -5.96 -24.77 -23.15
CA PHE B 275 -7.27 -25.15 -23.61
C PHE B 275 -8.13 -25.59 -22.43
N ARG B 276 -9.42 -25.33 -22.53
CA ARG B 276 -10.35 -25.68 -21.46
C ARG B 276 -11.75 -25.86 -22.02
N ARG B 277 -12.37 -27.00 -21.73
CA ARG B 277 -13.75 -27.20 -22.12
C ARG B 277 -14.65 -26.26 -21.32
N LEU B 278 -15.52 -25.53 -22.02
CA LEU B 278 -16.38 -24.54 -21.40
C LEU B 278 -17.81 -25.02 -21.19
N ASP B 279 -18.27 -25.98 -21.98
CA ASP B 279 -19.61 -26.53 -21.81
C ASP B 279 -19.55 -27.72 -20.86
N ASP B 280 -20.55 -27.78 -19.97
CA ASP B 280 -20.60 -28.87 -18.98
C ASP B 280 -20.89 -30.19 -19.68
N LYS B 281 -19.97 -31.15 -19.54
CA LYS B 281 -20.14 -32.45 -20.15
C LYS B 281 -21.39 -33.15 -19.65
N TYR B 282 -21.77 -32.92 -18.40
CA TYR B 282 -22.90 -33.59 -17.76
C TYR B 282 -24.12 -32.68 -17.65
N THR B 283 -24.34 -31.84 -18.66
CA THR B 283 -25.50 -30.97 -18.68
C THR B 283 -26.78 -31.80 -18.73
N ASN B 284 -27.79 -31.34 -18.00
CA ASN B 284 -29.07 -32.04 -17.99
C ASN B 284 -29.67 -32.06 -19.39
N GLU B 285 -30.34 -33.17 -19.71
CA GLU B 285 -30.91 -33.34 -21.04
C GLU B 285 -31.87 -32.21 -21.39
N SER B 286 -32.58 -31.68 -20.42
CA SER B 286 -33.53 -30.60 -20.65
C SER B 286 -32.86 -29.24 -20.72
N LEU B 287 -31.57 -29.13 -20.43
CA LEU B 287 -30.84 -27.88 -20.47
C LEU B 287 -29.98 -27.75 -21.74
N PHE B 288 -30.40 -28.38 -22.84
CA PHE B 288 -29.68 -28.21 -24.11
C PHE B 288 -28.21 -28.62 -24.01
N PRO B 289 -27.95 -29.91 -23.81
CA PRO B 289 -26.57 -30.38 -23.74
C PRO B 289 -25.82 -30.18 -25.06
N GLY B 290 -24.52 -29.91 -24.97
CA GLY B 290 -23.72 -29.69 -26.16
C GLY B 290 -23.88 -28.31 -26.74
N TYR B 291 -23.65 -28.17 -28.04
CA TYR B 291 -23.80 -26.90 -28.72
C TYR B 291 -24.37 -27.13 -30.11
N ASN B 292 -25.45 -26.42 -30.42
CA ASN B 292 -26.05 -26.48 -31.73
C ASN B 292 -26.93 -25.25 -31.92
N PHE B 293 -27.22 -24.94 -33.18
CA PHE B 293 -28.15 -23.88 -33.49
C PHE B 293 -28.94 -24.24 -34.74
N ARG B 294 -30.13 -23.69 -34.83
CA ARG B 294 -31.04 -23.93 -35.96
C ARG B 294 -30.92 -22.76 -36.94
N TYR B 295 -30.51 -23.06 -38.16
CA TYR B 295 -30.35 -22.07 -39.21
C TYR B 295 -31.37 -22.36 -40.31
N ALA B 296 -32.04 -21.33 -40.78
CA ALA B 296 -33.08 -21.45 -41.79
C ALA B 296 -32.58 -20.91 -43.13
N LYS B 297 -32.69 -21.71 -44.17
CA LYS B 297 -32.42 -21.30 -45.54
C LYS B 297 -33.78 -21.16 -46.23
N TYR B 298 -34.16 -19.92 -46.52
CA TYR B 298 -35.46 -19.64 -47.11
C TYR B 298 -35.37 -19.57 -48.62
N TYR B 299 -36.39 -20.07 -49.30
CA TYR B 299 -36.45 -20.01 -50.75
C TYR B 299 -37.91 -20.09 -51.16
N LYS B 300 -38.13 -20.08 -52.48
CA LYS B 300 -39.47 -20.18 -53.01
C LYS B 300 -39.50 -21.35 -53.98
N GLU B 301 -40.44 -22.28 -53.78
CA GLU B 301 -40.57 -23.42 -54.65
C GLU B 301 -42.05 -23.70 -54.89
N ASN B 302 -42.42 -23.91 -56.15
CA ASN B 302 -43.82 -24.20 -56.48
C ASN B 302 -44.73 -23.06 -56.05
N GLY B 303 -44.22 -21.83 -56.13
CA GLY B 303 -45.02 -20.68 -55.76
C GLY B 303 -45.31 -20.62 -54.27
N MET B 304 -44.52 -21.33 -53.48
CA MET B 304 -44.72 -21.34 -52.03
C MET B 304 -43.43 -20.99 -51.32
N GLU B 305 -43.54 -20.28 -50.20
CA GLU B 305 -42.35 -19.98 -49.42
C GLU B 305 -41.94 -21.22 -48.67
N LYS B 306 -40.76 -21.75 -48.99
CA LYS B 306 -40.28 -22.94 -48.33
C LYS B 306 -39.03 -22.63 -47.52
N ARG B 307 -38.74 -23.49 -46.56
CA ARG B 307 -37.62 -23.32 -45.66
C ARG B 307 -36.91 -24.65 -45.45
N THR B 308 -35.60 -24.61 -45.49
CA THR B 308 -34.74 -25.74 -45.14
C THR B 308 -34.11 -25.44 -43.80
N LEU B 309 -34.43 -26.27 -42.80
CA LEU B 309 -33.95 -26.08 -41.44
C LEU B 309 -32.76 -27.00 -41.21
N ILE B 310 -31.61 -26.41 -40.88
CA ILE B 310 -30.41 -27.16 -40.55
C ILE B 310 -30.15 -26.95 -39.07
N LYS B 311 -30.26 -28.04 -38.31
CA LYS B 311 -29.82 -28.06 -36.91
C LYS B 311 -28.35 -28.43 -36.95
N ALA B 312 -27.49 -27.42 -36.83
CA ALA B 312 -26.05 -27.61 -36.91
C ALA B 312 -25.48 -27.79 -35.52
N PHE B 313 -24.91 -28.96 -35.28
CA PHE B 313 -24.15 -29.25 -34.08
C PHE B 313 -22.68 -29.07 -34.37
N GLY B 314 -21.97 -28.42 -33.45
CA GLY B 314 -20.55 -28.26 -33.64
C GLY B 314 -19.89 -27.69 -32.41
N VAL B 315 -18.60 -27.45 -32.53
CA VAL B 315 -17.79 -26.92 -31.45
C VAL B 315 -17.62 -25.43 -31.68
N ARG B 316 -18.10 -24.64 -30.72
CA ARG B 316 -17.82 -23.21 -30.72
C ARG B 316 -16.53 -22.98 -29.95
N PHE B 317 -15.52 -22.48 -30.65
CA PHE B 317 -14.21 -22.24 -30.05
C PHE B 317 -14.17 -20.78 -29.57
N ASP B 318 -14.06 -20.59 -28.26
CA ASP B 318 -13.97 -19.26 -27.69
C ASP B 318 -12.54 -18.92 -27.35
N ILE B 319 -11.97 -17.94 -28.05
CA ILE B 319 -10.61 -17.54 -27.77
C ILE B 319 -10.62 -16.55 -26.61
N LEU B 320 -10.12 -16.98 -25.46
CA LEU B 320 -10.10 -16.14 -24.27
C LEU B 320 -8.73 -15.51 -24.10
N VAL B 321 -8.63 -14.22 -24.40
CA VAL B 321 -7.35 -13.53 -24.33
C VAL B 321 -7.35 -12.68 -23.07
N PHE B 322 -6.34 -12.88 -22.23
CA PHE B 322 -6.22 -12.16 -20.98
C PHE B 322 -4.75 -12.03 -20.63
N GLY B 323 -4.46 -11.08 -19.75
CA GLY B 323 -3.11 -10.86 -19.30
C GLY B 323 -2.91 -9.43 -18.86
N THR B 324 -1.72 -9.18 -18.32
CA THR B 324 -1.35 -7.87 -17.81
C THR B 324 0.04 -7.50 -18.31
N GLY B 325 0.24 -6.21 -18.52
CA GLY B 325 1.52 -5.68 -18.89
C GLY B 325 2.07 -4.84 -17.75
N GLY B 326 3.25 -5.19 -17.27
CA GLY B 326 3.87 -4.53 -16.13
C GLY B 326 5.07 -3.70 -16.58
N LYS B 327 5.08 -2.44 -16.17
CA LYS B 327 6.17 -1.53 -16.47
C LYS B 327 6.56 -0.77 -15.21
N PHE B 328 7.86 -0.57 -15.02
CA PHE B 328 8.35 0.09 -13.81
C PHE B 328 7.67 1.44 -13.63
N ASP B 329 7.17 1.68 -12.42
CA ASP B 329 6.56 2.95 -12.05
C ASP B 329 7.13 3.37 -10.70
N ILE B 330 7.68 4.58 -10.65
CA ILE B 330 8.36 5.04 -9.44
C ILE B 330 7.36 5.19 -8.30
N ILE B 331 6.14 5.64 -8.59
CA ILE B 331 5.16 5.83 -7.53
C ILE B 331 4.81 4.51 -6.86
N GLN B 332 4.64 3.45 -7.65
CA GLN B 332 4.31 2.15 -7.07
C GLN B 332 5.45 1.65 -6.18
N LEU B 333 6.69 1.80 -6.63
CA LEU B 333 7.83 1.39 -5.83
C LEU B 333 7.91 2.18 -4.54
N VAL B 334 7.69 3.50 -4.62
CA VAL B 334 7.73 4.35 -3.43
C VAL B 334 6.65 3.93 -2.45
N VAL B 335 5.44 3.68 -2.94
CA VAL B 335 4.34 3.26 -2.08
C VAL B 335 4.67 1.93 -1.39
N TYR B 336 5.20 0.97 -2.15
CA TYR B 336 5.54 -0.32 -1.55
C TYR B 336 6.65 -0.18 -0.52
N ILE B 337 7.68 0.61 -0.81
CA ILE B 337 8.77 0.81 0.14
C ILE B 337 8.24 1.46 1.41
N GLY B 338 7.38 2.47 1.26
CA GLY B 338 6.80 3.11 2.43
C GLY B 338 5.96 2.14 3.23
N SER B 339 5.22 1.26 2.56
CA SER B 339 4.41 0.28 3.27
C SER B 339 5.29 -0.69 4.06
N THR B 340 6.45 -1.04 3.50
CA THR B 340 7.32 -2.02 4.15
C THR B 340 8.31 -1.39 5.13
N LEU B 341 8.44 -0.06 5.16
CA LEU B 341 9.44 0.56 6.02
C LEU B 341 9.19 0.24 7.49
N SER B 342 7.94 0.27 7.94
CA SER B 342 7.64 0.06 9.34
C SER B 342 8.07 -1.33 9.82
N TYR B 343 8.23 -2.29 8.92
CA TYR B 343 8.62 -3.63 9.32
C TYR B 343 10.05 -3.69 9.81
N PHE B 344 10.87 -2.68 9.49
CA PHE B 344 12.25 -2.66 9.96
C PHE B 344 12.37 -2.31 11.44
N GLY B 345 11.27 -1.91 12.07
CA GLY B 345 11.23 -1.73 13.51
C GLY B 345 10.98 -3.00 14.28
N LEU B 346 10.92 -4.14 13.58
CA LEU B 346 10.69 -5.41 14.25
C LEU B 346 11.82 -5.75 15.22
N ALA B 347 13.07 -5.48 14.82
CA ALA B 347 14.19 -5.76 15.70
C ALA B 347 14.09 -4.94 16.98
N THR B 348 13.79 -3.65 16.83
CA THR B 348 13.65 -2.80 18.01
C THR B 348 12.51 -3.29 18.89
N VAL B 349 11.37 -3.62 18.29
CA VAL B 349 10.22 -4.09 19.08
C VAL B 349 10.59 -5.35 19.85
N CYS B 350 11.21 -6.31 19.17
CA CYS B 350 11.52 -7.59 19.81
C CYS B 350 12.55 -7.42 20.92
N ILE B 351 13.63 -6.69 20.66
CA ILE B 351 14.67 -6.56 21.67
C ILE B 351 14.17 -5.74 22.85
N ASP B 352 13.39 -4.69 22.59
CA ASP B 352 12.82 -3.90 23.68
C ASP B 352 11.86 -4.73 24.52
N LEU B 353 11.06 -5.59 23.87
CA LEU B 353 10.18 -6.47 24.62
C LEU B 353 10.98 -7.44 25.47
N ILE B 354 12.08 -7.97 24.93
CA ILE B 354 12.92 -8.87 25.72
C ILE B 354 13.47 -8.15 26.94
N ILE B 355 13.97 -6.93 26.76
CA ILE B 355 14.50 -6.17 27.87
C ILE B 355 13.42 -5.88 28.90
N ASN B 356 12.23 -5.48 28.43
CA ASN B 356 11.09 -5.20 29.30
C ASN B 356 10.70 -6.40 30.13
N THR B 357 10.56 -7.57 29.51
CA THR B 357 10.05 -8.74 30.22
C THR B 357 11.11 -9.38 31.11
N TYR B 358 12.37 -9.44 30.67
CA TYR B 358 13.41 -10.09 31.44
C TYR B 358 13.90 -9.26 32.61
N ALA B 359 13.59 -7.98 32.63
CA ALA B 359 13.97 -7.11 33.73
C ALA B 359 13.03 -7.27 34.92
N SER B 360 11.85 -7.84 34.66
CA SER B 360 10.86 -8.09 35.70
C SER B 360 11.50 -8.98 36.86
N THR B 361 11.12 -8.72 38.10
CA THR B 361 11.64 -9.46 39.24
C THR B 361 11.10 -10.89 39.26
N CYS B 362 9.97 -11.09 38.59
CA CYS B 362 9.34 -12.38 38.52
C CYS B 362 10.18 -13.48 37.90
N CYS B 363 11.10 -13.07 37.03
CA CYS B 363 11.96 -14.00 36.35
C CYS B 363 13.11 -14.51 37.21
N ARG B 364 13.49 -13.68 38.16
CA ARG B 364 14.59 -13.99 39.07
C ARG B 364 14.14 -14.96 40.16
N SER B 365 12.90 -14.79 40.63
CA SER B 365 12.39 -15.60 41.71
C SER B 365 11.98 -17.00 41.24
N ARG B 366 11.42 -17.10 40.04
CA ARG B 366 10.84 -18.36 39.57
C ARG B 366 11.58 -18.93 38.36
N VAL B 367 11.72 -18.17 37.28
CA VAL B 367 12.24 -18.73 36.03
C VAL B 367 13.71 -19.09 36.19
N TYR B 368 14.52 -18.17 36.72
CA TYR B 368 15.96 -18.40 36.77
C TYR B 368 16.32 -19.61 37.62
N PRO B 369 15.81 -19.78 38.85
CA PRO B 369 16.15 -20.99 39.61
C PRO B 369 15.76 -22.27 38.88
N SER B 370 14.61 -22.28 38.20
CA SER B 370 14.20 -23.47 37.46
C SER B 370 15.04 -23.67 36.22
N CYS B 371 15.29 -22.60 35.46
CA CYS B 371 16.06 -22.66 34.23
C CYS B 371 17.34 -21.84 34.44
N LYS B 372 18.45 -22.54 34.61
CA LYS B 372 19.74 -21.87 34.78
C LYS B 372 20.29 -21.31 33.48
N CYS B 373 19.76 -21.76 32.34
CA CYS B 373 20.23 -21.28 31.04
C CYS B 373 19.76 -19.85 30.79
N CYS B 374 18.59 -19.50 31.32
CA CYS B 374 18.06 -18.17 31.16
C CYS B 374 18.45 -17.21 32.28
N GLU B 375 19.46 -17.64 33.05
CA GLU B 375 19.95 -16.88 34.19
C GLU B 375 20.80 -15.67 33.78
N PRO B 376 21.74 -15.85 32.83
CA PRO B 376 22.59 -14.70 32.48
C PRO B 376 21.85 -13.59 31.76
N CYS B 377 20.55 -13.77 31.56
CA CYS B 377 19.72 -12.77 30.96
C CYS B 377 19.19 -11.76 31.98
N ALA B 378 19.77 -11.82 33.17
CA ALA B 378 19.42 -10.92 34.25
C ALA B 378 20.00 -9.52 33.98
N VAL B 379 20.94 -9.45 33.04
CA VAL B 379 21.50 -8.17 32.63
C VAL B 379 20.43 -7.25 32.06
N ASN B 380 19.27 -7.80 31.69
CA ASN B 380 18.18 -6.99 31.17
C ASN B 380 17.66 -6.00 32.20
N GLU B 381 17.86 -6.25 33.49
CA GLU B 381 17.44 -5.28 34.50
C GLU B 381 18.29 -4.01 34.42
N TYR B 382 19.60 -4.18 34.28
CA TYR B 382 20.50 -3.04 34.10
C TYR B 382 20.13 -2.27 32.85
N TYR B 383 19.86 -2.97 31.76
CA TYR B 383 19.39 -2.32 30.54
C TYR B 383 18.08 -1.58 30.80
N TYR B 384 17.15 -2.19 31.53
CA TYR B 384 15.89 -1.55 31.72
C TYR B 384 16.06 -0.25 32.51
N ARG B 385 16.93 -0.25 33.53
CA ARG B 385 17.13 0.93 34.34
C ARG B 385 17.96 1.99 33.62
N LYS B 386 18.81 1.59 32.67
CA LYS B 386 19.52 2.58 31.86
C LYS B 386 18.68 3.10 30.71
N LYS B 387 17.55 2.46 30.40
CA LYS B 387 16.68 2.87 29.31
C LYS B 387 15.46 3.66 29.78
N CYS B 388 14.86 3.30 30.91
CA CYS B 388 13.58 3.85 31.32
C CYS B 388 13.70 4.59 32.65
N GLU B 389 13.02 5.72 32.76
CA GLU B 389 12.91 6.47 34.01
C GLU B 389 11.44 6.56 34.43
N PRO B 390 10.98 5.75 35.38
CA PRO B 390 9.57 5.82 35.79
C PRO B 390 9.28 7.11 36.55
N ILE B 391 8.15 7.73 36.23
CA ILE B 391 7.67 8.91 36.94
C ILE B 391 6.16 8.78 37.11
N VAL B 392 5.66 9.28 38.23
CA VAL B 392 4.25 9.23 38.54
C VAL B 392 3.66 10.62 38.38
N GLU B 393 2.34 10.67 38.19
CA GLU B 393 1.67 11.94 38.03
C GLU B 393 1.78 12.76 39.31
N PRO B 394 2.24 14.01 39.25
CA PRO B 394 2.32 14.83 40.47
C PRO B 394 0.97 15.43 40.86
N LYS B 395 0.07 14.57 41.31
CA LYS B 395 -1.28 14.99 41.69
C LYS B 395 -1.29 15.54 43.12
N PRO B 396 -2.33 16.30 43.48
CA PRO B 396 -2.37 16.88 44.83
C PRO B 396 -2.30 15.85 45.95
N THR B 397 -2.85 14.66 45.74
CA THR B 397 -2.82 13.63 46.76
C THR B 397 -1.48 12.91 46.87
N LEU B 398 -0.55 13.20 45.96
CA LEU B 398 0.73 12.50 45.96
C LEU B 398 1.54 12.87 47.20
N LYS B 399 1.91 11.85 47.98
CA LYS B 399 2.75 12.04 49.16
C LYS B 399 3.77 10.93 49.24
N TYR B 400 4.93 11.23 49.80
CA TYR B 400 5.99 10.26 50.01
C TYR B 400 6.40 10.30 51.47
N VAL B 401 6.51 9.13 52.09
CA VAL B 401 6.88 9.01 53.50
C VAL B 401 7.99 7.97 53.62
N SER B 402 8.97 8.27 54.46
CA SER B 402 10.09 7.37 54.73
C SER B 402 10.16 7.12 56.23
N PHE B 403 10.28 5.84 56.60
CA PHE B 403 10.43 5.44 57.99
C PHE B 403 11.83 4.88 58.19
N VAL B 404 12.53 5.38 59.21
CA VAL B 404 13.89 4.94 59.46
C VAL B 404 13.94 3.44 59.70
N ASP B 405 12.88 2.87 60.28
CA ASP B 405 12.82 1.43 60.47
C ASP B 405 12.80 0.70 59.14
N GLU B 406 11.92 1.13 58.22
CA GLU B 406 11.81 0.48 56.93
C GLU B 406 12.96 0.89 56.02
N PRO B 407 13.36 0.02 55.08
CA PRO B 407 14.46 0.37 54.17
C PRO B 407 14.03 1.05 52.88
N HIS B 408 12.73 1.15 52.62
CA HIS B 408 12.23 1.81 51.43
C HIS B 408 11.33 2.98 51.74
N ILE B 409 10.85 3.66 50.70
CA ILE B 409 9.95 4.78 50.88
C ILE B 409 8.54 4.33 50.55
N TRP B 410 7.54 5.03 51.06
CA TRP B 410 6.15 4.67 50.79
C TRP B 410 5.40 5.77 50.08
N MET B 411 4.64 5.43 49.05
CA MET B 411 3.84 6.42 48.34
C MET B 411 2.40 6.33 48.83
N VAL B 412 1.83 7.48 49.18
CA VAL B 412 0.44 7.61 49.60
C VAL B 412 -0.21 8.54 48.59
N ASP B 413 -0.99 7.97 47.68
CA ASP B 413 -1.67 8.73 46.64
C ASP B 413 -3.16 8.88 46.90
N GLN B 414 -3.65 8.41 48.04
CA GLN B 414 -5.07 8.47 48.37
C GLN B 414 -5.34 9.66 49.29
N GLN B 415 -6.57 10.16 49.22
CA GLN B 415 -6.96 11.30 50.04
C GLN B 415 -6.90 10.94 51.51
N LEU B 416 -6.48 11.91 52.33
CA LEU B 416 -6.40 11.74 53.77
C LEU B 416 -7.74 12.13 54.37
N LEU B 417 -8.64 11.15 54.47
CA LEU B 417 -9.98 11.38 54.99
C LEU B 417 -9.99 11.26 56.51
N GLY B 418 -9.27 12.17 57.16
CA GLY B 418 -9.19 12.19 58.60
C GLY B 418 -8.16 11.24 59.17
N LYS B 419 -8.01 10.07 58.53
CA LYS B 419 -7.05 9.10 59.01
C LYS B 419 -5.64 9.66 58.96
N SER B 420 -4.88 9.45 60.04
CA SER B 420 -3.53 9.97 60.12
C SER B 420 -2.66 9.37 59.02
N LEU B 421 -1.75 10.18 58.49
CA LEU B 421 -0.87 9.72 57.41
C LEU B 421 -0.05 8.51 57.85
N GLN B 422 0.21 8.39 59.15
CA GLN B 422 0.96 7.24 59.66
C GLN B 422 0.21 5.93 59.40
N ASP B 423 -1.11 5.95 59.57
CA ASP B 423 -1.92 4.74 59.45
C ASP B 423 -2.20 4.35 58.01
N VAL B 424 -2.00 5.25 57.05
CA VAL B 424 -2.23 4.93 55.65
C VAL B 424 -1.07 4.07 55.14
N LYS B 425 -1.40 2.97 54.49
CA LYS B 425 -0.37 2.03 54.04
C LYS B 425 0.35 2.53 52.80
N GLY B 426 -0.39 2.73 51.70
CA GLY B 426 0.22 3.14 50.46
C GLY B 426 0.94 1.99 49.79
N GLN B 427 1.70 2.34 48.75
CA GLN B 427 2.48 1.38 47.99
C GLN B 427 3.96 1.69 48.14
N GLU B 428 4.75 0.66 48.47
CA GLU B 428 6.17 0.85 48.67
C GLU B 428 6.90 1.09 47.35
N VAL B 429 7.92 1.92 47.39
CA VAL B 429 8.74 2.20 46.20
C VAL B 429 10.21 2.17 46.59
N PRO B 430 11.08 1.80 45.67
CA PRO B 430 12.51 1.71 45.99
C PRO B 430 13.14 3.08 46.23
N ARG B 431 14.21 3.06 47.01
CA ARG B 431 14.97 4.27 47.31
C ARG B 431 16.11 4.43 46.32
N PRO B 432 16.18 5.59 45.65
CA PRO B 432 17.26 5.83 44.70
C PRO B 432 18.60 5.82 45.40
N GLN B 433 19.67 5.54 44.67
CA GLN B 433 21.00 5.57 45.26
C GLN B 433 21.52 6.99 45.22
N THR B 434 21.70 7.60 46.39
CA THR B 434 22.27 8.93 46.44
C THR B 434 23.61 8.82 45.74
N ASP B 435 23.83 9.64 44.73
CA ASP B 435 25.07 9.52 43.95
C ASP B 435 26.27 9.35 44.86
N PHE B 436 26.91 8.18 44.79
CA PHE B 436 28.09 7.94 45.61
C PHE B 436 29.13 8.95 45.20
N LEU B 437 29.17 9.27 43.91
CA LEU B 437 30.16 10.23 43.41
C LEU B 437 30.07 11.55 44.16
N GLU B 438 28.85 12.08 44.31
CA GLU B 438 28.68 13.31 45.08
C GLU B 438 28.80 13.06 46.57
N LEU B 439 28.49 11.84 47.02
CA LEU B 439 28.57 11.48 48.43
C LEU B 439 29.93 10.93 48.83
N SER B 440 30.88 10.83 47.89
CA SER B 440 32.22 10.35 48.22
C SER B 440 33.01 11.34 49.06
N ARG B 441 32.51 12.56 49.23
CA ARG B 441 33.22 13.58 49.99
C ARG B 441 33.22 13.21 51.48
N LEU B 442 33.82 14.08 52.28
CA LEU B 442 33.90 13.87 53.72
C LEU B 442 32.52 13.65 54.33
N ASP B 472 2.42 14.62 76.60
CA ASP B 472 2.24 13.24 76.18
C ASP B 472 2.42 13.11 74.67
N SER B 473 3.16 12.08 74.25
CA SER B 473 3.40 11.87 72.84
C SER B 473 2.12 11.40 72.15
N PRO B 474 1.94 11.73 70.87
CA PRO B 474 0.76 11.26 70.15
C PRO B 474 0.73 9.74 70.06
N ASP B 475 -0.49 9.20 69.99
CA ASP B 475 -0.65 7.75 69.92
C ASP B 475 0.03 7.18 68.68
N TRP B 476 -0.13 7.85 67.53
CA TRP B 476 0.50 7.37 66.30
C TRP B 476 2.02 7.48 66.35
N CYS B 477 2.56 8.32 67.22
CA CYS B 477 4.01 8.48 67.31
C CYS B 477 4.65 7.26 67.95
N GLN B 478 5.91 7.01 67.58
CA GLN B 478 6.67 5.88 68.11
C GLN B 478 8.11 6.30 68.46
N CYS B 479 8.37 7.61 68.55
CA CYS B 479 9.71 8.10 68.86
C CYS B 479 9.75 9.00 70.08
N GLY B 480 8.61 9.50 70.54
CA GLY B 480 8.56 10.32 71.74
C GLY B 480 8.88 11.78 71.54
N ASN B 481 9.17 12.21 70.31
CA ASN B 481 9.49 13.59 70.02
C ASN B 481 8.47 14.29 69.14
N CYS B 482 7.52 13.55 68.56
CA CYS B 482 6.50 14.16 67.73
C CYS B 482 5.50 14.93 68.59
N LEU B 483 4.88 15.94 67.99
CA LEU B 483 3.92 16.80 68.66
C LEU B 483 2.67 16.92 67.81
N PRO B 484 1.53 17.22 68.42
CA PRO B 484 0.30 17.40 67.62
C PRO B 484 0.45 18.52 66.61
N SER B 485 -0.19 18.35 65.46
CA SER B 485 -0.12 19.35 64.40
C SER B 485 -0.92 20.58 64.77
N GLN B 486 -0.42 21.75 64.36
CA GLN B 486 -1.10 23.02 64.57
C GLN B 486 -2.00 23.38 63.40
N LEU B 487 -2.09 22.54 62.38
CA LEU B 487 -2.93 22.83 61.24
C LEU B 487 -4.41 22.66 61.60
N PRO B 488 -5.31 23.18 60.77
CA PRO B 488 -6.74 22.91 61.00
C PRO B 488 -7.02 21.42 60.95
N GLU B 489 -8.00 21.00 61.74
CA GLU B 489 -8.30 19.58 61.88
C GLU B 489 -8.53 18.91 60.53
N ASN B 490 -9.24 19.59 59.62
CA ASN B 490 -9.61 18.97 58.35
C ASN B 490 -8.38 18.43 57.62
N ARG B 491 -7.24 19.12 57.74
CA ARG B 491 -6.02 18.68 57.10
C ARG B 491 -4.92 18.39 58.11
N ARG B 492 -5.27 18.05 59.35
CA ARG B 492 -4.27 17.76 60.36
C ARG B 492 -3.62 16.39 60.17
N ALA B 493 -4.28 15.48 59.44
CA ALA B 493 -3.74 14.15 59.26
C ALA B 493 -2.46 14.14 58.46
N LEU B 494 -2.21 15.17 57.65
CA LEU B 494 -0.99 15.22 56.86
C LEU B 494 0.25 15.26 57.74
N GLU B 495 0.22 16.07 58.79
CA GLU B 495 1.36 16.23 59.69
C GLU B 495 1.39 15.19 60.80
N GLU B 496 0.40 14.29 60.87
CA GLU B 496 0.38 13.24 61.88
C GLU B 496 1.21 12.06 61.40
N LEU B 497 2.51 12.31 61.30
CA LEU B 497 3.46 11.33 60.79
C LEU B 497 4.69 11.29 61.69
N CYS B 498 5.18 10.09 61.96
CA CYS B 498 6.34 9.86 62.79
C CYS B 498 7.51 9.37 61.95
N CYS B 499 8.72 9.51 62.51
CA CYS B 499 9.93 9.11 61.80
C CYS B 499 10.08 7.60 61.70
N ARG B 500 9.28 6.82 62.41
CA ARG B 500 9.43 5.38 62.40
C ARG B 500 8.05 4.74 62.55
N ARG B 501 7.97 3.48 62.13
CA ARG B 501 6.73 2.71 62.20
C ARG B 501 6.63 1.90 63.48
N LYS B 502 7.73 1.65 64.16
CA LYS B 502 7.77 0.88 65.40
C LYS B 502 8.53 1.67 66.44
N PRO B 503 8.29 1.41 67.72
CA PRO B 503 8.95 2.21 68.76
C PRO B 503 10.46 2.07 68.71
N GLY B 504 11.14 3.18 69.00
CA GLY B 504 12.58 3.20 68.95
C GLY B 504 13.10 4.62 69.06
N GLN B 505 14.39 4.76 68.82
CA GLN B 505 15.03 6.07 68.94
C GLN B 505 14.64 6.97 67.76
N CYS B 506 14.43 8.24 68.07
CA CYS B 506 14.07 9.21 67.04
C CYS B 506 15.25 9.46 66.11
N ILE B 507 14.93 9.68 64.82
CA ILE B 507 15.96 9.98 63.84
C ILE B 507 16.64 11.31 64.17
N THR B 508 15.93 12.21 64.84
CA THR B 508 16.52 13.50 65.19
C THR B 508 17.69 13.34 66.13
N THR B 509 17.71 12.26 66.93
CA THR B 509 18.80 12.05 67.88
C THR B 509 20.14 11.83 67.19
N SER B 510 20.13 11.38 65.93
CA SER B 510 21.37 11.16 65.21
C SER B 510 22.09 12.48 64.97
N GLU B 511 23.40 12.48 65.14
CA GLU B 511 24.19 13.69 64.91
C GLU B 511 24.14 14.12 63.45
N LEU B 512 24.01 13.16 62.52
CA LEU B 512 23.93 13.51 61.12
C LEU B 512 22.69 14.34 60.82
N PHE B 513 21.61 14.13 61.59
CA PHE B 513 20.43 14.96 61.43
C PHE B 513 20.75 16.43 61.71
N SER B 514 21.48 16.68 62.80
CA SER B 514 21.88 18.04 63.12
C SER B 514 22.84 18.59 62.08
N LYS B 515 23.78 17.76 61.61
CA LYS B 515 24.75 18.23 60.62
C LYS B 515 24.06 18.62 59.32
N ILE B 516 23.10 17.82 58.86
CA ILE B 516 22.46 18.07 57.58
C ILE B 516 21.32 19.06 57.72
N VAL B 517 20.51 18.93 58.78
CA VAL B 517 19.27 19.68 58.90
C VAL B 517 19.45 20.89 59.82
N LEU B 518 19.82 20.64 61.07
CA LEU B 518 19.87 21.70 62.08
C LEU B 518 21.10 22.59 61.96
N SER B 519 22.12 22.17 61.22
CA SER B 519 23.35 22.96 61.12
C SER B 519 23.04 24.28 60.42
N ARG B 520 23.04 25.37 61.19
CA ARG B 520 22.78 26.68 60.60
C ARG B 520 23.86 27.05 59.60
N GLU B 521 25.11 26.68 59.88
CA GLU B 521 26.20 27.01 58.97
C GLU B 521 26.00 26.36 57.60
N ALA B 522 25.62 25.09 57.58
CA ALA B 522 25.41 24.40 56.31
C ALA B 522 24.27 25.01 55.51
N LEU B 523 23.16 25.32 56.18
CA LEU B 523 22.02 25.92 55.50
C LEU B 523 22.39 27.31 54.97
N GLN B 524 23.15 28.08 55.75
CA GLN B 524 23.59 29.39 55.28
C GLN B 524 24.51 29.26 54.08
N LEU B 525 25.41 28.26 54.10
CA LEU B 525 26.27 28.03 52.94
C LEU B 525 25.45 27.70 51.70
N LEU B 526 24.42 26.85 51.87
CA LEU B 526 23.56 26.52 50.73
C LEU B 526 22.84 27.76 50.21
N LEU B 527 22.31 28.57 51.13
CA LEU B 527 21.63 29.80 50.72
C LEU B 527 22.56 30.72 49.96
N LEU B 528 23.79 30.89 50.46
CA LEU B 528 24.77 31.72 49.76
C LEU B 528 25.10 31.15 48.39
N TYR B 529 25.21 29.84 48.30
CA TYR B 529 25.52 29.21 47.01
C TYR B 529 24.49 29.65 45.99
N GLN B 530 23.21 29.61 46.36
CA GLN B 530 22.18 30.06 45.45
C GLN B 530 22.13 31.57 45.38
N GLU B 531 22.21 32.23 46.54
CA GLU B 531 22.16 33.69 46.59
C GLU B 531 23.41 34.19 47.27
N PRO B 532 24.47 34.47 46.50
CA PRO B 532 25.74 34.85 47.12
C PRO B 532 25.66 36.05 48.03
N LEU B 533 24.84 37.05 47.68
CA LEU B 533 24.74 38.29 48.44
C LEU B 533 23.55 38.32 49.38
N LEU B 534 22.98 37.16 49.70
CA LEU B 534 21.85 37.10 50.61
C LEU B 534 22.24 37.70 51.96
N ALA B 535 21.36 38.54 52.50
CA ALA B 535 21.60 39.16 53.80
C ALA B 535 21.18 38.20 54.91
N LEU B 536 22.16 37.75 55.70
CA LEU B 536 21.91 36.78 56.77
C LEU B 536 21.39 37.48 58.03
N GLU B 537 20.21 38.10 57.88
CA GLU B 537 19.59 38.79 58.99
C GLU B 537 18.10 38.94 58.69
N GLY B 538 17.32 39.19 59.75
CA GLY B 538 15.90 39.40 59.63
C GLY B 538 15.11 38.12 59.75
N GLU B 539 13.79 38.29 59.93
CA GLU B 539 12.90 37.14 60.05
C GLU B 539 12.85 36.33 58.77
N ALA B 540 13.19 36.96 57.65
CA ALA B 540 13.17 36.28 56.36
C ALA B 540 14.19 35.15 56.27
N ILE B 541 15.43 35.39 56.70
CA ILE B 541 16.45 34.36 56.57
C ILE B 541 16.03 33.13 57.36
N ASN B 542 15.34 33.33 58.47
CA ASN B 542 14.94 32.22 59.31
C ASN B 542 13.94 31.33 58.58
N SER B 543 13.04 31.94 57.82
CA SER B 543 12.09 31.17 57.04
C SER B 543 12.83 30.49 55.91
N LYS B 544 13.78 31.19 55.31
CA LYS B 544 14.61 30.57 54.27
C LYS B 544 15.37 29.38 54.83
N LEU B 545 15.93 29.52 56.04
CA LEU B 545 16.65 28.41 56.66
C LEU B 545 15.70 27.25 56.97
N ARG B 546 14.48 27.54 57.41
CA ARG B 546 13.52 26.49 57.70
C ARG B 546 13.18 25.70 56.43
N HIS B 547 12.92 26.43 55.34
CA HIS B 547 12.62 25.77 54.08
C HIS B 547 13.82 24.97 53.57
N CYS B 548 15.02 25.52 53.72
CA CYS B 548 16.22 24.80 53.30
C CYS B 548 16.41 23.52 54.12
N ALA B 549 16.12 23.59 55.42
CA ALA B 549 16.20 22.40 56.26
C ALA B 549 15.18 21.35 55.82
N TYR B 550 13.95 21.79 55.51
CA TYR B 550 12.95 20.85 54.99
C TYR B 550 13.47 20.18 53.72
N ARG B 551 13.98 20.97 52.78
CA ARG B 551 14.50 20.40 51.53
C ARG B 551 15.66 19.45 51.81
N SER B 552 16.54 19.82 52.73
CA SER B 552 17.70 18.98 53.03
C SER B 552 17.27 17.64 53.59
N TYR B 553 16.34 17.64 54.55
CA TYR B 553 15.85 16.38 55.09
C TYR B 553 15.17 15.56 54.01
N ALA B 554 14.34 16.19 53.18
CA ALA B 554 13.63 15.46 52.14
C ALA B 554 14.61 14.83 51.15
N THR B 555 15.62 15.59 50.74
CA THR B 555 16.60 15.06 49.81
C THR B 555 17.43 13.94 50.43
N TRP B 556 17.81 14.11 51.70
CA TRP B 556 18.61 13.09 52.38
C TRP B 556 17.83 11.78 52.50
N ARG B 557 16.56 11.84 52.88
CA ARG B 557 15.78 10.64 53.13
C ARG B 557 15.03 10.13 51.91
N PHE B 558 14.95 10.92 50.84
CA PHE B 558 14.24 10.49 49.62
C PHE B 558 15.14 10.53 48.39
N VAL B 559 16.29 11.20 48.49
CA VAL B 559 17.26 11.25 47.38
C VAL B 559 16.75 11.99 46.16
N SER B 560 15.80 11.40 45.43
CA SER B 560 15.26 12.03 44.24
C SER B 560 14.48 13.29 44.59
N GLN B 561 14.56 14.30 43.73
CA GLN B 561 13.78 15.52 43.94
C GLN B 561 12.34 15.27 43.56
N ASP B 562 12.10 14.23 42.77
CA ASP B 562 10.74 13.84 42.41
C ASP B 562 9.99 13.43 43.66
N MET B 563 10.62 12.62 44.50
CA MET B 563 9.99 12.20 45.74
C MET B 563 10.13 13.27 46.82
N ALA B 564 11.27 13.95 46.87
CA ALA B 564 11.48 14.98 47.88
C ALA B 564 10.50 16.14 47.71
N ASP B 565 10.18 16.49 46.47
CA ASP B 565 9.21 17.56 46.23
C ASP B 565 7.87 17.24 46.86
N PHE B 566 7.48 15.96 46.89
CA PHE B 566 6.21 15.54 47.46
C PHE B 566 6.38 14.74 48.75
N ALA B 567 7.57 14.76 49.33
CA ALA B 567 7.80 14.06 50.59
C ALA B 567 7.09 14.80 51.72
N ILE B 568 6.83 14.06 52.80
CA ILE B 568 6.20 14.62 54.00
C ILE B 568 7.15 14.41 55.16
N LEU B 569 7.52 15.49 55.82
CA LEU B 569 8.44 15.42 56.94
C LEU B 569 7.74 14.86 58.18
N PRO B 570 8.43 14.05 58.99
CA PRO B 570 7.84 13.62 60.25
C PRO B 570 7.60 14.80 61.18
N SER B 571 6.60 14.66 62.06
CA SER B 571 6.26 15.73 62.98
C SER B 571 7.45 16.07 63.88
N CYS B 572 8.17 15.07 64.36
CA CYS B 572 9.30 15.31 65.25
C CYS B 572 10.35 16.16 64.55
N CYS B 573 10.79 15.73 63.36
CA CYS B 573 11.81 16.46 62.62
C CYS B 573 11.32 17.85 62.23
N ARG B 574 10.07 17.94 61.76
CA ARG B 574 9.50 19.23 61.38
C ARG B 574 9.54 20.20 62.55
N TRP B 575 9.09 19.76 63.72
CA TRP B 575 9.01 20.67 64.86
C TRP B 575 10.38 20.97 65.44
N LYS B 576 11.33 20.04 65.36
CA LYS B 576 12.69 20.36 65.75
C LYS B 576 13.28 21.44 64.84
N ILE B 577 13.05 21.30 63.53
CA ILE B 577 13.52 22.32 62.59
C ILE B 577 12.89 23.66 62.90
N ARG B 578 11.58 23.66 63.16
CA ARG B 578 10.90 24.91 63.49
C ARG B 578 11.43 25.52 64.77
N LYS B 579 11.74 24.67 65.76
CA LYS B 579 12.34 25.17 66.99
C LYS B 579 13.69 25.83 66.71
N GLU B 580 14.50 25.22 65.85
CA GLU B 580 15.78 25.82 65.49
C GLU B 580 15.58 27.13 64.73
N PHE B 581 14.62 27.17 63.82
CA PHE B 581 14.33 28.36 63.01
C PHE B 581 12.84 28.67 63.10
N PRO B 582 12.39 29.22 64.22
CA PRO B 582 10.95 29.43 64.42
C PRO B 582 10.42 30.67 63.73
N LYS B 583 9.10 30.71 63.62
CA LYS B 583 8.37 31.84 63.08
C LYS B 583 7.89 32.71 64.24
N THR B 584 8.14 34.02 64.13
CA THR B 584 7.89 34.93 65.24
C THR B 584 6.42 34.99 65.62
N GLN B 585 5.56 35.50 64.74
CA GLN B 585 4.16 35.75 65.06
C GLN B 585 3.25 35.29 63.93
N GLY B 586 3.48 34.06 63.45
CA GLY B 586 2.66 33.51 62.38
C GLY B 586 2.42 32.03 62.57
N GLN B 587 1.51 31.51 61.75
CA GLN B 587 1.16 30.09 61.75
C GLN B 587 1.78 29.42 60.54
N TYR B 588 2.46 28.28 60.75
CA TYR B 588 3.15 27.59 59.65
C TYR B 588 2.19 27.06 58.60
N SER B 589 2.46 27.36 57.33
CA SER B 589 1.62 26.88 56.25
C SER B 589 1.68 25.38 56.13
N GLY B 590 2.87 24.81 56.26
CA GLY B 590 3.03 23.38 56.11
C GLY B 590 3.25 23.00 54.66
N PHE B 591 3.18 21.71 54.37
CA PHE B 591 3.45 21.24 53.02
C PHE B 591 2.55 21.91 52.00
N LYS B 592 3.11 22.26 50.85
CA LYS B 592 2.35 22.89 49.80
C LYS B 592 2.40 22.05 48.56
N TYR B 593 1.27 21.82 47.93
CA TYR B 593 1.25 21.08 46.69
C TYR B 593 2.11 21.88 45.73
N PRO B 594 3.17 21.26 45.19
CA PRO B 594 4.08 22.01 44.34
C PRO B 594 3.54 22.15 42.93
N TYR B 595 2.36 21.61 42.67
CA TYR B 595 1.78 21.66 41.34
C TYR B 595 0.39 22.29 41.37
N SER C 6 -1.58 -3.94 38.87
CA SER C 6 -1.62 -4.30 37.46
C SER C 6 -2.41 -3.28 36.66
N TRP C 7 -3.42 -2.68 37.27
CA TRP C 7 -4.17 -1.63 36.61
C TRP C 7 -3.28 -0.43 36.42
N ASN C 8 -2.42 -0.15 37.40
CA ASN C 8 -1.48 0.94 37.26
C ASN C 8 -0.63 0.67 36.05
N ASP C 9 -0.28 -0.59 35.83
CA ASP C 9 0.52 -0.97 34.67
C ASP C 9 -0.23 -0.65 33.39
N VAL C 10 -1.53 -0.92 33.38
CA VAL C 10 -2.33 -0.59 32.22
C VAL C 10 -2.30 0.90 32.04
N PHE C 11 -2.41 1.63 33.14
CA PHE C 11 -2.41 3.08 33.06
C PHE C 11 -1.01 3.62 32.97
N GLN C 12 -0.25 3.14 31.98
CA GLN C 12 1.07 3.72 31.78
C GLN C 12 1.23 4.25 30.37
N TYR C 13 2.01 5.32 30.22
CA TYR C 13 2.37 5.87 28.93
C TYR C 13 3.87 6.08 28.88
N GLU C 14 4.50 5.57 27.84
CA GLU C 14 5.94 5.72 27.63
C GLU C 14 6.19 6.78 26.57
N THR C 15 7.01 7.76 26.93
CA THR C 15 7.40 8.83 26.02
C THR C 15 8.92 8.83 25.86
N ASN C 16 9.38 9.03 24.64
CA ASN C 16 10.80 9.00 24.35
C ASN C 16 11.49 10.24 24.90
N LYS C 17 12.63 10.04 25.55
CA LYS C 17 13.47 11.16 25.94
C LYS C 17 14.13 11.75 24.70
N VAL C 18 14.09 13.07 24.59
CA VAL C 18 14.60 13.76 23.41
C VAL C 18 15.55 14.86 23.83
N THR C 19 16.44 15.21 22.90
CA THR C 19 17.37 16.33 23.05
C THR C 19 17.03 17.36 21.98
N ARG C 20 16.45 18.48 22.40
CA ARG C 20 16.12 19.56 21.48
C ARG C 20 17.36 20.37 21.18
N ILE C 21 17.71 20.46 19.90
CA ILE C 21 18.91 21.17 19.45
C ILE C 21 18.46 22.48 18.79
N GLN C 22 18.94 23.60 19.32
CA GLN C 22 18.68 24.91 18.73
C GLN C 22 19.73 25.19 17.65
N SER C 23 19.62 24.44 16.57
CA SER C 23 20.53 24.53 15.44
C SER C 23 19.80 25.05 14.22
N VAL C 24 20.35 26.07 13.58
CA VAL C 24 19.73 26.62 12.38
C VAL C 24 19.83 25.63 11.22
N ASN C 25 21.01 25.03 11.03
CA ASN C 25 21.21 24.12 9.91
C ASN C 25 20.35 22.88 10.05
N TYR C 26 20.26 22.31 11.25
CA TYR C 26 19.48 21.08 11.45
C TYR C 26 18.01 21.36 11.29
N GLY C 27 17.54 22.46 11.82
CA GLY C 27 16.15 22.84 11.62
C GLY C 27 15.84 23.07 10.15
N THR C 28 16.73 23.75 9.44
CA THR C 28 16.55 23.95 8.01
C THR C 28 16.45 22.63 7.27
N ILE C 29 17.38 21.71 7.55
CA ILE C 29 17.38 20.42 6.88
C ILE C 29 16.10 19.65 7.20
N LYS C 30 15.70 19.65 8.47
CA LYS C 30 14.50 18.92 8.86
C LYS C 30 13.27 19.45 8.12
N TRP C 31 13.09 20.78 8.11
CA TRP C 31 11.92 21.35 7.48
C TRP C 31 11.95 21.17 5.96
N ILE C 32 13.14 21.28 5.36
CA ILE C 32 13.24 21.09 3.91
C ILE C 32 12.89 19.66 3.55
N LEU C 33 13.42 18.69 4.30
CA LEU C 33 13.12 17.30 4.01
C LEU C 33 11.65 16.97 4.24
N HIS C 34 11.06 17.51 5.31
CA HIS C 34 9.65 17.29 5.55
C HIS C 34 8.80 17.88 4.44
N MET C 35 9.13 19.10 3.99
CA MET C 35 8.39 19.71 2.88
C MET C 35 8.54 18.91 1.60
N THR C 36 9.76 18.41 1.33
CA THR C 36 9.96 17.61 0.12
C THR C 36 9.14 16.33 0.17
N VAL C 37 9.17 15.63 1.30
CA VAL C 37 8.40 14.39 1.44
C VAL C 37 6.91 14.68 1.29
N PHE C 38 6.42 15.72 1.96
CA PHE C 38 5.00 16.05 1.88
C PHE C 38 4.60 16.43 0.46
N SER C 39 5.43 17.22 -0.22
CA SER C 39 5.12 17.64 -1.57
C SER C 39 5.07 16.45 -2.52
N TYR C 40 6.04 15.55 -2.42
CA TYR C 40 6.02 14.38 -3.30
C TYR C 40 4.84 13.47 -2.98
N VAL C 41 4.53 13.27 -1.70
CA VAL C 41 3.41 12.41 -1.33
C VAL C 41 2.11 12.99 -1.87
N SER C 42 1.91 14.30 -1.71
CA SER C 42 0.70 14.94 -2.21
C SER C 42 0.64 14.88 -3.73
N PHE C 43 1.76 15.11 -4.40
CA PHE C 43 1.78 15.05 -5.86
C PHE C 43 1.44 13.67 -6.36
N ALA C 44 1.98 12.62 -5.72
CA ALA C 44 1.63 11.27 -6.10
C ALA C 44 0.17 10.98 -5.82
N LEU C 45 -0.36 11.48 -4.70
CA LEU C 45 -1.75 11.23 -4.35
C LEU C 45 -2.70 11.85 -5.37
N MET C 46 -2.43 13.08 -5.79
CA MET C 46 -3.35 13.77 -6.71
C MET C 46 -3.12 13.36 -8.16
N SER C 47 -1.87 13.16 -8.57
CA SER C 47 -1.58 12.81 -9.96
C SER C 47 -2.12 11.43 -10.30
N ASP C 48 -1.89 10.45 -9.44
CA ASP C 48 -2.33 9.09 -9.67
C ASP C 48 -3.70 8.81 -9.05
N LYS C 49 -4.33 9.80 -8.42
CA LYS C 49 -5.65 9.63 -7.81
C LYS C 49 -5.66 8.43 -6.88
N LEU C 50 -4.61 8.30 -6.07
CA LEU C 50 -4.47 7.17 -5.15
C LEU C 50 -5.51 7.20 -4.04
N TYR C 51 -6.21 8.31 -3.86
CA TYR C 51 -7.34 8.37 -2.94
C TYR C 51 -8.60 7.77 -3.52
N GLN C 52 -8.59 7.40 -4.80
CA GLN C 52 -9.76 6.90 -5.49
C GLN C 52 -9.70 5.38 -5.65
N ARG C 53 -10.84 4.74 -5.40
CA ARG C 53 -11.04 3.37 -5.85
C ARG C 53 -11.36 3.42 -7.34
N LYS C 54 -10.63 2.62 -8.12
CA LYS C 54 -10.78 2.56 -9.56
CA LYS C 54 -10.78 2.56 -9.56
C LYS C 54 -11.46 1.26 -9.95
N GLU C 55 -12.47 1.36 -10.82
CA GLU C 55 -13.23 0.21 -11.27
C GLU C 55 -13.21 0.15 -12.78
N PRO C 56 -12.96 -1.02 -13.38
CA PRO C 56 -13.07 -1.13 -14.84
C PRO C 56 -14.50 -1.00 -15.30
N LEU C 57 -14.68 -0.49 -16.52
CA LEU C 57 -16.00 -0.30 -17.08
C LEU C 57 -16.50 -1.56 -17.77
N ILE C 58 -17.82 -1.63 -17.92
CA ILE C 58 -18.48 -2.61 -18.77
C ILE C 58 -19.16 -1.82 -19.89
N SER C 59 -18.92 -2.22 -21.13
CA SER C 59 -19.31 -1.45 -22.30
C SER C 59 -20.25 -2.22 -23.21
N SER C 60 -21.14 -1.47 -23.85
CA SER C 60 -22.00 -1.98 -24.91
C SER C 60 -21.87 -1.04 -26.10
N VAL C 61 -21.68 -1.61 -27.28
CA VAL C 61 -21.46 -0.85 -28.50
C VAL C 61 -22.57 -1.17 -29.49
N HIS C 62 -23.13 -0.11 -30.09
CA HIS C 62 -24.13 -0.23 -31.14
C HIS C 62 -23.65 0.59 -32.33
N THR C 63 -23.39 -0.08 -33.44
CA THR C 63 -22.85 0.57 -34.64
C THR C 63 -23.90 0.62 -35.73
N LYS C 64 -23.91 1.73 -36.47
CA LYS C 64 -24.80 1.91 -37.61
C LYS C 64 -24.00 2.50 -38.76
N VAL C 65 -23.88 1.75 -39.85
CA VAL C 65 -23.13 2.18 -41.02
C VAL C 65 -24.09 2.80 -42.03
N LYS C 66 -23.73 3.98 -42.52
CA LYS C 66 -24.44 4.65 -43.60
C LYS C 66 -23.51 4.73 -44.80
N GLY C 67 -24.06 4.51 -45.97
CA GLY C 67 -23.28 4.59 -47.19
C GLY C 67 -23.86 3.73 -48.29
N VAL C 68 -23.65 4.18 -49.53
CA VAL C 68 -24.12 3.49 -50.73
C VAL C 68 -22.97 3.45 -51.72
N ALA C 69 -22.82 2.31 -52.39
CA ALA C 69 -21.74 2.11 -53.35
C ALA C 69 -22.31 1.63 -54.68
N GLU C 70 -21.60 1.97 -55.76
CA GLU C 70 -21.94 1.56 -57.10
C GLU C 70 -20.79 0.79 -57.70
N VAL C 71 -21.09 -0.35 -58.34
CA VAL C 71 -20.09 -1.17 -59.00
C VAL C 71 -20.55 -1.42 -60.43
N THR C 72 -19.60 -1.42 -61.36
CA THR C 72 -19.88 -1.73 -62.76
C THR C 72 -18.79 -2.69 -63.22
N GLU C 73 -19.17 -3.94 -63.48
CA GLU C 73 -18.19 -4.98 -63.80
C GLU C 73 -18.75 -5.85 -64.90
N ASN C 74 -18.10 -7.00 -65.13
CA ASN C 74 -18.54 -7.95 -66.15
C ASN C 74 -18.69 -9.34 -65.56
N THR C 81 -20.26 -13.05 -70.90
CA THR C 81 -19.67 -11.79 -70.47
C THR C 81 -20.61 -10.62 -70.80
N LYS C 82 -21.29 -10.11 -69.77
CA LYS C 82 -22.21 -9.00 -69.91
C LYS C 82 -21.95 -7.97 -68.82
N LEU C 83 -22.19 -6.71 -69.14
CA LEU C 83 -21.97 -5.64 -68.18
C LEU C 83 -23.02 -5.71 -67.08
N VAL C 84 -22.58 -5.65 -65.83
CA VAL C 84 -23.45 -5.73 -64.66
C VAL C 84 -23.25 -4.44 -63.86
N HIS C 85 -24.35 -3.75 -63.60
CA HIS C 85 -24.39 -2.51 -62.83
C HIS C 85 -25.08 -2.81 -61.51
N GLY C 86 -24.32 -2.83 -60.43
CA GLY C 86 -24.83 -3.23 -59.13
C GLY C 86 -24.78 -2.11 -58.11
N ILE C 87 -25.80 -2.13 -57.26
CA ILE C 87 -25.87 -1.12 -56.15
CA ILE C 87 -25.88 -1.15 -56.13
C ILE C 87 -25.66 -1.90 -54.82
N PHE C 88 -24.82 -1.37 -53.97
CA PHE C 88 -24.52 -1.98 -52.68
C PHE C 88 -24.94 -1.04 -51.57
N ASP C 89 -25.95 -1.43 -50.81
CA ASP C 89 -26.35 -0.74 -49.60
C ASP C 89 -25.92 -1.56 -48.39
N THR C 90 -26.29 -1.07 -47.20
CA THR C 90 -25.82 -1.68 -45.96
C THR C 90 -26.07 -3.18 -45.93
N ALA C 91 -27.25 -3.62 -46.38
CA ALA C 91 -27.56 -5.04 -46.39
C ALA C 91 -26.71 -5.82 -47.38
N ASP C 92 -26.01 -5.14 -48.30
CA ASP C 92 -25.17 -5.81 -49.29
C ASP C 92 -23.70 -5.87 -48.88
N TYR C 93 -23.25 -5.04 -47.94
CA TYR C 93 -21.85 -5.03 -47.53
C TYR C 93 -21.64 -5.08 -46.02
N THR C 94 -22.71 -5.22 -45.24
CA THR C 94 -22.60 -5.35 -43.79
C THR C 94 -23.32 -6.60 -43.32
N LEU C 95 -22.79 -7.21 -42.26
CA LEU C 95 -23.42 -8.33 -41.59
C LEU C 95 -24.34 -7.82 -40.49
N PRO C 96 -25.32 -8.65 -40.06
CA PRO C 96 -26.27 -8.17 -39.05
C PRO C 96 -25.62 -7.70 -37.76
N LEU C 97 -24.47 -8.25 -37.39
CA LEU C 97 -23.80 -7.83 -36.16
C LEU C 97 -23.54 -6.34 -36.17
N GLN C 98 -23.86 -5.68 -35.06
CA GLN C 98 -23.65 -4.25 -34.90
C GLN C 98 -23.05 -3.93 -33.53
N GLY C 99 -22.28 -4.86 -32.97
CA GLY C 99 -21.72 -4.70 -31.64
C GLY C 99 -20.30 -4.17 -31.63
N ASN C 100 -19.43 -4.84 -30.88
CA ASN C 100 -18.05 -4.39 -30.73
C ASN C 100 -17.26 -4.48 -32.02
N SER C 101 -17.77 -5.19 -33.03
CA SER C 101 -17.11 -5.29 -34.31
C SER C 101 -18.13 -5.24 -35.43
N PHE C 102 -17.81 -4.50 -36.49
CA PHE C 102 -18.64 -4.44 -37.68
C PHE C 102 -17.73 -4.55 -38.89
N PHE C 103 -18.20 -5.28 -39.90
CA PHE C 103 -17.46 -5.53 -41.12
C PHE C 103 -18.07 -4.74 -42.27
N VAL C 104 -17.20 -4.12 -43.07
CA VAL C 104 -17.61 -3.40 -44.27
C VAL C 104 -16.90 -4.05 -45.45
N MET C 105 -17.68 -4.57 -46.39
CA MET C 105 -17.10 -5.15 -47.60
C MET C 105 -16.53 -4.07 -48.49
N THR C 106 -15.31 -4.28 -48.95
CA THR C 106 -14.63 -3.37 -49.85
C THR C 106 -14.23 -4.00 -51.17
N ASN C 107 -14.25 -5.33 -51.27
CA ASN C 107 -13.90 -6.03 -52.49
C ASN C 107 -14.53 -7.41 -52.43
N TYR C 108 -14.69 -8.04 -53.58
CA TYR C 108 -15.28 -9.37 -53.58
C TYR C 108 -14.87 -10.13 -54.83
N LEU C 109 -14.80 -11.44 -54.67
CA LEU C 109 -14.68 -12.39 -55.77
C LEU C 109 -15.91 -13.28 -55.75
N LYS C 110 -16.61 -13.35 -56.88
CA LYS C 110 -17.86 -14.09 -56.97
C LYS C 110 -17.70 -15.30 -57.88
N SER C 111 -18.08 -16.47 -57.38
CA SER C 111 -18.10 -17.71 -58.14
C SER C 111 -19.53 -18.22 -58.09
N GLU C 112 -20.30 -17.96 -59.14
CA GLU C 112 -21.71 -18.31 -59.18
C GLU C 112 -21.92 -19.70 -59.77
N GLY C 113 -23.04 -20.31 -59.36
CA GLY C 113 -23.44 -21.59 -59.93
C GLY C 113 -22.49 -22.74 -59.66
N GLN C 114 -22.02 -22.87 -58.42
CA GLN C 114 -21.16 -23.99 -58.08
C GLN C 114 -21.97 -25.25 -57.83
N GLU C 115 -21.44 -26.38 -58.27
CA GLU C 115 -22.03 -27.69 -58.02
C GLU C 115 -20.97 -28.60 -57.42
N GLN C 116 -21.42 -29.50 -56.54
CA GLN C 116 -20.51 -30.45 -55.91
C GLN C 116 -20.18 -31.54 -56.91
N LYS C 117 -19.00 -31.45 -57.53
CA LYS C 117 -18.60 -32.36 -58.58
C LYS C 117 -17.09 -32.26 -58.76
N LEU C 118 -16.59 -32.89 -59.82
CA LEU C 118 -15.16 -32.91 -60.11
C LEU C 118 -14.80 -31.75 -61.03
N CYS C 119 -13.63 -31.16 -60.79
CA CYS C 119 -13.18 -30.03 -61.60
C CYS C 119 -11.69 -29.86 -61.39
N PRO C 120 -10.99 -29.19 -62.31
CA PRO C 120 -9.57 -28.86 -62.09
C PRO C 120 -9.44 -27.70 -61.13
N GLU C 121 -8.53 -27.83 -60.15
CA GLU C 121 -8.32 -26.75 -59.20
C GLU C 121 -7.75 -25.51 -59.88
N TYR C 122 -8.05 -24.36 -59.29
CA TYR C 122 -7.56 -23.11 -59.83
C TYR C 122 -6.04 -23.07 -59.72
N PRO C 123 -5.34 -22.63 -60.78
CA PRO C 123 -3.85 -22.57 -60.74
C PRO C 123 -3.34 -21.38 -59.92
N SER C 124 -3.27 -21.58 -58.62
CA SER C 124 -2.85 -20.56 -57.67
C SER C 124 -1.55 -20.96 -56.99
N ARG C 125 -0.69 -19.97 -56.75
CA ARG C 125 0.59 -20.20 -56.07
C ARG C 125 1.40 -21.29 -56.77
N GLY C 126 1.41 -21.24 -58.10
CA GLY C 126 2.16 -22.23 -58.86
C GLY C 126 1.69 -23.65 -58.66
N LYS C 127 0.37 -23.85 -58.65
CA LYS C 127 -0.23 -25.18 -58.48
C LYS C 127 -0.39 -25.91 -59.80
N GLN C 128 0.39 -25.55 -60.82
CA GLN C 128 0.27 -26.18 -62.12
C GLN C 128 0.63 -27.66 -62.03
N CYS C 129 -0.04 -28.45 -62.87
CA CYS C 129 0.17 -29.90 -62.94
C CYS C 129 0.81 -30.27 -64.27
N HIS C 130 1.74 -31.21 -64.24
CA HIS C 130 2.42 -31.68 -65.43
C HIS C 130 2.22 -33.16 -65.61
N SER C 131 2.05 -33.90 -64.51
CA SER C 131 1.87 -35.34 -64.56
C SER C 131 0.99 -35.78 -63.40
N ASP C 132 0.49 -37.00 -63.51
CA ASP C 132 -0.38 -37.55 -62.48
C ASP C 132 0.32 -37.71 -61.14
N GLN C 133 1.66 -37.77 -61.14
CA GLN C 133 2.41 -37.95 -59.91
C GLN C 133 2.50 -36.67 -59.07
N GLY C 134 2.06 -35.54 -59.60
CA GLY C 134 2.14 -34.28 -58.88
C GLY C 134 1.06 -34.06 -57.85
N CYS C 135 0.15 -35.02 -57.67
CA CYS C 135 -0.93 -34.92 -56.70
C CYS C 135 -1.34 -36.30 -56.22
N ILE C 136 -1.94 -36.36 -55.04
CA ILE C 136 -2.35 -37.63 -54.45
C ILE C 136 -3.86 -37.78 -54.38
N LYS C 137 -4.36 -38.97 -54.69
CA LYS C 137 -5.79 -39.20 -54.63
C LYS C 137 -6.29 -39.23 -53.20
N GLY C 138 -7.47 -38.68 -52.97
CA GLY C 138 -8.05 -38.67 -51.64
C GLY C 138 -7.37 -37.68 -50.73
N TRP C 139 -6.45 -36.88 -51.24
CA TRP C 139 -5.81 -35.87 -50.41
C TRP C 139 -6.76 -34.69 -50.21
N MET C 140 -7.11 -34.41 -48.96
CA MET C 140 -8.03 -33.30 -48.69
C MET C 140 -7.24 -32.01 -48.68
N ASP C 141 -7.16 -31.36 -49.83
CA ASP C 141 -6.43 -30.10 -49.93
C ASP C 141 -7.29 -28.96 -49.43
N PRO C 142 -6.92 -28.34 -48.29
CA PRO C 142 -7.67 -27.21 -47.79
C PRO C 142 -7.37 -25.95 -48.58
N GLN C 143 -6.24 -25.92 -49.29
CA GLN C 143 -5.92 -24.78 -50.13
C GLN C 143 -6.86 -24.72 -51.31
N SER C 144 -7.01 -25.84 -52.01
CA SER C 144 -7.91 -25.90 -53.15
C SER C 144 -9.33 -26.08 -52.65
N LYS C 145 -9.49 -26.49 -51.39
CA LYS C 145 -10.81 -26.69 -50.82
C LYS C 145 -11.56 -27.82 -51.52
N GLY C 146 -10.83 -28.88 -51.87
CA GLY C 146 -11.40 -30.04 -52.50
C GLY C 146 -10.57 -31.26 -52.17
N ILE C 147 -11.09 -32.43 -52.58
CA ILE C 147 -10.42 -33.70 -52.39
C ILE C 147 -9.92 -34.17 -53.75
N GLN C 148 -8.61 -34.38 -53.84
CA GLN C 148 -7.99 -34.78 -55.09
C GLN C 148 -8.42 -36.18 -55.49
N THR C 149 -8.66 -36.36 -56.79
CA THR C 149 -8.98 -37.66 -57.35
C THR C 149 -7.74 -38.44 -57.78
N GLY C 150 -6.56 -37.83 -57.74
CA GLY C 150 -5.33 -38.48 -58.12
C GLY C 150 -4.96 -38.35 -59.59
N ARG C 151 -5.83 -37.78 -60.41
CA ARG C 151 -5.57 -37.62 -61.84
C ARG C 151 -5.27 -36.17 -62.17
N CYS C 152 -4.53 -35.99 -63.26
CA CYS C 152 -4.16 -34.68 -63.77
C CYS C 152 -5.01 -34.38 -65.00
N ILE C 153 -5.67 -33.24 -64.99
CA ILE C 153 -6.59 -32.86 -66.07
C ILE C 153 -6.26 -31.44 -66.51
N PRO C 154 -6.64 -31.08 -67.74
CA PRO C 154 -6.30 -29.73 -68.25
C PRO C 154 -7.26 -28.68 -67.74
N TYR C 155 -6.74 -27.73 -66.95
CA TYR C 155 -7.55 -26.59 -66.54
C TYR C 155 -7.88 -25.70 -67.72
N ASP C 156 -6.94 -25.54 -68.64
CA ASP C 156 -7.14 -24.74 -69.84
C ASP C 156 -6.28 -25.34 -70.94
N GLN C 157 -6.06 -24.57 -72.02
CA GLN C 157 -5.30 -25.08 -73.14
C GLN C 157 -3.80 -25.14 -72.85
N LYS C 158 -3.28 -24.20 -72.05
CA LYS C 158 -1.85 -24.09 -71.81
C LYS C 158 -1.39 -24.79 -70.54
N ARG C 159 -2.16 -24.69 -69.47
CA ARG C 159 -1.76 -25.28 -68.19
C ARG C 159 -2.70 -26.36 -67.76
N LYS C 160 -2.22 -27.22 -66.86
CA LYS C 160 -3.02 -28.35 -66.41
C LYS C 160 -3.10 -28.30 -64.90
N THR C 161 -4.13 -28.89 -64.31
CA THR C 161 -4.25 -28.95 -62.85
C THR C 161 -5.00 -30.20 -62.48
N CYS C 162 -4.69 -30.79 -61.32
CA CYS C 162 -5.32 -32.05 -60.96
C CYS C 162 -6.81 -31.87 -60.67
N GLU C 163 -7.53 -32.98 -60.80
CA GLU C 163 -8.96 -33.00 -60.56
C GLU C 163 -9.25 -33.14 -59.07
N ILE C 164 -10.23 -32.37 -58.61
CA ILE C 164 -10.66 -32.39 -57.22
C ILE C 164 -12.18 -32.45 -57.19
N PHE C 165 -12.71 -33.20 -56.23
CA PHE C 165 -14.14 -33.17 -55.93
C PHE C 165 -14.40 -32.00 -55.00
N ALA C 166 -15.08 -30.99 -55.49
CA ALA C 166 -15.29 -29.77 -54.73
C ALA C 166 -16.48 -29.03 -55.35
N TRP C 167 -16.69 -27.81 -54.87
CA TRP C 167 -17.65 -26.90 -55.49
C TRP C 167 -17.01 -26.34 -56.75
N CYS C 168 -17.61 -26.65 -57.90
CA CYS C 168 -17.06 -26.35 -59.20
C CYS C 168 -17.96 -25.37 -59.96
N PRO C 169 -17.39 -24.44 -60.72
CA PRO C 169 -15.96 -24.23 -60.99
C PRO C 169 -15.17 -23.72 -59.78
N ALA C 170 -14.11 -24.44 -59.42
CA ALA C 170 -13.27 -24.02 -58.32
C ALA C 170 -12.42 -22.83 -58.73
N GLU C 171 -12.41 -21.79 -57.90
CA GLU C 171 -11.66 -20.57 -58.18
C GLU C 171 -10.86 -20.10 -56.98
N GLU C 172 -10.66 -20.95 -55.97
CA GLU C 172 -9.91 -20.56 -54.80
C GLU C 172 -8.46 -20.25 -55.18
N GLY C 173 -7.96 -19.13 -54.66
CA GLY C 173 -6.63 -18.66 -54.98
C GLY C 173 -6.58 -17.52 -55.98
N LYS C 174 -7.70 -17.23 -56.64
CA LYS C 174 -7.75 -16.09 -57.54
C LYS C 174 -7.49 -14.80 -56.78
N GLU C 175 -6.80 -13.86 -57.40
CA GLU C 175 -6.45 -12.61 -56.73
C GLU C 175 -7.64 -11.67 -56.55
N ALA C 176 -7.62 -10.89 -55.48
CA ALA C 176 -8.68 -9.92 -55.26
C ALA C 176 -8.63 -8.86 -56.35
N PRO C 177 -9.80 -8.36 -56.76
CA PRO C 177 -9.84 -7.31 -57.79
C PRO C 177 -8.99 -6.09 -57.45
N ARG C 178 -8.40 -5.45 -58.44
CA ARG C 178 -7.63 -4.24 -58.18
C ARG C 178 -7.79 -3.27 -59.35
N PRO C 179 -8.42 -2.11 -59.11
CA PRO C 179 -8.70 -1.54 -57.80
C PRO C 179 -9.86 -2.24 -57.09
N ALA C 180 -10.00 -2.01 -55.79
CA ALA C 180 -11.10 -2.62 -55.04
C ALA C 180 -12.44 -2.12 -55.56
N LEU C 181 -13.38 -3.05 -55.72
CA LEU C 181 -14.67 -2.71 -56.31
C LEU C 181 -15.45 -1.73 -55.44
N LEU C 182 -15.46 -1.95 -54.14
CA LEU C 182 -16.15 -1.05 -53.21
C LEU C 182 -15.16 -0.07 -52.58
N ARG C 183 -14.48 0.67 -53.45
CA ARG C 183 -13.59 1.73 -53.00
C ARG C 183 -14.37 2.84 -52.31
N SER C 184 -15.54 3.17 -52.85
CA SER C 184 -16.39 4.23 -52.29
C SER C 184 -16.69 4.02 -50.82
N ALA C 185 -16.41 2.84 -50.26
CA ALA C 185 -16.59 2.62 -48.83
C ALA C 185 -15.77 3.58 -47.99
N GLU C 186 -14.70 4.15 -48.55
CA GLU C 186 -13.95 5.17 -47.81
C GLU C 186 -14.84 6.33 -47.42
N ASN C 187 -15.88 6.60 -48.21
CA ASN C 187 -16.83 7.66 -47.92
C ASN C 187 -17.97 7.24 -47.00
N PHE C 188 -18.05 5.96 -46.66
CA PHE C 188 -19.07 5.51 -45.72
C PHE C 188 -18.80 6.10 -44.35
N THR C 189 -19.87 6.23 -43.57
CA THR C 189 -19.79 6.72 -42.20
C THR C 189 -20.33 5.67 -41.25
N VAL C 190 -19.85 5.68 -40.02
CA VAL C 190 -20.33 4.80 -38.97
C VAL C 190 -20.64 5.63 -37.73
N LEU C 191 -21.84 5.44 -37.19
CA LEU C 191 -22.25 6.03 -35.93
C LEU C 191 -22.05 4.98 -34.85
N ILE C 192 -21.26 5.32 -33.84
CA ILE C 192 -20.94 4.41 -32.75
C ILE C 192 -21.58 4.95 -31.48
N LYS C 193 -22.50 4.18 -30.92
CA LYS C 193 -23.12 4.48 -29.64
C LYS C 193 -22.49 3.58 -28.60
N ASN C 194 -21.85 4.19 -27.60
CA ASN C 194 -21.13 3.46 -26.58
C ASN C 194 -21.75 3.76 -25.22
N ASN C 195 -22.34 2.74 -24.60
CA ASN C 195 -22.89 2.84 -23.26
C ASN C 195 -21.92 2.16 -22.30
N ILE C 196 -21.38 2.92 -21.36
CA ILE C 196 -20.43 2.38 -20.40
C ILE C 196 -21.02 2.50 -19.00
N ASP C 197 -20.65 1.55 -18.14
CA ASP C 197 -21.17 1.48 -16.79
C ASP C 197 -20.08 1.03 -15.83
N PHE C 198 -20.05 1.64 -14.66
CA PHE C 198 -19.24 1.21 -13.52
C PHE C 198 -20.21 0.69 -12.47
N PRO C 199 -20.42 -0.63 -12.36
CA PRO C 199 -21.44 -1.12 -11.41
C PRO C 199 -21.06 -0.90 -9.96
N GLY C 200 -19.80 -1.13 -9.60
CA GLY C 200 -19.37 -0.87 -8.24
C GLY C 200 -19.61 0.57 -7.82
N HIS C 201 -19.30 1.51 -8.71
CA HIS C 201 -19.56 2.92 -8.46
C HIS C 201 -20.99 3.32 -8.79
N ASN C 202 -21.79 2.40 -9.32
CA ASN C 202 -23.18 2.67 -9.66
C ASN C 202 -23.32 3.90 -10.55
N TYR C 203 -22.49 3.94 -11.59
CA TYR C 203 -22.52 5.04 -12.55
C TYR C 203 -22.68 4.48 -13.95
N THR C 204 -23.32 5.25 -14.81
CA THR C 204 -23.47 4.85 -16.20
C THR C 204 -23.62 6.09 -17.07
N THR C 205 -22.97 6.08 -18.23
CA THR C 205 -23.09 7.16 -19.18
C THR C 205 -22.97 6.59 -20.59
N ARG C 206 -23.12 7.48 -21.58
CA ARG C 206 -22.99 7.09 -22.97
C ARG C 206 -22.24 8.19 -23.71
N ASN C 207 -21.69 7.83 -24.87
CA ASN C 207 -20.86 8.73 -25.65
C ASN C 207 -21.66 9.77 -26.41
N ILE C 208 -22.98 9.68 -26.44
CA ILE C 208 -23.82 10.66 -27.10
C ILE C 208 -24.72 11.30 -26.05
N LEU C 209 -24.58 12.60 -25.87
CA LEU C 209 -25.35 13.37 -24.91
C LEU C 209 -26.25 14.38 -25.63
N PRO C 210 -27.32 14.83 -25.00
CA PRO C 210 -28.20 15.80 -25.65
C PRO C 210 -27.45 17.06 -26.04
N GLY C 211 -27.81 17.60 -27.21
CA GLY C 211 -27.21 18.81 -27.73
C GLY C 211 -26.18 18.58 -28.81
N MET C 212 -25.66 17.36 -28.95
CA MET C 212 -24.68 17.07 -29.97
C MET C 212 -25.30 17.26 -31.36
N ASN C 213 -24.57 17.92 -32.24
CA ASN C 213 -25.05 18.15 -33.59
C ASN C 213 -25.03 16.86 -34.40
N ILE C 214 -26.07 16.64 -35.20
CA ILE C 214 -26.19 15.38 -35.94
C ILE C 214 -25.46 15.44 -37.27
N SER C 215 -25.16 16.63 -37.78
CA SER C 215 -24.38 16.76 -39.01
C SER C 215 -22.88 16.67 -38.75
N CYS C 216 -22.48 16.50 -37.50
CA CYS C 216 -21.07 16.40 -37.16
C CYS C 216 -20.42 15.18 -37.77
N THR C 217 -19.12 15.32 -38.05
CA THR C 217 -18.25 14.21 -38.41
C THR C 217 -17.00 14.31 -37.53
N PHE C 218 -16.50 13.17 -37.07
CA PHE C 218 -15.40 13.18 -36.12
C PHE C 218 -14.16 13.82 -36.72
N HIS C 219 -13.46 14.58 -35.88
CA HIS C 219 -12.14 15.11 -36.21
C HIS C 219 -11.32 15.14 -34.93
N LYS C 220 -9.99 15.04 -35.09
CA LYS C 220 -9.11 14.99 -33.93
C LYS C 220 -9.23 16.25 -33.08
N THR C 221 -9.30 17.42 -33.72
CA THR C 221 -9.31 18.69 -33.03
C THR C 221 -10.64 19.42 -33.12
N TRP C 222 -11.26 19.46 -34.30
CA TRP C 222 -12.48 20.23 -34.47
C TRP C 222 -13.67 19.55 -33.80
N ASN C 223 -13.81 18.24 -33.96
CA ASN C 223 -14.95 17.49 -33.42
C ASN C 223 -14.46 16.21 -32.74
N PRO C 224 -13.72 16.34 -31.64
CA PRO C 224 -13.21 15.14 -30.96
C PRO C 224 -14.29 14.30 -30.30
N GLN C 225 -15.47 14.86 -30.04
CA GLN C 225 -16.54 14.14 -29.37
C GLN C 225 -17.64 13.70 -30.32
N CYS C 226 -17.47 13.88 -31.61
CA CYS C 226 -18.47 13.46 -32.57
C CYS C 226 -18.34 11.96 -32.81
N PRO C 227 -19.38 11.16 -32.55
CA PRO C 227 -19.25 9.71 -32.72
C PRO C 227 -19.57 9.20 -34.11
N ILE C 228 -19.61 10.09 -35.09
CA ILE C 228 -19.83 9.73 -36.49
C ILE C 228 -18.48 9.81 -37.20
N PHE C 229 -17.99 8.66 -37.65
CA PHE C 229 -16.65 8.53 -38.20
C PHE C 229 -16.72 8.15 -39.67
N ARG C 230 -16.03 8.91 -40.52
CA ARG C 230 -15.82 8.50 -41.91
C ARG C 230 -14.67 7.50 -41.95
N LEU C 231 -14.90 6.37 -42.62
CA LEU C 231 -13.91 5.29 -42.62
C LEU C 231 -12.58 5.77 -43.23
N GLY C 232 -12.64 6.51 -44.33
CA GLY C 232 -11.43 7.05 -44.91
C GLY C 232 -10.69 7.97 -43.96
N ASP C 233 -11.43 8.79 -43.21
CA ASP C 233 -10.81 9.65 -42.20
C ASP C 233 -10.16 8.83 -41.12
N ILE C 234 -10.80 7.73 -40.71
CA ILE C 234 -10.18 6.83 -39.73
C ILE C 234 -8.84 6.33 -40.25
N PHE C 235 -8.80 5.89 -41.50
CA PHE C 235 -7.56 5.34 -42.05
C PHE C 235 -6.47 6.40 -42.16
N GLN C 236 -6.79 7.58 -42.71
CA GLN C 236 -5.80 8.63 -42.90
C GLN C 236 -5.39 9.35 -41.62
N GLU C 237 -6.17 9.25 -40.54
CA GLU C 237 -5.72 9.83 -39.27
C GLU C 237 -4.45 9.15 -38.78
N ILE C 238 -4.30 7.85 -39.03
CA ILE C 238 -3.14 7.09 -38.59
C ILE C 238 -2.24 6.72 -39.78
N GLY C 239 -2.32 7.47 -40.87
CA GLY C 239 -1.45 7.22 -42.01
C GLY C 239 -1.67 5.89 -42.70
N GLU C 240 -2.92 5.47 -42.83
CA GLU C 240 -3.26 4.25 -43.53
C GLU C 240 -4.03 4.59 -44.81
N ASN C 241 -3.75 3.85 -45.87
CA ASN C 241 -4.33 4.10 -47.19
C ASN C 241 -5.53 3.17 -47.36
N PHE C 242 -6.74 3.75 -47.29
CA PHE C 242 -7.95 2.95 -47.41
C PHE C 242 -8.04 2.28 -48.77
N THR C 243 -7.62 2.98 -49.82
CA THR C 243 -7.71 2.42 -51.17
C THR C 243 -6.90 1.13 -51.28
N GLU C 244 -5.70 1.12 -50.71
CA GLU C 244 -4.86 -0.08 -50.79
C GLU C 244 -5.39 -1.19 -49.89
N VAL C 245 -5.79 -0.85 -48.67
CA VAL C 245 -6.28 -1.87 -47.74
C VAL C 245 -7.58 -2.49 -48.25
N ALA C 246 -8.37 -1.73 -49.02
CA ALA C 246 -9.64 -2.22 -49.53
C ALA C 246 -9.49 -3.41 -50.46
N VAL C 247 -8.33 -3.57 -51.10
CA VAL C 247 -8.14 -4.67 -52.03
C VAL C 247 -8.18 -6.01 -51.30
N GLN C 248 -7.26 -6.20 -50.35
CA GLN C 248 -7.19 -7.45 -49.61
C GLN C 248 -7.84 -7.37 -48.24
N GLY C 249 -8.27 -6.18 -47.81
CA GLY C 249 -8.93 -6.02 -46.53
C GLY C 249 -7.94 -5.86 -45.39
N GLY C 250 -8.52 -5.73 -44.20
CA GLY C 250 -7.72 -5.57 -43.00
C GLY C 250 -8.60 -5.43 -41.78
N ILE C 251 -7.96 -5.15 -40.65
CA ILE C 251 -8.65 -4.99 -39.37
C ILE C 251 -8.23 -3.65 -38.78
N MET C 252 -9.22 -2.81 -38.50
CA MET C 252 -9.01 -1.51 -37.88
C MET C 252 -9.68 -1.48 -36.50
N GLY C 253 -8.95 -1.00 -35.51
CA GLY C 253 -9.46 -0.88 -34.17
C GLY C 253 -9.78 0.56 -33.82
N ILE C 254 -11.02 0.79 -33.44
CA ILE C 254 -11.48 2.09 -32.95
C ILE C 254 -11.45 2.01 -31.43
N GLU C 255 -10.47 2.67 -30.81
CA GLU C 255 -10.28 2.63 -29.38
C GLU C 255 -11.06 3.77 -28.74
N ILE C 256 -11.92 3.43 -27.79
CA ILE C 256 -12.69 4.41 -27.01
C ILE C 256 -12.19 4.30 -25.59
N TYR C 257 -11.40 5.27 -25.16
CA TYR C 257 -10.82 5.31 -23.83
C TYR C 257 -11.67 6.18 -22.92
N TRP C 258 -12.07 5.63 -21.77
CA TRP C 258 -12.88 6.35 -20.79
C TRP C 258 -12.04 6.55 -19.54
N ASP C 259 -11.38 7.71 -19.45
CA ASP C 259 -10.69 8.12 -18.23
C ASP C 259 -11.66 8.97 -17.44
N CYS C 260 -12.46 8.31 -16.61
CA CYS C 260 -13.60 8.92 -15.96
C CYS C 260 -13.32 9.19 -14.50
N ASN C 261 -13.53 10.43 -14.08
CA ASN C 261 -13.47 10.84 -12.69
C ASN C 261 -14.91 11.06 -12.21
N LEU C 262 -15.33 10.25 -11.24
CA LEU C 262 -16.71 10.26 -10.78
C LEU C 262 -16.91 11.10 -9.53
N ASP C 263 -15.88 11.78 -9.03
CA ASP C 263 -16.05 12.69 -7.91
C ASP C 263 -16.87 13.90 -8.36
N SER C 264 -17.79 14.33 -7.49
CA SER C 264 -18.67 15.44 -7.84
C SER C 264 -17.88 16.72 -8.11
N TRP C 265 -16.87 17.00 -7.29
CA TRP C 265 -16.10 18.22 -7.44
C TRP C 265 -15.16 18.17 -8.65
N SER C 266 -14.89 16.99 -9.19
CA SER C 266 -14.00 16.83 -10.33
C SER C 266 -14.59 15.86 -11.33
N HIS C 267 -15.90 15.93 -11.54
CA HIS C 267 -16.57 14.98 -12.42
C HIS C 267 -16.16 15.22 -13.87
N ARG C 268 -15.58 14.19 -14.49
CA ARG C 268 -15.20 14.28 -15.90
C ARG C 268 -15.17 12.85 -16.44
N CYS C 269 -16.22 12.47 -17.16
CA CYS C 269 -16.34 11.14 -17.75
C CYS C 269 -16.67 11.34 -19.23
N GLN C 270 -15.62 11.46 -20.05
CA GLN C 270 -15.77 11.72 -21.46
C GLN C 270 -14.92 10.75 -22.26
N PRO C 271 -15.42 10.26 -23.39
CA PRO C 271 -14.61 9.33 -24.20
C PRO C 271 -13.59 10.04 -25.06
N LYS C 272 -12.46 9.37 -25.25
CA LYS C 272 -11.43 9.81 -26.18
C LYS C 272 -11.28 8.74 -27.26
N TYR C 273 -11.38 9.15 -28.52
CA TYR C 273 -11.34 8.24 -29.65
C TYR C 273 -9.96 8.23 -30.28
N SER C 274 -9.46 7.03 -30.55
CA SER C 274 -8.22 6.85 -31.28
C SER C 274 -8.39 5.68 -32.24
N PHE C 275 -7.44 5.52 -33.15
CA PHE C 275 -7.50 4.48 -34.16
C PHE C 275 -6.16 3.76 -34.24
N ARG C 276 -6.23 2.47 -34.54
CA ARG C 276 -5.01 1.66 -34.62
C ARG C 276 -5.25 0.48 -35.55
N ARG C 277 -4.37 0.31 -36.54
CA ARG C 277 -4.45 -0.87 -37.38
C ARG C 277 -4.09 -2.11 -36.58
N LEU C 278 -4.96 -3.13 -36.64
CA LEU C 278 -4.78 -4.34 -35.86
C LEU C 278 -4.20 -5.51 -36.66
N ASP C 279 -4.38 -5.52 -37.98
CA ASP C 279 -3.80 -6.56 -38.82
C ASP C 279 -2.41 -6.14 -39.27
N ASP C 280 -1.49 -7.10 -39.25
CA ASP C 280 -0.11 -6.83 -39.64
C ASP C 280 -0.04 -6.55 -41.13
N LYS C 281 0.44 -5.36 -41.48
CA LYS C 281 0.56 -4.99 -42.89
C LYS C 281 1.48 -5.93 -43.65
N TYR C 282 2.50 -6.46 -42.99
CA TYR C 282 3.51 -7.30 -43.62
C TYR C 282 3.31 -8.78 -43.28
N THR C 283 2.05 -9.21 -43.18
CA THR C 283 1.76 -10.61 -42.93
C THR C 283 2.27 -11.48 -44.07
N ASN C 284 2.80 -12.65 -43.71
CA ASN C 284 3.30 -13.58 -44.72
C ASN C 284 2.17 -14.00 -45.65
N GLU C 285 2.51 -14.19 -46.92
CA GLU C 285 1.49 -14.54 -47.92
C GLU C 285 0.76 -15.82 -47.54
N SER C 286 1.44 -16.76 -46.90
CA SER C 286 0.84 -18.02 -46.49
C SER C 286 0.03 -17.90 -45.20
N LEU C 287 0.09 -16.77 -44.52
CA LEU C 287 -0.65 -16.55 -43.27
C LEU C 287 -1.91 -15.71 -43.49
N PHE C 288 -2.51 -15.77 -44.68
CA PHE C 288 -3.78 -15.07 -44.91
C PHE C 288 -3.67 -13.57 -44.65
N PRO C 289 -2.90 -12.87 -45.49
CA PRO C 289 -2.78 -11.41 -45.33
C PRO C 289 -4.12 -10.69 -45.54
N GLY C 290 -4.33 -9.61 -44.81
CA GLY C 290 -5.56 -8.84 -44.94
C GLY C 290 -6.72 -9.47 -44.19
N TYR C 291 -7.93 -9.19 -44.63
CA TYR C 291 -9.11 -9.75 -44.00
C TYR C 291 -10.15 -10.08 -45.08
N ASN C 292 -10.63 -11.32 -45.06
CA ASN C 292 -11.67 -11.75 -45.96
C ASN C 292 -12.32 -13.00 -45.39
N PHE C 293 -13.52 -13.28 -45.88
CA PHE C 293 -14.20 -14.52 -45.53
C PHE C 293 -15.01 -15.01 -46.70
N ARG C 294 -15.22 -16.32 -46.74
CA ARG C 294 -15.98 -16.97 -47.81
C ARG C 294 -17.40 -17.23 -47.32
N TYR C 295 -18.37 -16.63 -48.01
CA TYR C 295 -19.77 -16.78 -47.68
C TYR C 295 -20.47 -17.51 -48.82
N ALA C 296 -21.29 -18.49 -48.47
CA ALA C 296 -21.99 -19.32 -49.44
C ALA C 296 -23.47 -18.96 -49.47
N LYS C 297 -23.97 -18.68 -50.67
CA LYS C 297 -25.38 -18.47 -50.93
C LYS C 297 -25.89 -19.72 -51.63
N TYR C 298 -26.70 -20.52 -50.93
CA TYR C 298 -27.18 -21.78 -51.47
C TYR C 298 -28.55 -21.60 -52.11
N TYR C 299 -28.77 -22.31 -53.21
CA TYR C 299 -30.05 -22.27 -53.90
C TYR C 299 -30.20 -23.56 -54.69
N LYS C 300 -31.32 -23.66 -55.42
CA LYS C 300 -31.58 -24.82 -56.24
C LYS C 300 -31.84 -24.33 -57.65
N GLU C 301 -31.11 -24.89 -58.62
CA GLU C 301 -31.30 -24.51 -60.00
C GLU C 301 -31.20 -25.75 -60.87
N ASN C 302 -32.14 -25.92 -61.80
CA ASN C 302 -32.12 -27.08 -62.69
C ASN C 302 -32.19 -28.38 -61.91
N GLY C 303 -32.92 -28.36 -60.79
CA GLY C 303 -33.05 -29.55 -59.98
C GLY C 303 -31.76 -29.96 -59.31
N MET C 304 -30.82 -29.03 -59.20
CA MET C 304 -29.54 -29.32 -58.56
C MET C 304 -29.24 -28.32 -57.47
N GLU C 305 -28.60 -28.77 -56.40
CA GLU C 305 -28.22 -27.85 -55.35
C GLU C 305 -27.01 -27.06 -55.82
N LYS C 306 -27.17 -25.76 -55.98
CA LYS C 306 -26.08 -24.91 -56.43
C LYS C 306 -25.69 -23.94 -55.32
N ARG C 307 -24.47 -23.43 -55.44
CA ARG C 307 -23.90 -22.53 -54.45
C ARG C 307 -23.16 -21.40 -55.15
N THR C 308 -23.38 -20.18 -54.67
CA THR C 308 -22.62 -19.01 -55.09
C THR C 308 -21.67 -18.64 -53.97
N LEU C 309 -20.38 -18.71 -54.24
CA LEU C 309 -19.35 -18.44 -53.25
C LEU C 309 -18.84 -17.01 -53.44
N ILE C 310 -18.98 -16.19 -52.40
CA ILE C 310 -18.47 -14.83 -52.40
C ILE C 310 -17.32 -14.78 -51.41
N LYS C 311 -16.12 -14.55 -51.95
CA LYS C 311 -14.96 -14.24 -51.11
C LYS C 311 -14.98 -12.75 -50.90
N ALA C 312 -15.46 -12.33 -49.73
CA ALA C 312 -15.62 -10.92 -49.40
C ALA C 312 -14.39 -10.44 -48.65
N PHE C 313 -13.69 -9.49 -49.26
CA PHE C 313 -12.58 -8.78 -48.62
C PHE C 313 -13.11 -7.46 -48.08
N GLY C 314 -12.71 -7.13 -46.88
CA GLY C 314 -13.13 -5.86 -46.33
C GLY C 314 -12.40 -5.56 -45.04
N VAL C 315 -12.78 -4.44 -44.44
CA VAL C 315 -12.20 -3.96 -43.20
C VAL C 315 -13.13 -4.35 -42.07
N ARG C 316 -12.63 -5.16 -41.14
CA ARG C 316 -13.35 -5.44 -39.90
C ARG C 316 -12.94 -4.39 -38.88
N PHE C 317 -13.91 -3.58 -38.47
CA PHE C 317 -13.66 -2.51 -37.50
C PHE C 317 -13.96 -3.05 -36.10
N ASP C 318 -12.92 -3.12 -35.27
CA ASP C 318 -13.09 -3.57 -33.89
C ASP C 318 -13.12 -2.41 -32.94
N ILE C 319 -14.27 -2.19 -32.31
CA ILE C 319 -14.39 -1.10 -31.36
C ILE C 319 -13.85 -1.57 -30.01
N LEU C 320 -12.70 -1.03 -29.61
CA LEU C 320 -12.08 -1.42 -28.35
C LEU C 320 -12.40 -0.41 -27.28
N VAL C 321 -13.29 -0.76 -26.36
CA VAL C 321 -13.71 0.15 -25.31
C VAL C 321 -13.03 -0.26 -24.02
N PHE C 322 -12.33 0.68 -23.40
CA PHE C 322 -11.60 0.42 -22.18
C PHE C 322 -11.54 1.70 -21.37
N GLY C 323 -11.27 1.55 -20.08
CA GLY C 323 -11.15 2.69 -19.20
C GLY C 323 -11.48 2.31 -17.78
N THR C 324 -11.27 3.28 -16.89
CA THR C 324 -11.50 3.08 -15.47
C THR C 324 -12.27 4.28 -14.92
N GLY C 325 -13.11 3.99 -13.93
CA GLY C 325 -13.84 5.01 -13.22
C GLY C 325 -13.32 5.12 -11.80
N GLY C 326 -12.87 6.31 -11.42
CA GLY C 326 -12.28 6.54 -10.10
C GLY C 326 -13.21 7.38 -9.24
N LYS C 327 -13.45 6.89 -8.04
CA LYS C 327 -14.29 7.58 -7.07
C LYS C 327 -13.61 7.56 -5.71
N PHE C 328 -13.71 8.68 -4.98
CA PHE C 328 -13.03 8.79 -3.69
C PHE C 328 -13.44 7.64 -2.78
N ASP C 329 -12.44 6.99 -2.18
CA ASP C 329 -12.66 5.93 -1.20
C ASP C 329 -11.77 6.20 0.00
N ILE C 330 -12.37 6.25 1.18
CA ILE C 330 -11.63 6.61 2.39
C ILE C 330 -10.58 5.55 2.70
N ILE C 331 -10.91 4.27 2.47
CA ILE C 331 -9.96 3.20 2.79
C ILE C 331 -8.71 3.33 1.95
N GLN C 332 -8.86 3.62 0.65
CA GLN C 332 -7.69 3.76 -0.21
C GLN C 332 -6.81 4.92 0.24
N LEU C 333 -7.42 6.05 0.58
CA LEU C 333 -6.66 7.20 1.07
C LEU C 333 -5.94 6.87 2.36
N VAL C 334 -6.61 6.18 3.29
CA VAL C 334 -6.00 5.82 4.55
C VAL C 334 -4.82 4.89 4.32
N VAL C 335 -4.98 3.90 3.42
CA VAL C 335 -3.89 2.98 3.13
C VAL C 335 -2.70 3.72 2.53
N TYR C 336 -2.96 4.63 1.59
CA TYR C 336 -1.86 5.38 0.98
C TYR C 336 -1.15 6.25 2.00
N ILE C 337 -1.91 6.95 2.85
CA ILE C 337 -1.31 7.81 3.86
C ILE C 337 -0.47 6.97 4.82
N GLY C 338 -0.98 5.82 5.24
CA GLY C 338 -0.21 4.95 6.11
C GLY C 338 1.06 4.46 5.43
N SER C 339 0.99 4.16 4.14
CA SER C 339 2.18 3.72 3.41
C SER C 339 3.22 4.83 3.35
N THR C 340 2.78 6.07 3.21
CA THR C 340 3.70 7.19 3.08
C THR C 340 4.14 7.81 4.40
N LEU C 341 3.51 7.43 5.52
CA LEU C 341 3.83 8.04 6.80
C LEU C 341 5.29 7.82 7.18
N SER C 342 5.81 6.62 6.97
CA SER C 342 7.17 6.31 7.38
C SER C 342 8.21 7.18 6.67
N TYR C 343 7.87 7.75 5.52
CA TYR C 343 8.81 8.59 4.79
C TYR C 343 9.10 9.90 5.51
N PHE C 344 8.24 10.31 6.45
CA PHE C 344 8.47 11.54 7.19
C PHE C 344 9.57 11.39 8.22
N GLY C 345 10.05 10.18 8.47
CA GLY C 345 11.21 9.96 9.29
C GLY C 345 12.54 10.14 8.58
N LEU C 346 12.48 10.57 7.31
CA LEU C 346 13.70 10.78 6.54
C LEU C 346 14.56 11.87 7.17
N ALA C 347 13.94 12.96 7.63
CA ALA C 347 14.71 14.03 8.24
C ALA C 347 15.43 13.53 9.49
N THR C 348 14.73 12.78 10.33
CA THR C 348 15.36 12.24 11.53
C THR C 348 16.49 11.30 11.16
N VAL C 349 16.27 10.40 10.19
CA VAL C 349 17.30 9.46 9.80
C VAL C 349 18.55 10.21 9.31
N CYS C 350 18.35 11.20 8.43
CA CYS C 350 19.48 11.91 7.84
C CYS C 350 20.24 12.70 8.89
N ILE C 351 19.54 13.46 9.73
CA ILE C 351 20.22 14.29 10.71
C ILE C 351 20.91 13.43 11.76
N ASP C 352 20.27 12.33 12.18
CA ASP C 352 20.90 11.44 13.14
C ASP C 352 22.14 10.79 12.54
N LEU C 353 22.09 10.42 11.26
CA LEU C 353 23.27 9.87 10.61
C LEU C 353 24.38 10.90 10.54
N ILE C 354 24.04 12.16 10.25
CA ILE C 354 25.05 13.22 10.23
C ILE C 354 25.71 13.35 11.60
N ILE C 355 24.90 13.38 12.65
CA ILE C 355 25.43 13.50 14.00
C ILE C 355 26.31 12.30 14.34
N ASN C 356 25.85 11.10 14.01
CA ASN C 356 26.61 9.87 14.24
C ASN C 356 27.97 9.89 13.55
N THR C 357 28.00 10.25 12.27
CA THR C 357 29.24 10.16 11.51
C THR C 357 30.20 11.31 11.81
N TYR C 358 29.69 12.52 12.01
CA TYR C 358 30.56 13.66 12.24
C TYR C 358 31.11 13.71 13.65
N ALA C 359 30.55 12.95 14.57
CA ALA C 359 31.03 12.90 15.94
C ALA C 359 32.26 11.98 16.05
N SER C 360 32.44 11.14 15.05
CA SER C 360 33.59 10.22 15.00
C SER C 360 34.94 11.05 15.09
N THR C 361 35.95 10.51 15.77
CA THR C 361 37.23 11.18 15.93
C THR C 361 37.99 11.21 14.61
N CYS C 362 37.65 10.29 13.71
CA CYS C 362 38.30 10.18 12.43
C CYS C 362 38.19 11.43 11.55
N CYS C 363 37.12 12.18 11.78
CA CYS C 363 36.87 13.39 11.02
C CYS C 363 37.73 14.58 11.45
N ARG C 364 38.11 14.54 12.72
CA ARG C 364 38.92 15.60 13.31
C ARG C 364 40.38 15.46 12.91
N SER C 365 40.85 14.21 12.84
CA SER C 365 42.25 13.95 12.53
C SER C 365 42.56 14.13 11.05
N ARG C 366 41.64 13.75 10.17
CA ARG C 366 41.90 13.72 8.74
C ARG C 366 41.04 14.70 7.96
N VAL C 367 39.72 14.64 8.08
CA VAL C 367 38.85 15.42 7.22
C VAL C 367 38.98 16.91 7.53
N TYR C 368 38.90 17.27 8.82
CA TYR C 368 38.88 18.69 9.18
C TYR C 368 40.16 19.41 8.77
N PRO C 369 41.36 18.90 9.06
CA PRO C 369 42.57 19.59 8.58
C PRO C 369 42.61 19.77 7.07
N SER C 370 42.15 18.77 6.32
CA SER C 370 42.15 18.89 4.87
C SER C 370 41.05 19.83 4.39
N CYS C 371 39.86 19.72 4.97
CA CYS C 371 38.71 20.56 4.60
C CYS C 371 38.35 21.42 5.81
N LYS C 372 38.70 22.70 5.74
CA LYS C 372 38.38 23.63 6.81
C LYS C 372 36.91 24.03 6.81
N CYS C 373 36.21 23.80 5.71
CA CYS C 373 34.79 24.16 5.62
C CYS C 373 33.94 23.21 6.47
N CYS C 374 34.37 21.97 6.59
CA CYS C 374 33.66 20.99 7.37
C CYS C 374 34.12 20.91 8.83
N GLU C 375 34.87 21.93 9.22
CA GLU C 375 35.42 22.02 10.57
C GLU C 375 34.39 22.39 11.63
N PRO C 376 33.54 23.40 11.36
CA PRO C 376 32.58 23.79 12.40
C PRO C 376 31.51 22.75 12.66
N CYS C 377 31.59 21.62 11.96
CA CYS C 377 30.67 20.53 12.16
C CYS C 377 31.13 19.59 13.27
N ALA C 378 32.13 20.06 14.01
CA ALA C 378 32.67 19.31 15.14
C ALA C 378 31.71 19.35 16.31
N VAL C 379 30.74 20.27 16.25
CA VAL C 379 29.70 20.34 17.27
C VAL C 379 28.89 19.06 17.32
N ASN C 380 28.98 18.22 16.29
CA ASN C 380 28.25 16.95 16.29
C ASN C 380 28.73 16.02 17.39
N GLU C 381 29.95 16.19 17.90
CA GLU C 381 30.41 15.37 19.02
C GLU C 381 29.63 15.69 20.28
N TYR C 382 29.43 16.98 20.56
CA TYR C 382 28.62 17.39 21.69
C TYR C 382 27.20 16.87 21.56
N TYR C 383 26.63 16.96 20.37
CA TYR C 383 25.32 16.38 20.12
C TYR C 383 25.34 14.87 20.36
N TYR C 384 26.37 14.20 19.90
CA TYR C 384 26.39 12.75 20.06
C TYR C 384 26.42 12.38 21.53
N ARG C 385 27.20 13.10 22.34
CA ARG C 385 27.32 12.79 23.75
C ARG C 385 26.08 13.21 24.54
N LYS C 386 25.35 14.22 24.06
CA LYS C 386 24.09 14.57 24.70
C LYS C 386 22.92 13.70 24.25
N LYS C 387 23.10 12.92 23.19
CA LYS C 387 22.06 12.04 22.66
C LYS C 387 22.23 10.59 23.07
N CYS C 388 23.45 10.07 23.14
CA CYS C 388 23.70 8.65 23.31
C CYS C 388 24.49 8.39 24.59
N GLU C 389 24.13 7.33 25.30
CA GLU C 389 24.85 6.84 26.46
C GLU C 389 25.35 5.42 26.20
N PRO C 390 26.63 5.22 25.86
CA PRO C 390 27.11 3.85 25.62
C PRO C 390 27.19 3.06 26.91
N ILE C 391 26.74 1.80 26.84
CA ILE C 391 26.84 0.87 27.95
C ILE C 391 27.23 -0.49 27.38
N VAL C 392 28.03 -1.23 28.15
CA VAL C 392 28.49 -2.55 27.75
C VAL C 392 27.75 -3.59 28.56
N GLU C 393 27.72 -4.81 28.04
CA GLU C 393 27.05 -5.90 28.72
C GLU C 393 27.76 -6.20 30.04
N PRO C 394 27.05 -6.24 31.17
CA PRO C 394 27.70 -6.57 32.45
C PRO C 394 27.90 -8.07 32.63
N LYS C 395 28.82 -8.63 31.84
CA LYS C 395 29.11 -10.04 31.88
C LYS C 395 30.08 -10.37 33.01
N PRO C 396 30.15 -11.65 33.41
CA PRO C 396 31.05 -12.01 34.52
C PRO C 396 32.50 -11.66 34.29
N THR C 397 32.97 -11.69 33.03
CA THR C 397 34.35 -11.38 32.73
C THR C 397 34.62 -9.87 32.69
N LEU C 398 33.59 -9.04 32.81
CA LEU C 398 33.78 -7.60 32.72
C LEU C 398 34.58 -7.09 33.91
N LYS C 399 35.70 -6.43 33.62
CA LYS C 399 36.53 -5.82 34.65
C LYS C 399 37.02 -4.47 34.17
N TYR C 400 37.21 -3.55 35.11
CA TYR C 400 37.75 -2.23 34.82
C TYR C 400 38.94 -1.98 35.72
N VAL C 401 40.03 -1.50 35.13
CA VAL C 401 41.26 -1.21 35.87
C VAL C 401 41.73 0.19 35.50
N SER C 402 42.21 0.92 36.50
CA SER C 402 42.74 2.26 36.33
C SER C 402 44.16 2.32 36.88
N PHE C 403 45.07 2.86 36.09
CA PHE C 403 46.46 3.03 36.51
C PHE C 403 46.74 4.53 36.66
N VAL C 404 47.30 4.90 37.82
CA VAL C 404 47.56 6.31 38.08
C VAL C 404 48.49 6.90 37.02
N ASP C 405 49.39 6.07 36.48
CA ASP C 405 50.26 6.55 35.41
C ASP C 405 49.46 6.90 34.17
N GLU C 406 48.57 6.00 33.74
CA GLU C 406 47.77 6.24 32.55
C GLU C 406 46.64 7.22 32.85
N PRO C 407 46.20 7.98 31.85
CA PRO C 407 45.11 8.94 32.07
C PRO C 407 43.71 8.41 31.82
N HIS C 408 43.60 7.19 31.30
CA HIS C 408 42.30 6.57 31.06
C HIS C 408 42.12 5.27 31.81
N ILE C 409 40.94 4.66 31.68
CA ILE C 409 40.67 3.40 32.33
C ILE C 409 40.77 2.29 31.30
N TRP C 410 40.99 1.06 31.74
CA TRP C 410 41.10 -0.07 30.83
C TRP C 410 40.04 -1.11 31.09
N MET C 411 39.40 -1.60 30.03
CA MET C 411 38.41 -2.66 30.18
C MET C 411 39.04 -4.00 29.83
N VAL C 412 38.86 -4.98 30.72
CA VAL C 412 39.33 -6.34 30.52
C VAL C 412 38.08 -7.22 30.53
N ASP C 413 37.65 -7.65 29.35
CA ASP C 413 36.47 -8.47 29.19
C ASP C 413 36.80 -9.94 28.91
N GLN C 414 38.08 -10.30 28.91
CA GLN C 414 38.50 -11.66 28.61
C GLN C 414 38.76 -12.43 29.91
N GLN C 415 38.60 -13.75 29.83
CA GLN C 415 38.81 -14.59 30.99
C GLN C 415 40.25 -14.52 31.46
N LEU C 416 40.44 -14.56 32.77
CA LEU C 416 41.77 -14.53 33.37
C LEU C 416 42.26 -15.97 33.49
N LEU C 417 42.93 -16.45 32.44
CA LEU C 417 43.43 -17.82 32.40
C LEU C 417 44.81 -17.90 33.04
N GLY C 418 44.84 -17.62 34.34
CA GLY C 418 46.07 -17.67 35.10
C GLY C 418 46.91 -16.41 34.99
N LYS C 419 46.89 -15.79 33.81
CA LYS C 419 47.67 -14.57 33.61
C LYS C 419 47.19 -13.47 34.54
N SER C 420 48.14 -12.78 35.18
CA SER C 420 47.79 -11.72 36.11
C SER C 420 47.02 -10.61 35.41
N LEU C 421 46.06 -10.03 36.13
CA LEU C 421 45.25 -8.96 35.55
C LEU C 421 46.12 -7.79 35.10
N GLN C 422 47.27 -7.60 35.74
CA GLN C 422 48.17 -6.52 35.34
C GLN C 422 48.66 -6.72 33.91
N ASP C 423 48.96 -7.96 33.53
CA ASP C 423 49.54 -8.24 32.22
C ASP C 423 48.51 -8.25 31.10
N VAL C 424 47.22 -8.31 31.42
CA VAL C 424 46.19 -8.30 30.39
C VAL C 424 46.02 -6.87 29.88
N LYS C 425 46.03 -6.71 28.57
CA LYS C 425 45.97 -5.37 27.97
C LYS C 425 44.55 -4.80 28.03
N GLY C 426 43.61 -5.47 27.38
CA GLY C 426 42.25 -4.96 27.31
C GLY C 426 42.14 -3.81 26.33
N GLN C 427 40.99 -3.16 26.38
CA GLN C 427 40.69 -2.01 25.52
C GLN C 427 40.49 -0.77 26.37
N GLU C 428 41.18 0.31 26.00
CA GLU C 428 41.09 1.55 26.77
C GLU C 428 39.75 2.22 26.57
N VAL C 429 39.25 2.86 27.62
CA VAL C 429 38.00 3.62 27.55
C VAL C 429 38.17 4.95 28.26
N PRO C 430 37.44 5.96 27.82
CA PRO C 430 37.60 7.30 28.41
C PRO C 430 37.08 7.35 29.85
N ARG C 431 37.63 8.29 30.60
CA ARG C 431 37.22 8.51 31.99
C ARG C 431 36.14 9.60 32.03
N PRO C 432 35.00 9.28 32.66
CA PRO C 432 33.92 10.26 32.77
C PRO C 432 34.38 11.46 33.59
N GLN C 433 33.75 12.60 33.39
CA GLN C 433 34.09 13.77 34.18
C GLN C 433 33.31 13.74 35.48
N THR C 434 34.02 13.58 36.60
CA THR C 434 33.34 13.61 37.88
C THR C 434 32.64 14.95 37.93
N ASP C 435 31.33 14.94 38.17
CA ASP C 435 30.56 16.18 38.14
C ASP C 435 31.30 17.28 38.88
N PHE C 436 31.72 18.30 38.15
CA PHE C 436 32.40 19.42 38.79
C PHE C 436 31.44 20.05 39.77
N LEU C 437 30.17 20.07 39.40
CA LEU C 437 29.15 20.66 40.27
C LEU C 437 29.17 20.03 41.66
N GLU C 438 29.19 18.70 41.71
CA GLU C 438 29.29 18.02 43.00
C GLU C 438 30.69 18.12 43.57
N LEU C 439 31.70 18.24 42.72
CA LEU C 439 33.10 18.34 43.15
C LEU C 439 33.54 19.77 43.40
N SER C 440 32.66 20.75 43.21
CA SER C 440 33.02 22.14 43.47
C SER C 440 33.17 22.44 44.95
N ARG C 441 32.79 21.51 45.82
CA ARG C 441 32.88 21.72 47.26
C ARG C 441 34.34 21.75 47.69
N LEU C 442 34.56 21.92 49.00
CA LEU C 442 35.90 21.96 49.57
C LEU C 442 36.69 20.71 49.18
N ASP C 472 59.15 -9.26 50.04
CA ASP C 472 59.47 -8.88 48.67
C ASP C 472 58.20 -8.54 47.89
N SER C 473 58.24 -7.45 47.14
CA SER C 473 57.09 -7.03 46.36
C SER C 473 56.86 -7.99 45.19
N PRO C 474 55.62 -8.17 44.76
CA PRO C 474 55.36 -9.04 43.60
C PRO C 474 56.02 -8.50 42.35
N ASP C 475 56.36 -9.41 41.44
CA ASP C 475 57.02 -9.01 40.20
C ASP C 475 56.14 -8.07 39.39
N TRP C 476 54.84 -8.38 39.29
CA TRP C 476 53.92 -7.52 38.55
C TRP C 476 53.74 -6.16 39.20
N CYS C 477 54.01 -6.04 40.49
CA CYS C 477 53.86 -4.77 41.18
C CYS C 477 54.93 -3.77 40.74
N GLN C 478 54.58 -2.49 40.83
CA GLN C 478 55.47 -1.40 40.47
C GLN C 478 55.42 -0.26 41.49
N CYS C 479 54.83 -0.50 42.66
CA CYS C 479 54.70 0.52 43.69
C CYS C 479 55.32 0.13 45.03
N GLY C 480 55.61 -1.15 45.23
CA GLY C 480 56.26 -1.59 46.45
C GLY C 480 55.34 -1.82 47.63
N ASN C 481 54.03 -1.61 47.47
CA ASN C 481 53.08 -1.81 48.54
C ASN C 481 52.11 -2.95 48.29
N CYS C 482 52.07 -3.50 47.08
CA CYS C 482 51.18 -4.61 46.79
C CYS C 482 51.68 -5.88 47.46
N LEU C 483 50.74 -6.78 47.75
CA LEU C 483 51.02 -8.05 48.41
C LEU C 483 50.36 -9.18 47.64
N PRO C 484 50.89 -10.40 47.77
CA PRO C 484 50.26 -11.53 47.07
C PRO C 484 48.82 -11.73 47.52
N SER C 485 47.99 -12.17 46.59
CA SER C 485 46.58 -12.39 46.88
C SER C 485 46.40 -13.62 47.76
N GLN C 486 45.42 -13.55 48.66
CA GLN C 486 45.07 -14.67 49.53
C GLN C 486 43.99 -15.56 48.92
N LEU C 487 43.52 -15.25 47.72
CA LEU C 487 42.49 -16.04 47.08
C LEU C 487 43.06 -17.37 46.59
N PRO C 488 42.20 -18.33 46.28
CA PRO C 488 42.69 -19.57 45.66
C PRO C 488 43.40 -19.27 44.35
N GLU C 489 44.41 -20.09 44.05
CA GLU C 489 45.26 -19.85 42.89
C GLU C 489 44.42 -19.70 41.62
N ASN C 490 43.41 -20.55 41.45
CA ASN C 490 42.64 -20.55 40.20
C ASN C 490 42.13 -19.17 39.86
N ARG C 491 41.76 -18.37 40.87
CA ARG C 491 41.26 -17.02 40.65
C ARG C 491 42.15 -15.97 41.31
N ARG C 492 43.43 -16.28 41.53
CA ARG C 492 44.33 -15.32 42.15
C ARG C 492 44.75 -14.21 41.21
N ALA C 493 44.63 -14.42 39.89
CA ALA C 493 45.06 -13.41 38.93
C ALA C 493 44.21 -12.14 39.00
N LEU C 494 42.98 -12.24 39.51
CA LEU C 494 42.13 -11.07 39.60
C LEU C 494 42.72 -10.01 40.51
N GLU C 495 43.26 -10.42 41.65
CA GLU C 495 43.82 -9.50 42.63
C GLU C 495 45.28 -9.17 42.37
N GLU C 496 45.88 -9.75 41.33
CA GLU C 496 47.27 -9.47 40.99
C GLU C 496 47.32 -8.22 40.11
N LEU C 497 46.97 -7.10 40.72
CA LEU C 497 46.88 -5.81 40.05
C LEU C 497 47.54 -4.74 40.90
N CYS C 498 48.30 -3.87 40.25
CA CYS C 498 48.99 -2.76 40.90
C CYS C 498 48.36 -1.44 40.52
N CYS C 499 48.62 -0.42 41.34
CA CYS C 499 48.06 0.90 41.11
C CYS C 499 48.68 1.63 39.93
N ARG C 500 49.77 1.11 39.37
CA ARG C 500 50.44 1.78 38.26
C ARG C 500 51.04 0.74 37.33
N ARG C 501 51.29 1.17 36.10
CA ARG C 501 51.87 0.30 35.08
C ARG C 501 53.39 0.39 35.02
N LYS C 502 53.97 1.46 35.55
CA LYS C 502 55.40 1.69 35.57
C LYS C 502 55.84 2.01 36.99
N PRO C 503 57.11 1.78 37.31
CA PRO C 503 57.55 2.01 38.69
C PRO C 503 57.39 3.47 39.11
N GLY C 504 57.02 3.67 40.37
CA GLY C 504 56.79 5.00 40.88
C GLY C 504 56.15 4.93 42.25
N GLN C 505 55.71 6.10 42.71
CA GLN C 505 55.11 6.20 44.04
C GLN C 505 53.71 5.59 44.04
N CYS C 506 53.38 4.90 45.12
CA CYS C 506 52.07 4.30 45.25
C CYS C 506 51.00 5.36 45.41
N ILE C 507 49.82 5.08 44.84
CA ILE C 507 48.69 6.00 44.98
C ILE C 507 48.26 6.11 46.43
N THR C 508 48.48 5.07 47.23
CA THR C 508 48.10 5.10 48.63
C THR C 508 48.86 6.18 49.38
N THR C 509 50.07 6.54 48.93
CA THR C 509 50.86 7.54 49.62
C THR C 509 50.21 8.92 49.59
N SER C 510 49.33 9.18 48.61
CA SER C 510 48.66 10.46 48.54
C SER C 510 47.73 10.65 49.73
N GLU C 511 47.72 11.87 50.28
CA GLU C 511 46.85 12.15 51.40
C GLU C 511 45.38 12.07 51.02
N LEU C 512 45.07 12.37 49.75
CA LEU C 512 43.68 12.29 49.31
C LEU C 512 43.17 10.86 49.38
N PHE C 513 44.06 9.88 49.21
CA PHE C 513 43.66 8.48 49.35
C PHE C 513 43.17 8.21 50.77
N SER C 514 43.90 8.70 51.77
CA SER C 514 43.47 8.54 53.15
C SER C 514 42.19 9.31 53.43
N LYS C 515 42.07 10.53 52.88
CA LYS C 515 40.88 11.32 53.11
C LYS C 515 39.63 10.64 52.54
N ILE C 516 39.74 10.09 51.33
CA ILE C 516 38.58 9.51 50.67
C ILE C 516 38.36 8.07 51.11
N VAL C 517 39.44 7.29 51.23
CA VAL C 517 39.34 5.85 51.44
C VAL C 517 39.52 5.51 52.92
N LEU C 518 40.69 5.83 53.47
CA LEU C 518 41.04 5.40 54.82
C LEU C 518 40.37 6.23 55.91
N SER C 519 39.80 7.38 55.59
CA SER C 519 39.19 8.23 56.61
C SER C 519 37.98 7.52 57.20
N ARG C 520 38.13 7.05 58.43
CA ARG C 520 37.01 6.37 59.10
C ARG C 520 35.83 7.31 59.30
N GLU C 521 36.11 8.58 59.58
CA GLU C 521 35.02 9.54 59.79
C GLU C 521 34.18 9.71 58.53
N ALA C 522 34.83 9.83 57.37
CA ALA C 522 34.08 10.00 56.13
C ALA C 522 33.22 8.77 55.82
N LEU C 523 33.80 7.57 55.98
CA LEU C 523 33.03 6.36 55.73
C LEU C 523 31.87 6.23 56.69
N GLN C 524 32.08 6.58 57.96
CA GLN C 524 31.00 6.54 58.93
C GLN C 524 29.90 7.54 58.57
N LEU C 525 30.29 8.73 58.11
CA LEU C 525 29.30 9.70 57.67
C LEU C 525 28.48 9.17 56.50
N LEU C 526 29.15 8.52 55.55
CA LEU C 526 28.43 7.94 54.42
C LEU C 526 27.47 6.85 54.88
N LEU C 527 27.93 5.99 55.79
CA LEU C 527 27.07 4.93 56.31
C LEU C 527 25.86 5.51 57.01
N LEU C 528 26.06 6.55 57.81
CA LEU C 528 24.94 7.20 58.50
C LEU C 528 23.98 7.82 57.50
N TYR C 529 24.53 8.43 56.44
CA TYR C 529 23.68 9.03 55.43
C TYR C 529 22.70 8.01 54.91
N GLN C 530 23.19 6.81 54.59
CA GLN C 530 22.31 5.75 54.13
C GLN C 530 21.52 5.16 55.28
N GLU C 531 22.21 4.89 56.40
CA GLU C 531 21.56 4.30 57.57
C GLU C 531 21.75 5.22 58.75
N PRO C 532 20.82 6.16 58.97
CA PRO C 532 21.03 7.15 60.03
C PRO C 532 21.24 6.54 61.41
N LEU C 533 20.56 5.44 61.74
CA LEU C 533 20.63 4.84 63.05
C LEU C 533 21.58 3.65 63.11
N LEU C 534 22.48 3.53 62.14
CA LEU C 534 23.44 2.43 62.13
C LEU C 534 24.27 2.47 63.41
N ALA C 535 24.44 1.30 64.02
CA ALA C 535 25.24 1.18 65.25
C ALA C 535 26.71 1.07 64.86
N LEU C 536 27.50 2.07 65.26
CA LEU C 536 28.91 2.12 64.92
C LEU C 536 29.74 1.28 65.90
N GLU C 537 29.45 -0.02 65.90
CA GLU C 537 30.16 -0.96 66.77
C GLU C 537 30.01 -2.36 66.20
N GLY C 538 30.89 -3.26 66.64
CA GLY C 538 30.86 -4.64 66.24
C GLY C 538 31.68 -4.91 64.99
N GLU C 539 31.90 -6.20 64.74
CA GLU C 539 32.68 -6.60 63.56
C GLU C 539 31.96 -6.25 62.27
N ALA C 540 30.64 -6.08 62.35
CA ALA C 540 29.85 -5.74 61.17
C ALA C 540 30.20 -4.38 60.59
N ILE C 541 30.31 -3.36 61.45
CA ILE C 541 30.57 -2.02 60.93
C ILE C 541 31.89 -2.00 60.20
N ASN C 542 32.84 -2.82 60.65
CA ASN C 542 34.16 -2.84 60.03
C ASN C 542 34.07 -3.37 58.61
N SER C 543 33.23 -4.37 58.39
CA SER C 543 33.04 -4.91 57.06
C SER C 543 32.30 -3.87 56.23
N LYS C 544 31.32 -3.21 56.83
CA LYS C 544 30.62 -2.14 56.14
C LYS C 544 31.59 -1.03 55.74
N LEU C 545 32.50 -0.66 56.64
CA LEU C 545 33.50 0.36 56.32
C LEU C 545 34.43 -0.10 55.22
N ARG C 546 34.82 -1.37 55.23
CA ARG C 546 35.70 -1.89 54.18
C ARG C 546 35.01 -1.82 52.83
N HIS C 547 33.74 -2.24 52.76
CA HIS C 547 33.01 -2.18 51.51
C HIS C 547 32.80 -0.74 51.06
N CYS C 548 32.52 0.17 52.00
CA CYS C 548 32.37 1.57 51.65
C CYS C 548 33.67 2.15 51.12
N ALA C 549 34.80 1.76 51.70
CA ALA C 549 36.09 2.21 51.20
C ALA C 549 36.34 1.69 49.78
N TYR C 550 36.00 0.42 49.54
CA TYR C 550 36.12 -0.11 48.18
C TYR C 550 35.29 0.71 47.21
N ARG C 551 34.03 0.97 47.55
CA ARG C 551 33.16 1.76 46.68
C ARG C 551 33.72 3.16 46.49
N SER C 552 34.24 3.77 47.54
CA SER C 552 34.76 5.13 47.44
C SER C 552 35.95 5.18 46.50
N TYR C 553 36.89 4.24 46.64
CA TYR C 553 38.02 4.22 45.72
C TYR C 553 37.57 3.99 44.29
N ALA C 554 36.64 3.04 44.09
CA ALA C 554 36.18 2.75 42.75
C ALA C 554 35.50 3.95 42.12
N THR C 555 34.66 4.65 42.88
CA THR C 555 33.98 5.83 42.36
C THR C 555 34.97 6.95 42.07
N TRP C 556 35.95 7.15 42.96
CA TRP C 556 36.93 8.20 42.77
C TRP C 556 37.76 7.97 41.52
N ARG C 557 38.21 6.73 41.29
CA ARG C 557 39.10 6.45 40.18
C ARG C 557 38.38 6.03 38.91
N PHE C 558 37.08 5.75 38.98
CA PHE C 558 36.32 5.35 37.78
C PHE C 558 35.12 6.26 37.55
N VAL C 559 34.75 7.07 38.53
CA VAL C 559 33.64 8.04 38.38
C VAL C 559 32.28 7.39 38.18
N SER C 560 32.05 6.79 37.02
CA SER C 560 30.78 6.14 36.74
C SER C 560 30.56 4.93 37.63
N GLN C 561 29.32 4.70 38.04
CA GLN C 561 29.01 3.52 38.83
C GLN C 561 28.97 2.31 37.93
N ASP C 562 28.81 2.52 36.63
CA ASP C 562 28.85 1.44 35.66
C ASP C 562 30.22 0.79 35.68
N MET C 563 31.27 1.61 35.66
CA MET C 563 32.63 1.09 35.71
C MET C 563 33.03 0.73 37.14
N ALA C 564 32.61 1.53 38.11
CA ALA C 564 32.96 1.26 39.50
C ALA C 564 32.37 -0.05 39.98
N ASP C 565 31.17 -0.38 39.54
CA ASP C 565 30.56 -1.65 39.92
C ASP C 565 31.42 -2.84 39.49
N PHE C 566 32.11 -2.72 38.36
CA PHE C 566 32.96 -3.78 37.84
C PHE C 566 34.44 -3.43 37.91
N ALA C 567 34.80 -2.38 38.63
CA ALA C 567 36.19 -2.01 38.78
C ALA C 567 36.91 -3.03 39.66
N ILE C 568 38.23 -3.08 39.51
CA ILE C 568 39.08 -3.96 40.31
C ILE C 568 40.07 -3.09 41.06
N LEU C 569 40.08 -3.22 42.38
CA LEU C 569 40.98 -2.42 43.19
C LEU C 569 42.41 -2.96 43.11
N PRO C 570 43.42 -2.09 43.12
CA PRO C 570 44.79 -2.58 43.18
C PRO C 570 45.06 -3.31 44.48
N SER C 571 46.01 -4.24 44.44
CA SER C 571 46.32 -5.02 45.62
C SER C 571 46.79 -4.14 46.77
N CYS C 572 47.63 -3.14 46.46
CA CYS C 572 48.13 -2.24 47.50
C CYS C 572 46.99 -1.52 48.20
N CYS C 573 46.12 -0.88 47.44
CA CYS C 573 45.00 -0.14 48.03
C CYS C 573 44.05 -1.08 48.76
N ARG C 574 43.76 -2.24 48.15
CA ARG C 574 42.87 -3.20 48.78
C ARG C 574 43.40 -3.63 50.14
N TRP C 575 44.69 -3.97 50.20
CA TRP C 575 45.25 -4.48 51.45
C TRP C 575 45.44 -3.36 52.47
N LYS C 576 45.71 -2.13 52.03
CA LYS C 576 45.74 -1.03 52.97
C LYS C 576 44.36 -0.81 53.59
N ILE C 577 43.31 -0.87 52.76
CA ILE C 577 41.95 -0.74 53.27
C ILE C 577 41.65 -1.84 54.27
N ARG C 578 42.03 -3.08 53.92
CA ARG C 578 41.79 -4.20 54.83
C ARG C 578 42.55 -4.02 56.13
N LYS C 579 43.77 -3.51 56.06
CA LYS C 579 44.53 -3.23 57.27
C LYS C 579 43.81 -2.21 58.14
N GLU C 580 43.26 -1.17 57.52
CA GLU C 580 42.51 -0.18 58.29
C GLU C 580 41.24 -0.78 58.88
N PHE C 581 40.55 -1.63 58.13
CA PHE C 581 39.30 -2.26 58.57
C PHE C 581 39.41 -3.76 58.31
N PRO C 582 40.17 -4.48 59.14
CA PRO C 582 40.42 -5.89 58.89
C PRO C 582 39.28 -6.79 59.34
N LYS C 583 39.33 -8.02 58.84
CA LYS C 583 38.40 -9.08 59.21
C LYS C 583 39.03 -9.92 60.30
N THR C 584 38.28 -10.17 61.37
CA THR C 584 38.83 -10.84 62.55
C THR C 584 39.32 -12.25 62.25
N GLN C 585 38.40 -13.16 61.92
CA GLN C 585 38.73 -14.57 61.77
C GLN C 585 38.08 -15.16 60.53
N GLY C 586 38.23 -14.46 59.39
CA GLY C 586 37.66 -14.92 58.14
C GLY C 586 38.57 -14.60 56.97
N GLN C 587 38.22 -15.19 55.82
CA GLN C 587 38.94 -15.00 54.58
C GLN C 587 38.14 -14.07 53.67
N TYR C 588 38.79 -13.04 53.12
CA TYR C 588 38.09 -12.06 52.28
C TYR C 588 37.55 -12.66 50.99
N SER C 589 36.28 -12.42 50.70
CA SER C 589 35.66 -12.94 49.50
C SER C 589 36.27 -12.32 48.26
N GLY C 590 36.52 -11.01 48.31
CA GLY C 590 37.06 -10.32 47.16
C GLY C 590 35.95 -9.86 46.22
N PHE C 591 36.34 -9.42 45.03
CA PHE C 591 35.36 -8.89 44.09
C PHE C 591 34.27 -9.89 43.80
N LYS C 592 33.03 -9.42 43.72
CA LYS C 592 31.91 -10.27 43.43
C LYS C 592 31.22 -9.80 42.17
N TYR C 593 30.93 -10.73 41.27
CA TYR C 593 30.21 -10.36 40.08
C TYR C 593 28.89 -9.78 40.54
N PRO C 594 28.60 -8.53 40.17
CA PRO C 594 27.39 -7.91 40.68
C PRO C 594 26.15 -8.35 39.91
N TYR C 595 26.33 -9.21 38.91
CA TYR C 595 25.21 -9.67 38.10
C TYR C 595 25.11 -11.18 38.12
#